data_4Y06
#
_entry.id   4Y06
#
_cell.length_a   122.420
_cell.length_b   122.420
_cell.length_c   222.060
_cell.angle_alpha   90.00
_cell.angle_beta   90.00
_cell.angle_gamma   90.00
#
_symmetry.space_group_name_H-M   'P 43 21 2'
#
loop_
_entity.id
_entity.type
_entity.pdbx_description
1 polymer 'Dipeptidyl aminopeptidase BII'
2 non-polymer LEUCINE
3 non-polymer 'GLUTAMIC ACID'
4 non-polymer GLYCEROL
5 non-polymer 'ZINC ION'
6 water water
#
_entity_poly.entity_id   1
_entity_poly.type   'polypeptide(L)'
_entity_poly.pdbx_seq_one_letter_code
;MRPNLLAAAIAVPLSLLAAQIAQAGEGMWVPQQLPEIAGPLKKAGLKLSPQQISDLTGDPMGAVVALGGCTASFVSPNGL
VVTNHHCAYGAIQLNSTAENNLIKNGFNAPTTADEVSAGPNARVFVLDEITDVTKDAKAAIAAAGDDALARTKALEAFEK
KLIADCEAEAGFRCRLYSFSGGNTYRLFKNLEIKDVRLAYAPPGSVGKFGGDIDNWMWPRHTGDFAFYRAYVGKDGKPAA
FSKDNVPYQPKHWLKFADQPLGAGDFVMVAGYPGSTNRYALAAEFDNTAQWTYPTIARHYKNQIAMVEAAGKQNADIQVK
YAATMAGWNNTSKNYDGQLEGFKRIDAAGQKLREEAAVLGWLKGQGAKGQPALDAHAKLLDLLEQSKATRDRDLTLALFN
NTAMLGSATQLYRLSIEREKPNAERESGYQERDLPAIEGGLKQLERRYVAAMDRQLQEYWLNEYIKLPADQRVAAVDAWL
GGNDAAAVKRALDRLAGTKLGSTEERLKWFAADRKAFEASNDPAIQYAVAVMPTLLKLEQERKTRAGENLAARPVYLQAL
ADYKKSQGEFVYPDANLSLRITFGNVMGYAPKDGMEYTPFTTLEGVVAKETGQDPFDSPKALLDAVAAKRYGGLEDKRIG
SVPVNYLSDLDITGGNSGSPVLDAHGKLVGLAFDRNWESVSSNWVFDPKMTRMIAVDGRYLRWIMQEVYPAPQLLKEMNV
GK
;
_entity_poly.pdbx_strand_id   A,B
#
# COMPACT_ATOMS: atom_id res chain seq x y z
N GLY A 25 -11.32 -9.62 20.68
CA GLY A 25 -12.41 -8.64 20.45
C GLY A 25 -12.40 -7.51 21.46
N GLU A 26 -13.40 -6.62 21.34
CA GLU A 26 -13.58 -5.49 22.26
C GLU A 26 -13.63 -5.92 23.72
N GLY A 27 -12.96 -5.13 24.54
CA GLY A 27 -13.13 -5.22 25.98
C GLY A 27 -11.86 -5.25 26.80
N MET A 28 -11.74 -4.26 27.68
CA MET A 28 -10.71 -4.26 28.69
C MET A 28 -11.30 -4.65 30.05
N TRP A 29 -11.39 -5.97 30.28
CA TRP A 29 -12.15 -6.60 31.37
C TRP A 29 -11.43 -6.49 32.72
N VAL A 30 -12.14 -6.02 33.77
CA VAL A 30 -11.58 -6.03 35.13
C VAL A 30 -11.59 -7.52 35.53
N PRO A 31 -10.67 -7.95 36.40
CA PRO A 31 -10.64 -9.33 36.83
C PRO A 31 -11.91 -9.86 37.54
N GLN A 32 -12.67 -8.97 38.18
CA GLN A 32 -13.89 -9.34 38.90
C GLN A 32 -15.07 -9.61 37.88
N GLN A 33 -14.79 -9.50 36.56
CA GLN A 33 -15.73 -9.85 35.49
C GLN A 33 -15.40 -11.15 34.85
N LEU A 34 -14.31 -11.77 35.24
CA LEU A 34 -14.01 -13.10 34.80
C LEU A 34 -15.19 -14.07 34.76
N PRO A 35 -16.04 -14.08 35.82
CA PRO A 35 -17.27 -14.88 35.78
C PRO A 35 -18.15 -14.62 34.55
N GLU A 36 -18.41 -13.37 34.26
CA GLU A 36 -19.16 -13.00 33.06
C GLU A 36 -18.49 -13.54 31.75
N ILE A 37 -17.17 -13.38 31.60
CA ILE A 37 -16.44 -13.76 30.35
C ILE A 37 -15.81 -15.15 30.35
N ALA A 38 -16.05 -15.95 31.39
CA ALA A 38 -15.57 -17.34 31.43
C ALA A 38 -16.05 -18.16 30.23
N GLY A 39 -17.26 -17.88 29.75
CA GLY A 39 -17.79 -18.56 28.57
C GLY A 39 -17.13 -18.09 27.28
N PRO A 40 -17.19 -16.76 26.97
CA PRO A 40 -16.45 -16.22 25.81
C PRO A 40 -15.00 -16.67 25.73
N LEU A 41 -14.33 -16.71 26.88
CA LEU A 41 -12.98 -17.17 26.97
C LEU A 41 -12.77 -18.58 26.41
N LYS A 42 -13.67 -19.51 26.75
CA LYS A 42 -13.54 -20.91 26.33
C LYS A 42 -13.79 -21.10 24.85
N LYS A 43 -14.80 -20.39 24.34
CA LYS A 43 -15.13 -20.45 22.92
C LYS A 43 -14.02 -19.89 22.07
N ALA A 44 -13.30 -18.87 22.53
CA ALA A 44 -12.12 -18.36 21.82
C ALA A 44 -10.89 -19.36 21.86
N GLY A 45 -10.92 -20.30 22.80
CA GLY A 45 -9.86 -21.32 22.94
C GLY A 45 -9.09 -21.35 24.25
N LEU A 46 -9.48 -20.61 25.29
CA LEU A 46 -8.70 -20.70 26.54
C LEU A 46 -8.82 -22.13 27.07
N LYS A 47 -7.71 -22.74 27.45
CA LYS A 47 -7.72 -24.13 27.96
C LYS A 47 -7.56 -24.20 29.49
N LEU A 48 -6.83 -23.25 30.08
CA LEU A 48 -6.86 -23.07 31.55
C LEU A 48 -8.27 -22.70 32.00
N SER A 49 -8.58 -22.94 33.28
CA SER A 49 -9.86 -22.53 33.85
C SER A 49 -9.80 -21.01 34.08
N PRO A 50 -10.93 -20.31 33.88
CA PRO A 50 -11.05 -18.92 34.28
C PRO A 50 -10.76 -18.66 35.77
N GLN A 51 -11.13 -19.63 36.60
CA GLN A 51 -10.72 -19.81 38.00
C GLN A 51 -9.22 -19.48 38.24
N GLN A 52 -8.35 -20.12 37.49
CA GLN A 52 -6.91 -19.94 37.64
C GLN A 52 -6.45 -18.50 37.23
N ILE A 53 -7.14 -17.88 36.28
CA ILE A 53 -6.81 -16.55 35.79
C ILE A 53 -7.20 -15.46 36.80
N SER A 54 -8.35 -15.64 37.43
CA SER A 54 -8.83 -14.77 38.49
C SER A 54 -7.95 -14.77 39.74
N ASP A 55 -7.10 -15.80 39.94
CA ASP A 55 -6.04 -15.71 40.94
C ASP A 55 -4.94 -14.72 40.48
N LEU A 56 -5.08 -13.47 40.93
CA LEU A 56 -4.17 -12.39 40.55
C LEU A 56 -2.78 -12.44 41.17
N THR A 57 -2.57 -13.31 42.17
CA THR A 57 -1.23 -13.50 42.74
C THR A 57 -0.75 -14.93 42.50
N GLY A 58 -1.44 -15.66 41.62
CA GLY A 58 -1.09 -17.05 41.30
C GLY A 58 -0.48 -17.19 39.92
N ASP A 59 -0.61 -18.39 39.39
CA ASP A 59 -0.02 -18.76 38.15
C ASP A 59 -1.08 -18.61 37.07
N PRO A 60 -0.89 -17.73 36.06
CA PRO A 60 0.36 -17.02 35.75
C PRO A 60 0.26 -15.50 35.94
N MET A 61 -0.85 -15.03 36.46
CA MET A 61 -1.23 -13.62 36.51
C MET A 61 -0.33 -12.90 37.52
N GLY A 62 0.09 -13.65 38.53
CA GLY A 62 1.05 -13.20 39.57
C GLY A 62 2.42 -12.87 39.07
N ALA A 63 2.78 -13.37 37.86
CA ALA A 63 4.02 -12.93 37.17
C ALA A 63 3.94 -11.55 36.45
N VAL A 64 2.74 -11.02 36.29
CA VAL A 64 2.53 -9.81 35.55
C VAL A 64 2.73 -8.61 36.47
N VAL A 65 3.55 -7.65 36.05
CA VAL A 65 3.85 -6.47 36.90
C VAL A 65 3.57 -5.14 36.18
N ALA A 66 3.53 -4.08 36.98
CA ALA A 66 3.39 -2.70 36.45
C ALA A 66 4.69 -1.95 36.58
N LEU A 67 5.06 -1.20 35.54
CA LEU A 67 6.21 -0.35 35.61
C LEU A 67 5.95 1.13 35.94
N GLY A 68 4.70 1.60 35.90
CA GLY A 68 4.37 3.07 35.87
C GLY A 68 4.39 3.47 34.40
N GLY A 69 3.27 3.36 33.73
CA GLY A 69 3.20 3.70 32.27
C GLY A 69 3.53 2.56 31.27
N CYS A 70 3.90 1.39 31.78
CA CYS A 70 4.14 0.21 30.94
C CYS A 70 3.85 -1.00 31.81
N THR A 71 3.73 -2.13 31.16
CA THR A 71 3.52 -3.41 31.78
C THR A 71 4.85 -4.19 31.58
N ALA A 72 5.05 -5.22 32.41
CA ALA A 72 6.14 -6.15 32.23
C ALA A 72 5.75 -7.47 32.86
N SER A 73 6.64 -8.47 32.81
CA SER A 73 6.41 -9.73 33.54
C SER A 73 7.69 -10.42 34.00
N PHE A 74 7.60 -11.14 35.11
CA PHE A 74 8.75 -11.99 35.52
C PHE A 74 8.85 -13.21 34.61
N VAL A 75 10.06 -13.56 34.21
CA VAL A 75 10.32 -14.73 33.37
C VAL A 75 11.52 -15.55 33.94
N SER A 76 11.89 -15.36 35.20
CA SER A 76 12.76 -16.33 35.89
C SER A 76 12.59 -16.23 37.40
N PRO A 77 13.00 -17.28 38.13
CA PRO A 77 12.88 -17.23 39.62
C PRO A 77 13.92 -16.33 40.30
N ASN A 78 14.89 -15.82 39.53
CA ASN A 78 15.86 -14.88 40.00
C ASN A 78 15.58 -13.40 39.58
N GLY A 79 14.32 -13.01 39.47
CA GLY A 79 13.98 -11.59 39.23
C GLY A 79 14.15 -10.96 37.84
N LEU A 80 14.43 -11.76 36.82
CA LEU A 80 14.50 -11.24 35.44
C LEU A 80 13.09 -10.79 34.93
N VAL A 81 13.02 -9.61 34.33
CA VAL A 81 11.73 -9.02 33.92
C VAL A 81 11.84 -8.69 32.45
N VAL A 82 10.86 -9.10 31.64
CA VAL A 82 10.84 -8.78 30.21
C VAL A 82 9.77 -7.72 29.93
N THR A 83 10.17 -6.75 29.09
CA THR A 83 9.34 -5.68 28.64
C THR A 83 9.73 -5.21 27.22
N ASN A 84 9.11 -4.14 26.74
CA ASN A 84 9.52 -3.58 25.48
C ASN A 84 10.83 -2.79 25.60
N HIS A 85 11.61 -2.82 24.52
CA HIS A 85 12.66 -1.83 24.30
C HIS A 85 12.14 -0.38 24.47
N HIS A 86 11.03 -0.01 23.82
CA HIS A 86 10.47 1.36 24.03
C HIS A 86 10.05 1.73 25.47
N CYS A 87 9.74 0.73 26.28
CA CYS A 87 9.45 0.93 27.69
C CYS A 87 10.75 1.07 28.46
N ALA A 88 11.80 0.35 28.02
CA ALA A 88 13.12 0.45 28.65
C ALA A 88 13.94 1.67 28.11
N TYR A 89 13.44 2.32 27.06
CA TYR A 89 14.20 3.39 26.35
C TYR A 89 14.72 4.50 27.27
N GLY A 90 13.91 4.89 28.23
CA GLY A 90 14.25 5.92 29.19
C GLY A 90 15.47 5.57 30.03
N ALA A 91 15.47 4.37 30.55
CA ALA A 91 16.59 3.81 31.32
C ALA A 91 17.84 3.62 30.49
N ILE A 92 17.67 3.04 29.30
CA ILE A 92 18.76 2.87 28.37
C ILE A 92 19.40 4.23 27.96
N GLN A 93 18.54 5.21 27.71
CA GLN A 93 18.97 6.58 27.40
C GLN A 93 19.67 7.27 28.60
N LEU A 94 19.17 7.05 29.81
CA LEU A 94 19.88 7.57 31.03
C LEU A 94 21.31 6.99 31.21
N ASN A 95 21.60 5.82 30.62
CA ASN A 95 22.90 5.21 30.73
C ASN A 95 23.74 5.38 29.46
N SER A 96 23.31 6.28 28.56
CA SER A 96 23.96 6.53 27.30
C SER A 96 24.64 7.91 27.31
N THR A 97 25.72 8.02 26.54
CA THR A 97 26.33 9.31 26.20
C THR A 97 26.59 9.32 24.69
N ALA A 98 27.00 10.48 24.16
CA ALA A 98 27.43 10.62 22.73
C ALA A 98 28.46 9.56 22.32
N GLU A 99 29.40 9.25 23.21
CA GLU A 99 30.55 8.34 22.91
C GLU A 99 30.31 6.89 23.28
N ASN A 100 29.40 6.64 24.24
CA ASN A 100 28.94 5.26 24.53
C ASN A 100 27.39 5.25 24.51
N ASN A 101 26.86 5.12 23.29
CA ASN A 101 25.42 5.21 23.04
C ASN A 101 24.78 3.83 23.07
N LEU A 102 24.11 3.55 24.17
CA LEU A 102 23.48 2.25 24.35
C LEU A 102 22.21 2.13 23.51
N ILE A 103 21.52 3.25 23.27
CA ILE A 103 20.35 3.23 22.41
C ILE A 103 20.75 2.60 21.04
N LYS A 104 21.90 3.05 20.55
CA LYS A 104 22.43 2.66 19.26
C LYS A 104 22.99 1.23 19.29
N ASN A 105 23.85 0.95 20.26
CA ASN A 105 24.66 -0.29 20.28
C ASN A 105 24.06 -1.43 21.02
N GLY A 106 23.10 -1.15 21.91
CA GLY A 106 22.56 -2.17 22.72
C GLY A 106 23.42 -2.29 23.98
N PHE A 107 22.97 -3.17 24.85
CA PHE A 107 23.59 -3.47 26.12
C PHE A 107 23.33 -4.93 26.47
N ASN A 108 24.37 -5.55 27.05
CA ASN A 108 24.33 -6.94 27.44
C ASN A 108 25.29 -7.08 28.60
N ALA A 109 24.75 -7.57 29.71
CA ALA A 109 25.47 -7.75 30.98
C ALA A 109 25.79 -9.25 31.15
N PRO A 110 27.06 -9.69 30.90
CA PRO A 110 27.31 -11.15 31.02
C PRO A 110 27.01 -11.74 32.38
N THR A 111 27.19 -10.96 33.44
CA THR A 111 26.83 -11.39 34.81
C THR A 111 25.97 -10.31 35.46
N THR A 112 25.19 -10.72 36.45
CA THR A 112 24.32 -9.83 37.19
C THR A 112 24.99 -8.64 37.82
N ALA A 113 26.30 -8.76 38.09
CA ALA A 113 27.14 -7.67 38.57
C ALA A 113 27.42 -6.60 37.54
N ASP A 114 27.35 -6.96 36.24
CA ASP A 114 27.53 -5.95 35.20
C ASP A 114 26.21 -5.20 34.84
N GLU A 115 25.08 -5.61 35.41
CA GLU A 115 23.80 -4.92 35.18
C GLU A 115 23.93 -3.48 35.72
N VAL A 116 23.49 -2.48 34.94
CA VAL A 116 23.44 -1.06 35.37
C VAL A 116 22.05 -0.64 35.86
N SER A 117 22.00 0.34 36.76
CA SER A 117 20.79 0.87 37.30
C SER A 117 19.96 1.52 36.19
N ALA A 118 18.66 1.30 36.29
CA ALA A 118 17.73 1.86 35.31
C ALA A 118 17.36 3.33 35.67
N GLY A 119 17.86 3.81 36.82
CA GLY A 119 17.64 5.17 37.30
C GLY A 119 16.90 5.14 38.62
N PRO A 120 16.97 6.23 39.37
CA PRO A 120 16.36 6.14 40.70
C PRO A 120 14.83 6.11 40.72
N ASN A 121 14.15 6.48 39.63
CA ASN A 121 12.69 6.53 39.64
C ASN A 121 12.11 5.28 38.94
N ALA A 122 12.97 4.37 38.53
CA ALA A 122 12.53 3.13 37.92
C ALA A 122 11.91 2.30 39.03
N ARG A 123 10.80 1.64 38.68
CA ARG A 123 10.01 0.80 39.60
C ARG A 123 9.50 -0.49 38.98
N VAL A 124 9.27 -1.48 39.83
CA VAL A 124 8.51 -2.68 39.49
C VAL A 124 7.46 -2.87 40.60
N PHE A 125 6.17 -2.79 40.25
CA PHE A 125 5.09 -2.94 41.22
C PHE A 125 4.47 -4.34 41.11
N VAL A 126 4.47 -5.10 42.21
CA VAL A 126 4.02 -6.49 42.28
C VAL A 126 2.71 -6.58 43.05
N LEU A 127 1.68 -7.05 42.40
CA LEU A 127 0.39 -6.88 43.00
C LEU A 127 0.30 -7.81 44.22
N ASP A 128 -0.29 -7.24 45.27
CA ASP A 128 -0.44 -7.94 46.56
C ASP A 128 -1.91 -8.16 46.89
N GLU A 129 -2.70 -7.10 46.85
CA GLU A 129 -4.09 -7.19 47.27
C GLU A 129 -4.98 -6.14 46.60
N ILE A 130 -6.23 -6.50 46.35
CA ILE A 130 -7.21 -5.51 45.89
C ILE A 130 -8.40 -5.47 46.82
N THR A 131 -8.92 -4.28 47.12
CA THR A 131 -10.05 -4.13 48.04
C THR A 131 -11.06 -3.18 47.44
N ASP A 132 -12.35 -3.53 47.55
CA ASP A 132 -13.45 -2.60 47.25
C ASP A 132 -13.67 -1.68 48.48
N VAL A 133 -13.59 -0.37 48.25
CA VAL A 133 -13.84 0.66 49.28
C VAL A 133 -14.94 1.61 48.81
N THR A 134 -15.75 1.14 47.86
CA THR A 134 -16.81 1.94 47.20
C THR A 134 -17.76 2.61 48.19
N LYS A 135 -18.37 1.84 49.09
CA LYS A 135 -19.29 2.42 50.12
C LYS A 135 -18.61 3.53 50.92
N ASP A 136 -17.42 3.23 51.42
CA ASP A 136 -16.72 4.18 52.27
C ASP A 136 -16.44 5.47 51.52
N ALA A 137 -15.91 5.32 50.31
CA ALA A 137 -15.52 6.48 49.54
C ALA A 137 -16.75 7.32 49.20
N LYS A 138 -17.84 6.65 48.80
CA LYS A 138 -19.12 7.34 48.51
C LYS A 138 -19.67 8.08 49.76
N ALA A 139 -19.50 7.48 50.93
CA ALA A 139 -19.95 8.08 52.21
C ALA A 139 -19.12 9.34 52.57
N ALA A 140 -17.81 9.25 52.41
CA ALA A 140 -16.94 10.42 52.59
C ALA A 140 -17.32 11.57 51.67
N ILE A 141 -17.69 11.27 50.44
CA ILE A 141 -18.01 12.30 49.44
C ILE A 141 -19.36 12.92 49.82
N ALA A 142 -20.28 12.04 50.19
CA ALA A 142 -21.68 12.43 50.54
C ALA A 142 -21.68 13.48 51.68
N ALA A 143 -20.89 13.17 52.72
CA ALA A 143 -20.74 14.02 53.90
C ALA A 143 -20.33 15.46 53.61
N ALA A 144 -19.65 15.69 52.50
CA ALA A 144 -19.23 17.04 52.14
C ALA A 144 -20.44 17.85 51.80
N GLY A 145 -21.49 17.17 51.34
CA GLY A 145 -22.75 17.77 51.10
C GLY A 145 -22.73 18.37 49.74
N ASP A 146 -23.36 19.53 49.61
CA ASP A 146 -23.64 20.13 48.32
C ASP A 146 -22.67 21.26 47.99
N ASP A 147 -21.38 21.02 48.17
CA ASP A 147 -20.34 22.02 47.89
C ASP A 147 -19.28 21.26 47.12
N ALA A 148 -19.04 21.71 45.89
CA ALA A 148 -18.23 21.04 44.92
C ALA A 148 -16.78 20.84 45.42
N LEU A 149 -16.14 21.96 45.74
CA LEU A 149 -14.76 22.01 46.22
C LEU A 149 -14.56 21.19 47.48
N ALA A 150 -15.53 21.25 48.39
CA ALA A 150 -15.57 20.35 49.54
C ALA A 150 -15.70 18.84 49.20
N ARG A 151 -16.42 18.46 48.14
CA ARG A 151 -16.46 17.02 47.75
C ARG A 151 -15.03 16.55 47.33
N THR A 152 -14.32 17.35 46.53
CA THR A 152 -12.92 17.03 46.11
C THR A 152 -12.00 16.89 47.33
N LYS A 153 -12.05 17.87 48.22
CA LYS A 153 -11.29 17.78 49.46
C LYS A 153 -11.66 16.60 50.36
N ALA A 154 -12.94 16.28 50.46
CA ALA A 154 -13.32 15.12 51.23
C ALA A 154 -12.80 13.78 50.57
N LEU A 155 -12.89 13.66 49.23
CA LEU A 155 -12.31 12.45 48.56
C LEU A 155 -10.77 12.37 48.76
N GLU A 156 -10.08 13.50 48.59
CA GLU A 156 -8.62 13.59 48.82
C GLU A 156 -8.22 13.18 50.24
N ALA A 157 -9.00 13.65 51.24
CA ALA A 157 -8.73 13.28 52.66
C ALA A 157 -9.03 11.80 52.88
N PHE A 158 -10.07 11.31 52.23
CA PHE A 158 -10.36 9.87 52.36
C PHE A 158 -9.21 9.05 51.78
N GLU A 159 -8.81 9.39 50.56
CA GLU A 159 -7.72 8.68 49.83
C GLU A 159 -6.40 8.68 50.63
N LYS A 160 -6.00 9.86 51.09
CA LYS A 160 -4.77 10.00 51.90
C LYS A 160 -4.74 9.13 53.15
N LYS A 161 -5.83 9.16 53.90
CA LYS A 161 -5.95 8.32 55.12
C LYS A 161 -5.97 6.81 54.71
N LEU A 162 -6.72 6.46 53.67
CA LEU A 162 -6.72 5.06 53.16
C LEU A 162 -5.30 4.62 52.73
N ILE A 163 -4.63 5.47 51.98
CA ILE A 163 -3.26 5.20 51.55
C ILE A 163 -2.26 5.09 52.65
N ALA A 164 -2.27 6.05 53.58
CA ALA A 164 -1.34 6.01 54.74
C ALA A 164 -1.52 4.70 55.56
N ASP A 165 -2.75 4.27 55.75
CA ASP A 165 -3.01 2.98 56.41
C ASP A 165 -2.53 1.75 55.59
N CYS A 166 -2.79 1.75 54.29
CA CYS A 166 -2.32 0.67 53.44
C CYS A 166 -0.77 0.64 53.39
N GLU A 167 -0.15 1.83 53.36
CA GLU A 167 1.33 1.91 53.27
C GLU A 167 2.10 1.75 54.58
N ALA A 168 1.39 1.59 55.72
CA ALA A 168 2.02 1.33 57.04
C ALA A 168 2.99 0.14 57.05
N GLU A 169 2.70 -0.89 56.27
CA GLU A 169 3.60 -2.02 56.06
C GLU A 169 4.75 -1.58 55.12
N ALA A 170 5.98 -1.70 55.62
CA ALA A 170 7.22 -1.36 54.89
C ALA A 170 7.41 -2.07 53.51
N GLY A 171 7.74 -1.29 52.48
CA GLY A 171 7.99 -1.85 51.12
C GLY A 171 6.78 -1.92 50.16
N PHE A 172 5.61 -1.51 50.63
CA PHE A 172 4.37 -1.45 49.82
C PHE A 172 3.96 0.02 49.40
N ARG A 173 3.56 0.18 48.15
CA ARG A 173 2.91 1.42 47.73
C ARG A 173 1.52 1.13 47.25
N CYS A 174 0.59 2.03 47.52
CA CYS A 174 -0.81 1.71 47.22
C CYS A 174 -1.37 2.74 46.29
N ARG A 175 -2.53 2.42 45.69
CA ARG A 175 -3.19 3.35 44.79
C ARG A 175 -4.69 3.19 44.83
N LEU A 176 -5.41 4.31 44.91
CA LEU A 176 -6.88 4.28 44.87
C LEU A 176 -7.37 4.51 43.43
N TYR A 177 -8.14 3.57 42.89
CA TYR A 177 -8.69 3.75 41.53
C TYR A 177 -10.19 4.07 41.56
N SER A 178 -10.60 4.99 40.72
CA SER A 178 -12.02 5.25 40.46
C SER A 178 -12.39 4.60 39.17
N PHE A 179 -13.43 3.79 39.15
CA PHE A 179 -13.96 3.16 37.88
C PHE A 179 -15.33 3.73 37.48
N SER A 180 -15.62 3.70 36.17
CA SER A 180 -16.90 4.14 35.62
C SER A 180 -17.36 5.48 36.23
N GLY A 181 -16.48 6.46 36.17
CA GLY A 181 -16.74 7.83 36.66
C GLY A 181 -17.11 8.03 38.14
N GLY A 182 -16.69 7.12 39.03
CA GLY A 182 -16.98 7.20 40.44
C GLY A 182 -18.01 6.20 40.99
N ASN A 183 -18.46 5.24 40.19
CA ASN A 183 -19.38 4.17 40.66
C ASN A 183 -18.78 3.07 41.45
N THR A 184 -17.52 2.75 41.18
CA THR A 184 -16.74 1.79 41.99
C THR A 184 -15.36 2.38 42.33
N TYR A 185 -14.87 2.05 43.53
CA TYR A 185 -13.55 2.42 43.95
C TYR A 185 -12.91 1.21 44.49
N ARG A 186 -11.71 0.94 44.00
CA ARG A 186 -10.90 -0.13 44.55
C ARG A 186 -9.48 0.38 44.89
N LEU A 187 -8.93 -0.21 45.95
CA LEU A 187 -7.61 0.02 46.48
C LEU A 187 -6.70 -1.13 46.12
N PHE A 188 -5.58 -0.82 45.46
CA PHE A 188 -4.58 -1.78 45.08
C PHE A 188 -3.41 -1.55 45.99
N LYS A 189 -2.88 -2.63 46.53
CA LYS A 189 -1.67 -2.64 47.33
C LYS A 189 -0.59 -3.41 46.58
N ASN A 190 0.56 -2.77 46.38
CA ASN A 190 1.66 -3.31 45.59
C ASN A 190 2.93 -3.31 46.38
N LEU A 191 3.71 -4.38 46.26
CA LEU A 191 5.09 -4.35 46.67
C LEU A 191 5.79 -3.50 45.64
N GLU A 192 6.51 -2.51 46.14
CA GLU A 192 7.20 -1.53 45.35
C GLU A 192 8.69 -1.91 45.31
N ILE A 193 9.16 -2.49 44.21
CA ILE A 193 10.60 -2.69 44.03
C ILE A 193 11.21 -1.41 43.50
N LYS A 194 12.33 -1.05 44.12
CA LYS A 194 12.93 0.28 44.03
C LYS A 194 14.32 0.26 43.49
N ASP A 195 14.89 -0.92 43.25
CA ASP A 195 16.18 -1.04 42.60
C ASP A 195 15.98 -1.93 41.39
N VAL A 196 15.95 -1.28 40.22
CA VAL A 196 15.65 -2.00 39.00
C VAL A 196 16.82 -1.79 38.12
N ARG A 197 17.36 -2.86 37.51
CA ARG A 197 18.55 -2.73 36.67
C ARG A 197 18.36 -3.24 35.24
N LEU A 198 19.08 -2.64 34.30
CA LEU A 198 19.05 -3.00 32.91
C LEU A 198 20.02 -4.20 32.74
N ALA A 199 19.48 -5.33 32.23
CA ALA A 199 20.21 -6.57 31.97
C ALA A 199 20.45 -6.83 30.48
N TYR A 200 19.56 -6.37 29.61
CA TYR A 200 19.80 -6.53 28.18
C TYR A 200 18.87 -5.66 27.38
N ALA A 201 19.43 -5.07 26.34
CA ALA A 201 18.66 -4.38 25.34
C ALA A 201 19.26 -4.66 24.00
N PRO A 202 18.44 -5.01 22.97
CA PRO A 202 19.08 -5.18 21.63
C PRO A 202 19.48 -3.81 21.08
N PRO A 203 20.34 -3.76 20.08
CA PRO A 203 20.63 -2.50 19.47
C PRO A 203 19.31 -1.82 18.95
N GLY A 204 19.28 -0.50 18.87
CA GLY A 204 18.13 0.26 18.43
C GLY A 204 17.63 -0.09 17.02
N SER A 205 18.53 -0.53 16.18
CA SER A 205 18.20 -0.96 14.82
C SER A 205 17.30 -2.22 14.84
N VAL A 206 17.30 -2.95 15.96
CA VAL A 206 16.34 -4.02 16.22
C VAL A 206 15.17 -3.57 17.06
N GLY A 207 15.46 -3.02 18.24
CA GLY A 207 14.50 -2.57 19.20
C GLY A 207 13.51 -1.59 18.62
N LYS A 208 13.95 -0.81 17.64
CA LYS A 208 13.09 0.19 17.01
C LYS A 208 13.32 0.20 15.49
N PHE A 209 13.46 -1.00 14.90
CA PHE A 209 13.56 -1.13 13.43
C PHE A 209 12.34 -0.41 12.76
N GLY A 210 12.67 0.42 11.79
CA GLY A 210 11.74 1.31 11.09
C GLY A 210 11.44 2.66 11.72
N GLY A 211 11.89 2.87 12.95
CA GLY A 211 11.86 4.20 13.52
C GLY A 211 10.44 4.71 13.62
N ASP A 212 10.30 5.98 13.34
CA ASP A 212 9.02 6.64 13.28
C ASP A 212 8.29 6.40 11.98
N ILE A 213 8.94 5.84 10.98
CA ILE A 213 8.24 5.56 9.72
C ILE A 213 7.26 4.40 9.92
N ASP A 214 7.70 3.39 10.68
CA ASP A 214 6.92 2.17 10.94
C ASP A 214 6.07 2.21 12.20
N ASN A 215 6.24 3.24 13.00
CA ASN A 215 5.51 3.36 14.22
C ASN A 215 4.03 3.55 13.93
N TRP A 216 3.17 2.85 14.69
CA TRP A 216 1.74 2.68 14.47
C TRP A 216 1.40 1.99 13.13
N MET A 217 2.32 1.23 12.53
CA MET A 217 2.07 0.63 11.25
C MET A 217 2.26 -0.87 11.27
N TRP A 218 1.51 -1.46 10.37
CA TRP A 218 1.74 -2.81 9.90
C TRP A 218 1.81 -2.72 8.38
N PRO A 219 2.68 -3.45 7.69
CA PRO A 219 3.55 -4.46 8.31
C PRO A 219 4.66 -3.94 9.19
N ARG A 220 4.90 -4.72 10.23
CA ARG A 220 5.88 -4.38 11.27
C ARG A 220 6.91 -5.47 11.39
N HIS A 221 8.15 -5.05 11.69
CA HIS A 221 9.38 -5.92 11.66
C HIS A 221 10.35 -5.53 12.77
N THR A 222 9.80 -5.24 13.92
CA THR A 222 10.51 -4.58 15.01
C THR A 222 10.67 -5.53 16.21
N GLY A 223 11.93 -5.71 16.68
CA GLY A 223 12.25 -6.53 17.88
C GLY A 223 12.15 -5.75 19.18
N ASP A 224 10.94 -5.33 19.51
CA ASP A 224 10.69 -4.38 20.63
C ASP A 224 10.62 -5.11 21.94
N PHE A 225 11.80 -5.48 22.42
CA PHE A 225 11.91 -6.15 23.73
C PHE A 225 13.18 -5.72 24.43
N ALA A 226 13.19 -5.87 25.73
CA ALA A 226 14.41 -5.67 26.54
C ALA A 226 14.16 -6.28 27.92
N PHE A 227 15.20 -6.40 28.71
CA PHE A 227 15.12 -7.06 30.02
C PHE A 227 15.74 -6.24 31.14
N TYR A 228 15.03 -6.25 32.25
CA TYR A 228 15.49 -5.72 33.52
C TYR A 228 15.70 -6.86 34.52
N ARG A 229 16.31 -6.51 35.66
CA ARG A 229 16.34 -7.40 36.86
C ARG A 229 15.99 -6.59 38.09
N ALA A 230 15.08 -7.15 38.87
CA ALA A 230 14.52 -6.57 40.06
C ALA A 230 15.39 -7.01 41.29
N TYR A 231 15.72 -6.06 42.15
CA TYR A 231 16.63 -6.26 43.32
C TYR A 231 15.92 -5.72 44.55
N VAL A 232 16.07 -6.44 45.66
CA VAL A 232 15.67 -6.03 47.01
C VAL A 232 16.90 -6.08 47.95
N GLY A 233 16.78 -5.61 49.20
CA GLY A 233 17.89 -5.64 50.15
C GLY A 233 18.03 -7.06 50.65
N LYS A 234 19.17 -7.37 51.28
CA LYS A 234 19.47 -8.72 51.87
C LYS A 234 18.41 -9.26 52.78
N ASP A 235 17.71 -8.40 53.53
CA ASP A 235 16.56 -8.82 54.34
C ASP A 235 15.28 -9.10 53.54
N GLY A 236 15.31 -8.93 52.22
CA GLY A 236 14.16 -9.21 51.33
C GLY A 236 13.14 -8.09 51.18
N LYS A 237 13.35 -7.00 51.91
CA LYS A 237 12.51 -5.80 51.78
C LYS A 237 13.05 -4.94 50.62
N PRO A 238 12.16 -4.23 49.89
CA PRO A 238 12.68 -3.29 48.91
C PRO A 238 13.60 -2.20 49.50
N ALA A 239 14.51 -1.74 48.65
CA ALA A 239 15.44 -0.71 48.97
C ALA A 239 15.93 -0.04 47.69
N ALA A 240 16.41 1.20 47.85
CA ALA A 240 16.99 1.99 46.76
C ALA A 240 18.31 1.34 46.38
N PHE A 241 18.87 1.72 45.22
CA PHE A 241 20.09 1.10 44.67
C PHE A 241 21.16 0.93 45.73
N SER A 242 21.74 -0.26 45.78
CA SER A 242 22.95 -0.52 46.58
C SER A 242 23.56 -1.82 46.09
N LYS A 243 24.89 -1.86 46.04
CA LYS A 243 25.61 -3.07 45.63
C LYS A 243 25.53 -4.22 46.61
N ASP A 244 24.94 -4.00 47.78
CA ASP A 244 24.60 -5.09 48.67
C ASP A 244 23.19 -5.66 48.38
N ASN A 245 22.45 -5.11 47.43
CA ASN A 245 21.14 -5.69 47.16
C ASN A 245 21.31 -6.97 46.36
N VAL A 246 20.30 -7.82 46.40
CA VAL A 246 20.33 -9.11 45.71
C VAL A 246 19.07 -9.32 44.86
N PRO A 247 19.14 -10.18 43.84
CA PRO A 247 17.91 -10.45 43.06
C PRO A 247 16.67 -10.78 43.88
N TYR A 248 15.55 -10.18 43.49
CA TYR A 248 14.23 -10.55 44.02
C TYR A 248 13.83 -11.92 43.51
N GLN A 249 13.14 -12.67 44.36
CA GLN A 249 12.74 -14.08 44.05
C GLN A 249 11.23 -14.09 43.90
N PRO A 250 10.74 -13.91 42.67
CA PRO A 250 9.28 -13.89 42.57
C PRO A 250 8.65 -15.23 42.89
N LYS A 251 7.46 -15.21 43.48
CA LYS A 251 6.66 -16.41 43.63
C LYS A 251 6.17 -16.99 42.29
N HIS A 252 5.92 -16.12 41.29
CA HIS A 252 5.44 -16.59 39.99
C HIS A 252 6.22 -15.96 38.82
N TRP A 253 6.53 -16.77 37.80
CA TRP A 253 7.13 -16.31 36.54
C TRP A 253 6.48 -16.99 35.33
N LEU A 254 6.74 -16.45 34.15
CA LEU A 254 6.16 -17.03 32.94
C LEU A 254 7.20 -17.96 32.30
N LYS A 255 6.71 -18.96 31.58
CA LYS A 255 7.54 -19.83 30.76
C LYS A 255 7.25 -19.64 29.27
N PHE A 256 8.28 -19.79 28.46
CA PHE A 256 8.10 -19.74 27.04
C PHE A 256 7.22 -20.88 26.53
N ALA A 257 6.37 -20.57 25.54
CA ALA A 257 5.55 -21.60 24.91
C ALA A 257 6.42 -22.71 24.35
N ASP A 258 5.93 -23.94 24.51
CA ASP A 258 6.50 -25.12 23.81
C ASP A 258 5.75 -25.40 22.48
N GLN A 259 4.53 -24.91 22.31
CA GLN A 259 3.79 -25.10 21.05
C GLN A 259 3.92 -23.84 20.16
N PRO A 260 4.16 -24.00 18.83
CA PRO A 260 4.22 -22.87 17.87
C PRO A 260 2.93 -22.07 17.77
N LEU A 261 2.99 -20.74 17.92
CA LEU A 261 1.79 -19.94 17.74
C LEU A 261 1.52 -19.76 16.22
N GLY A 262 0.27 -19.98 15.79
CA GLY A 262 -0.18 -19.81 14.40
C GLY A 262 -1.49 -19.06 14.28
N ALA A 263 -1.86 -18.74 13.03
CA ALA A 263 -3.03 -18.00 12.70
C ALA A 263 -4.28 -18.65 13.33
N GLY A 264 -5.13 -17.85 13.96
CA GLY A 264 -6.38 -18.35 14.58
C GLY A 264 -6.21 -18.78 16.05
N ASP A 265 -4.98 -18.95 16.53
CA ASP A 265 -4.76 -19.40 17.93
C ASP A 265 -5.28 -18.41 18.95
N PHE A 266 -5.77 -18.95 20.05
CA PHE A 266 -6.16 -18.15 21.20
C PHE A 266 -4.96 -17.36 21.70
N VAL A 267 -5.18 -16.08 21.96
CA VAL A 267 -4.22 -15.35 22.83
C VAL A 267 -4.90 -14.43 23.79
N MET A 268 -4.17 -14.12 24.85
CA MET A 268 -4.65 -13.14 25.82
C MET A 268 -3.55 -12.27 26.35
N VAL A 269 -3.95 -11.07 26.75
CA VAL A 269 -3.06 -10.11 27.40
C VAL A 269 -3.63 -9.65 28.77
N ALA A 270 -2.75 -9.57 29.74
CA ALA A 270 -2.99 -8.94 31.06
C ALA A 270 -2.01 -7.79 31.19
N GLY A 271 -2.52 -6.62 31.56
CA GLY A 271 -1.64 -5.45 31.79
C GLY A 271 -2.38 -4.23 32.27
N TYR A 272 -1.79 -3.04 32.09
CA TYR A 272 -2.19 -1.78 32.75
C TYR A 272 -2.50 -0.64 31.79
N PRO A 273 -3.60 -0.78 31.04
CA PRO A 273 -3.92 0.23 30.04
C PRO A 273 -4.30 1.51 30.78
N GLY A 274 -3.90 2.65 30.24
CA GLY A 274 -3.90 3.91 30.98
C GLY A 274 -5.23 4.62 30.87
N SER A 275 -5.65 4.88 29.65
CA SER A 275 -6.79 5.76 29.45
C SER A 275 -7.54 5.47 28.18
N THR A 276 -8.86 5.24 28.30
CA THR A 276 -9.78 5.27 27.15
C THR A 276 -10.94 6.25 27.38
N ASN A 277 -11.56 6.70 26.29
CA ASN A 277 -12.65 7.70 26.36
C ASN A 277 -13.92 7.27 25.60
N ARG A 278 -14.26 5.99 25.70
CA ARG A 278 -15.40 5.42 24.97
C ARG A 278 -16.76 5.90 25.51
N TYR A 279 -16.84 6.25 26.81
CA TYR A 279 -18.10 6.65 27.40
C TYR A 279 -18.24 8.18 27.59
N ALA A 280 -17.35 8.95 26.99
CA ALA A 280 -17.40 10.37 27.02
C ALA A 280 -18.62 10.89 26.26
N LEU A 281 -18.90 12.19 26.49
CA LEU A 281 -19.97 12.91 25.80
C LEU A 281 -19.55 13.26 24.39
N ALA A 282 -20.55 13.29 23.50
CA ALA A 282 -20.32 13.66 22.16
C ALA A 282 -19.56 14.93 22.06
N ALA A 283 -19.94 15.90 22.89
CA ALA A 283 -19.28 17.23 22.80
C ALA A 283 -17.82 17.19 23.34
N GLU A 284 -17.52 16.29 24.30
CA GLU A 284 -16.08 16.06 24.76
C GLU A 284 -15.26 15.42 23.60
N PHE A 285 -15.83 14.40 22.97
CA PHE A 285 -15.27 13.96 21.65
C PHE A 285 -15.02 15.09 20.66
N ASP A 286 -16.06 15.93 20.37
CA ASP A 286 -15.91 17.09 19.41
C ASP A 286 -14.75 17.99 19.80
N ASN A 287 -14.72 18.34 21.08
CA ASN A 287 -13.66 19.22 21.58
C ASN A 287 -12.24 18.58 21.41
N THR A 288 -12.14 17.29 21.69
CA THR A 288 -10.81 16.65 21.55
C THR A 288 -10.42 16.62 20.08
N ALA A 289 -11.32 16.09 19.26
CA ALA A 289 -11.09 15.95 17.82
C ALA A 289 -10.86 17.27 17.11
N GLN A 290 -11.62 18.30 17.48
CA GLN A 290 -11.47 19.60 16.82
C GLN A 290 -10.44 20.53 17.44
N TRP A 291 -10.16 20.43 18.74
CA TRP A 291 -9.13 21.32 19.34
C TRP A 291 -7.86 20.61 20.00
N THR A 292 -8.05 19.68 20.93
CA THR A 292 -6.92 19.17 21.80
C THR A 292 -5.83 18.48 20.95
N TYR A 293 -6.28 17.53 20.13
CA TYR A 293 -5.38 16.78 19.23
C TYR A 293 -4.67 17.59 18.16
N PRO A 294 -5.40 18.38 17.35
CA PRO A 294 -4.59 19.20 16.41
C PRO A 294 -3.62 20.21 17.10
N THR A 295 -3.99 20.72 18.28
CA THR A 295 -3.16 21.71 18.99
C THR A 295 -1.93 21.08 19.61
N ILE A 296 -2.13 19.95 20.28
CA ILE A 296 -0.96 19.27 20.84
C ILE A 296 -0.04 18.76 19.74
N ALA A 297 -0.62 18.19 18.70
CA ALA A 297 0.16 17.61 17.62
C ALA A 297 1.01 18.67 16.95
N ARG A 298 0.42 19.85 16.70
CA ARG A 298 1.17 20.99 16.12
C ARG A 298 2.36 21.38 16.99
N HIS A 299 2.08 21.67 18.25
CA HIS A 299 3.16 21.97 19.23
C HIS A 299 4.31 20.94 19.29
N TYR A 300 3.95 19.65 19.37
CA TYR A 300 4.97 18.58 19.41
C TYR A 300 5.83 18.55 18.15
N LYS A 301 5.19 18.69 16.99
CA LYS A 301 5.89 18.75 15.70
C LYS A 301 6.86 19.98 15.60
N ASN A 302 6.37 21.14 16.05
CA ASN A 302 7.24 22.29 16.20
C ASN A 302 8.43 21.98 17.05
N GLN A 303 8.25 21.33 18.22
CA GLN A 303 9.42 21.13 19.10
C GLN A 303 10.31 20.03 18.53
N ILE A 304 9.69 19.01 17.92
CA ILE A 304 10.49 18.00 17.19
C ILE A 304 11.45 18.68 16.20
N ALA A 305 10.92 19.65 15.45
CA ALA A 305 11.65 20.24 14.33
C ALA A 305 12.81 21.05 14.86
N MET A 306 12.60 21.78 15.96
CA MET A 306 13.71 22.45 16.65
C MET A 306 14.83 21.53 17.18
N VAL A 307 14.47 20.46 17.87
CA VAL A 307 15.48 19.64 18.53
C VAL A 307 16.21 18.73 17.53
N GLU A 308 15.49 18.27 16.53
CA GLU A 308 16.12 17.57 15.39
C GLU A 308 17.28 18.40 14.78
N ALA A 309 16.97 19.66 14.44
CA ALA A 309 17.99 20.61 13.89
C ALA A 309 19.23 20.77 14.79
N ALA A 310 19.02 20.98 16.09
CA ALA A 310 20.13 21.11 17.02
C ALA A 310 20.94 19.84 17.14
N GLY A 311 20.26 18.69 17.13
CA GLY A 311 20.92 17.41 17.29
C GLY A 311 21.80 17.00 16.11
N LYS A 312 21.41 17.39 14.90
CA LYS A 312 22.24 17.09 13.70
C LYS A 312 23.66 17.63 13.88
N GLN A 313 23.79 18.80 14.53
CA GLN A 313 25.06 19.49 14.79
C GLN A 313 25.64 19.31 16.22
N ASN A 314 24.98 18.51 17.03
CA ASN A 314 25.36 18.36 18.43
C ASN A 314 24.82 17.04 18.96
N ALA A 315 25.69 16.04 18.89
CA ALA A 315 25.46 14.70 19.41
C ALA A 315 25.16 14.63 20.92
N ASP A 316 25.65 15.57 21.73
CA ASP A 316 25.21 15.66 23.15
C ASP A 316 23.68 15.96 23.27
N ILE A 317 23.21 16.95 22.52
CA ILE A 317 21.80 17.26 22.50
C ILE A 317 20.99 16.05 21.98
N GLN A 318 21.51 15.39 20.96
CA GLN A 318 20.79 14.32 20.32
C GLN A 318 20.47 13.15 21.28
N VAL A 319 21.46 12.77 22.05
CA VAL A 319 21.37 11.72 23.03
C VAL A 319 20.59 12.15 24.29
N LYS A 320 20.82 13.36 24.75
CA LYS A 320 20.11 13.84 25.94
C LYS A 320 18.62 14.14 25.69
N TYR A 321 18.22 14.49 24.46
CA TYR A 321 16.80 14.69 24.12
C TYR A 321 16.07 13.47 23.45
N ALA A 322 16.75 12.33 23.37
CA ALA A 322 16.26 11.21 22.60
C ALA A 322 14.96 10.65 23.17
N ALA A 323 14.83 10.57 24.49
CA ALA A 323 13.63 9.95 25.09
C ALA A 323 12.42 10.88 24.91
N THR A 324 12.65 12.18 25.17
CA THR A 324 11.70 13.24 24.91
C THR A 324 11.18 13.22 23.47
N MET A 325 12.13 13.16 22.52
CA MET A 325 11.84 13.13 21.08
C MET A 325 11.04 11.89 20.66
N ALA A 326 11.39 10.72 21.21
CA ALA A 326 10.62 9.48 21.03
C ALA A 326 9.11 9.66 21.47
N GLY A 327 8.89 10.32 22.61
CA GLY A 327 7.53 10.65 23.06
C GLY A 327 6.70 11.63 22.22
N TRP A 328 7.31 12.76 21.83
CA TRP A 328 6.69 13.75 20.92
C TRP A 328 6.27 13.18 19.59
N ASN A 329 7.18 12.42 19.03
CA ASN A 329 6.98 11.73 17.80
C ASN A 329 5.85 10.75 17.96
N ASN A 330 5.94 9.94 19.03
CA ASN A 330 4.90 8.91 19.23
C ASN A 330 3.47 9.48 19.36
N THR A 331 3.34 10.45 20.27
CA THR A 331 2.06 11.10 20.54
C THR A 331 1.48 11.90 19.34
N SER A 332 2.32 12.65 18.63
CA SER A 332 1.86 13.42 17.53
C SER A 332 1.43 12.52 16.42
N LYS A 333 2.21 11.48 16.10
CA LYS A 333 1.77 10.51 15.10
C LYS A 333 0.47 9.82 15.53
N ASN A 334 0.35 9.48 16.82
CA ASN A 334 -0.92 8.90 17.29
C ASN A 334 -2.13 9.83 16.99
N TYR A 335 -1.98 11.09 17.34
CA TYR A 335 -3.05 12.07 17.18
C TYR A 335 -3.44 12.25 15.70
N ASP A 336 -2.44 12.27 14.82
CA ASP A 336 -2.73 12.31 13.40
C ASP A 336 -3.53 11.09 13.01
N GLY A 337 -3.07 9.91 13.43
CA GLY A 337 -3.83 8.71 13.15
C GLY A 337 -5.26 8.76 13.66
N GLN A 338 -5.48 9.26 14.86
CA GLN A 338 -6.84 9.22 15.36
C GLN A 338 -7.79 10.10 14.52
N LEU A 339 -7.29 11.27 14.13
CA LEU A 339 -8.08 12.19 13.34
C LEU A 339 -8.45 11.57 12.00
N GLU A 340 -7.53 10.82 11.39
CA GLU A 340 -7.81 10.10 10.12
C GLU A 340 -8.86 9.05 10.41
N GLY A 341 -8.66 8.32 11.52
CA GLY A 341 -9.59 7.29 11.98
C GLY A 341 -10.99 7.85 12.20
N PHE A 342 -11.10 9.03 12.81
CA PHE A 342 -12.41 9.62 13.09
C PHE A 342 -13.22 9.85 11.77
N LYS A 343 -12.61 10.52 10.79
CA LYS A 343 -13.17 10.63 9.42
C LYS A 343 -13.63 9.28 8.84
N ARG A 344 -12.78 8.25 8.90
CA ARG A 344 -13.01 7.00 8.23
C ARG A 344 -14.28 6.33 8.69
N ILE A 345 -14.53 6.41 9.99
CA ILE A 345 -15.69 5.72 10.55
C ILE A 345 -16.81 6.70 10.95
N ASP A 346 -16.70 7.98 10.58
CA ASP A 346 -17.66 9.02 11.00
C ASP A 346 -17.93 8.95 12.53
N ALA A 347 -16.88 9.18 13.30
CA ALA A 347 -16.97 9.03 14.74
C ALA A 347 -17.94 10.09 15.35
N ALA A 348 -17.89 11.31 14.87
CA ALA A 348 -18.83 12.37 15.30
C ALA A 348 -20.29 11.92 15.12
N GLY A 349 -20.58 11.46 13.93
CA GLY A 349 -21.89 10.90 13.64
C GLY A 349 -22.31 9.78 14.56
N GLN A 350 -21.40 8.84 14.87
CA GLN A 350 -21.77 7.71 15.78
C GLN A 350 -22.01 8.11 17.22
N LYS A 351 -21.24 9.08 17.67
CA LYS A 351 -21.36 9.58 19.07
C LYS A 351 -22.70 10.31 19.17
N LEU A 352 -22.91 11.27 18.27
CA LEU A 352 -24.18 12.01 18.16
C LEU A 352 -25.41 11.06 18.15
N ARG A 353 -25.44 10.09 17.24
CA ARG A 353 -26.55 9.14 17.16
C ARG A 353 -26.73 8.35 18.43
N GLU A 354 -25.65 7.79 18.99
CA GLU A 354 -25.82 6.93 20.17
C GLU A 354 -26.30 7.78 21.39
N GLU A 355 -25.83 9.02 21.51
CA GLU A 355 -26.21 9.86 22.63
C GLU A 355 -27.75 10.23 22.59
N ALA A 356 -28.29 10.45 21.40
CA ALA A 356 -29.75 10.53 21.14
C ALA A 356 -30.55 9.33 21.65
N ALA A 357 -30.12 8.13 21.27
CA ALA A 357 -30.74 6.94 21.79
C ALA A 357 -30.75 6.96 23.30
N VAL A 358 -29.65 7.40 23.91
CA VAL A 358 -29.55 7.34 25.36
C VAL A 358 -30.48 8.37 26.01
N LEU A 359 -30.47 9.58 25.48
CA LEU A 359 -31.26 10.67 26.01
C LEU A 359 -32.73 10.29 25.82
N GLY A 360 -33.15 10.14 24.55
CA GLY A 360 -34.42 9.50 24.19
C GLY A 360 -34.89 8.48 25.21
N TRP A 361 -34.05 7.49 25.50
CA TRP A 361 -34.42 6.38 26.40
C TRP A 361 -34.72 6.80 27.86
N LEU A 362 -33.88 7.68 28.39
CA LEU A 362 -34.06 8.23 29.73
C LEU A 362 -35.36 9.07 29.88
N LYS A 363 -35.64 9.96 28.91
CA LYS A 363 -36.89 10.76 28.82
C LYS A 363 -38.17 9.91 28.89
N GLY A 364 -38.09 8.71 28.32
CA GLY A 364 -39.17 7.72 28.37
C GLY A 364 -39.29 6.87 29.63
N GLN A 365 -38.55 7.19 30.69
CA GLN A 365 -38.78 6.61 32.01
C GLN A 365 -39.19 7.69 33.02
N GLY A 366 -39.46 8.91 32.52
CA GLY A 366 -39.78 10.08 33.35
C GLY A 366 -38.89 10.33 34.56
N ALA A 367 -39.48 10.30 35.76
CA ALA A 367 -38.80 10.60 37.02
C ALA A 367 -37.68 9.62 37.38
N LYS A 368 -37.78 8.36 36.93
CA LYS A 368 -36.69 7.38 37.08
C LYS A 368 -35.38 7.87 36.42
N GLY A 369 -35.51 8.43 35.22
CA GLY A 369 -34.35 8.85 34.45
C GLY A 369 -33.85 10.25 34.72
N GLN A 370 -34.62 11.01 35.48
CA GLN A 370 -34.36 12.45 35.61
C GLN A 370 -32.98 12.80 36.19
N PRO A 371 -32.53 12.12 37.27
CA PRO A 371 -31.14 12.34 37.78
C PRO A 371 -30.06 12.32 36.68
N ALA A 372 -30.10 11.26 35.86
CA ALA A 372 -29.19 11.12 34.72
C ALA A 372 -29.25 12.23 33.65
N LEU A 373 -30.40 12.85 33.45
CA LEU A 373 -30.51 13.91 32.40
C LEU A 373 -30.00 15.24 32.93
N ASP A 374 -30.15 15.41 34.25
CA ASP A 374 -29.54 16.53 34.98
C ASP A 374 -28.01 16.36 35.03
N ALA A 375 -27.57 15.16 35.39
CA ALA A 375 -26.14 14.83 35.29
C ALA A 375 -25.66 15.28 33.90
N HIS A 376 -26.38 14.87 32.85
CA HIS A 376 -25.96 15.19 31.47
C HIS A 376 -25.78 16.64 31.24
N ALA A 377 -26.77 17.50 31.59
CA ALA A 377 -26.63 18.97 31.36
C ALA A 377 -25.48 19.64 32.19
N LYS A 378 -25.32 19.21 33.42
CA LYS A 378 -24.19 19.64 34.27
C LYS A 378 -22.81 19.35 33.59
N LEU A 379 -22.67 18.11 33.10
CA LEU A 379 -21.44 17.74 32.36
C LEU A 379 -21.14 18.68 31.22
N LEU A 380 -22.15 19.12 30.48
CA LEU A 380 -21.91 20.05 29.35
C LEU A 380 -21.55 21.47 29.80
N ASP A 381 -22.06 21.91 30.97
CA ASP A 381 -21.67 23.24 31.53
C ASP A 381 -20.22 23.17 32.02
N LEU A 382 -19.84 22.03 32.64
CA LEU A 382 -18.40 21.83 33.05
C LEU A 382 -17.50 21.85 31.82
N LEU A 383 -17.92 21.20 30.73
CA LEU A 383 -17.19 21.30 29.47
C LEU A 383 -17.04 22.73 29.03
N GLU A 384 -18.12 23.51 29.05
CA GLU A 384 -18.07 24.93 28.59
C GLU A 384 -17.15 25.83 29.42
N GLN A 385 -17.18 25.67 30.73
CA GLN A 385 -16.23 26.41 31.60
C GLN A 385 -14.78 26.11 31.29
N SER A 386 -14.48 24.82 31.08
CA SER A 386 -13.11 24.41 30.76
C SER A 386 -12.74 24.93 29.38
N LYS A 387 -13.66 24.90 28.40
CA LYS A 387 -13.32 25.43 27.05
C LYS A 387 -12.95 26.90 27.13
N ALA A 388 -13.60 27.63 28.05
CA ALA A 388 -13.41 29.10 28.13
C ALA A 388 -11.96 29.50 28.39
N THR A 389 -11.21 28.65 29.09
CA THR A 389 -9.77 28.91 29.34
C THR A 389 -8.84 27.82 28.78
N ARG A 390 -9.31 27.02 27.83
CA ARG A 390 -8.46 25.92 27.30
C ARG A 390 -7.08 26.42 26.87
N ASP A 391 -7.03 27.51 26.10
CA ASP A 391 -5.76 27.96 25.49
C ASP A 391 -4.72 28.39 26.48
N ARG A 392 -5.19 29.10 27.50
CA ARG A 392 -4.36 29.62 28.59
C ARG A 392 -3.78 28.42 29.32
N ASP A 393 -4.67 27.53 29.70
CA ASP A 393 -4.40 26.41 30.55
C ASP A 393 -3.41 25.44 29.95
N LEU A 394 -3.58 25.08 28.68
CA LEU A 394 -2.62 24.22 28.02
C LEU A 394 -1.28 24.93 27.84
N THR A 395 -1.31 26.19 27.40
CA THR A 395 -0.09 26.92 27.06
C THR A 395 0.79 27.19 28.27
N LEU A 396 0.14 27.58 29.35
CA LEU A 396 0.84 27.83 30.62
C LEU A 396 1.46 26.54 31.25
N ALA A 397 0.73 25.43 31.15
CA ALA A 397 1.18 24.13 31.65
C ALA A 397 2.43 23.70 30.89
N LEU A 398 2.41 23.88 29.58
CA LEU A 398 3.52 23.42 28.78
C LEU A 398 4.71 24.32 28.84
N PHE A 399 4.46 25.61 29.01
CA PHE A 399 5.58 26.58 29.29
C PHE A 399 6.28 26.23 30.63
N ASN A 400 5.47 26.01 31.68
CA ASN A 400 5.98 25.56 32.99
C ASN A 400 6.53 24.12 33.03
N ASN A 401 6.48 23.40 31.91
CA ASN A 401 7.06 22.05 31.86
C ASN A 401 8.43 22.03 31.14
N THR A 402 8.94 23.17 30.66
CA THR A 402 10.35 23.26 30.25
C THR A 402 11.22 23.06 31.52
N ALA A 403 12.50 22.79 31.36
CA ALA A 403 13.31 22.17 32.44
C ALA A 403 13.51 23.05 33.67
N MET A 404 13.90 24.30 33.42
CA MET A 404 14.24 25.23 34.50
C MET A 404 13.01 25.78 35.17
N LEU A 405 11.97 26.04 34.39
CA LEU A 405 10.71 26.53 34.97
C LEU A 405 9.94 25.44 35.70
N GLY A 406 9.95 24.21 35.15
CA GLY A 406 9.34 23.06 35.87
C GLY A 406 10.03 22.78 37.17
N SER A 407 11.37 22.75 37.14
CA SER A 407 12.20 22.64 38.36
C SER A 407 11.86 23.71 39.41
N ALA A 408 11.81 24.98 39.00
CA ALA A 408 11.62 26.04 39.97
C ALA A 408 10.23 26.02 40.59
N THR A 409 9.20 25.85 39.78
CA THR A 409 7.82 25.78 40.30
C THR A 409 7.63 24.57 41.20
N GLN A 410 8.10 23.38 40.77
CA GLN A 410 7.99 22.18 41.63
C GLN A 410 8.66 22.37 42.99
N LEU A 411 9.88 22.86 42.98
CA LEU A 411 10.69 23.04 44.17
C LEU A 411 10.12 24.11 45.10
N TYR A 412 9.69 25.23 44.53
CA TYR A 412 8.99 26.23 45.39
C TYR A 412 7.66 25.69 45.98
N ARG A 413 6.84 25.03 45.17
CA ARG A 413 5.58 24.43 45.72
C ARG A 413 5.87 23.45 46.86
N LEU A 414 6.93 22.65 46.70
CA LEU A 414 7.34 21.77 47.79
C LEU A 414 7.68 22.54 49.05
N SER A 415 8.48 23.60 48.94
CA SER A 415 8.79 24.43 50.18
C SER A 415 7.50 24.99 50.87
N ILE A 416 6.45 25.26 50.11
CA ILE A 416 5.15 25.73 50.66
C ILE A 416 4.40 24.59 51.36
N GLU A 417 4.38 23.39 50.76
CA GLU A 417 3.75 22.21 51.38
C GLU A 417 4.50 21.72 52.58
N ARG A 418 5.84 21.78 52.57
CA ARG A 418 6.63 21.43 53.79
C ARG A 418 6.17 22.15 55.07
N GLU A 419 5.60 23.37 54.97
CA GLU A 419 5.13 24.14 56.15
C GLU A 419 3.84 23.51 56.77
N LYS A 420 3.15 22.63 56.04
CA LYS A 420 1.96 21.94 56.57
C LYS A 420 2.33 20.56 57.19
N PRO A 421 1.48 19.99 58.11
CA PRO A 421 1.58 18.56 58.47
C PRO A 421 1.38 17.70 57.25
N ASN A 422 2.06 16.57 57.25
CA ASN A 422 2.04 15.70 56.08
C ASN A 422 0.63 15.38 55.55
N ALA A 423 -0.30 15.16 56.47
CA ALA A 423 -1.67 14.79 56.16
C ALA A 423 -2.42 15.83 55.35
N GLU A 424 -2.08 17.12 55.51
CA GLU A 424 -2.68 18.21 54.70
C GLU A 424 -1.90 18.62 53.44
N ARG A 425 -0.75 17.99 53.18
CA ARG A 425 0.03 18.34 52.01
C ARG A 425 -0.64 17.77 50.74
N GLU A 426 -0.50 18.50 49.66
CA GLU A 426 -1.04 18.14 48.36
C GLU A 426 -0.41 16.81 47.87
N SER A 427 -1.22 16.03 47.16
CA SER A 427 -0.78 14.78 46.56
C SER A 427 0.28 15.15 45.50
N GLY A 428 1.40 14.42 45.48
CA GLY A 428 2.62 14.83 44.74
C GLY A 428 3.71 15.47 45.63
N TYR A 429 3.32 15.96 46.83
CA TYR A 429 4.18 16.73 47.73
C TYR A 429 4.25 16.23 49.17
N GLN A 430 3.77 14.99 49.41
CA GLN A 430 3.86 14.42 50.76
C GLN A 430 5.19 13.70 50.92
N GLU A 431 5.48 13.27 52.13
CA GLU A 431 6.70 12.49 52.40
C GLU A 431 6.89 11.29 51.43
N ARG A 432 5.82 10.52 51.20
CA ARG A 432 5.82 9.38 50.25
C ARG A 432 6.21 9.73 48.79
N ASP A 433 6.13 11.02 48.43
CA ASP A 433 6.48 11.49 47.10
C ASP A 433 7.94 12.04 46.99
N LEU A 434 8.59 12.26 48.13
CA LEU A 434 9.92 12.89 48.17
C LEU A 434 10.95 12.09 47.43
N PRO A 435 10.90 10.74 47.48
CA PRO A 435 11.92 10.04 46.71
C PRO A 435 11.81 10.22 45.19
N ALA A 436 10.59 10.26 44.64
CA ALA A 436 10.39 10.51 43.19
C ALA A 436 10.80 11.93 42.81
N ILE A 437 10.50 12.91 43.67
CA ILE A 437 10.90 14.29 43.37
C ILE A 437 12.45 14.39 43.27
N GLU A 438 13.13 13.79 44.23
CA GLU A 438 14.56 13.91 44.31
C GLU A 438 15.20 13.17 43.11
N GLY A 439 14.69 11.96 42.83
CA GLY A 439 15.10 11.21 41.69
C GLY A 439 14.94 11.92 40.36
N GLY A 440 13.86 12.66 40.21
CA GLY A 440 13.61 13.39 38.96
C GLY A 440 14.56 14.57 38.70
N LEU A 441 14.92 15.26 39.80
CA LEU A 441 15.93 16.29 39.82
C LEU A 441 17.33 15.76 39.38
N LYS A 442 17.65 14.49 39.65
CA LYS A 442 18.90 13.91 39.22
C LYS A 442 18.84 13.33 37.80
N GLN A 443 17.75 12.66 37.46
CA GLN A 443 17.58 12.18 36.09
C GLN A 443 17.62 13.32 35.07
N LEU A 444 17.06 14.47 35.46
CA LEU A 444 17.11 15.66 34.62
C LEU A 444 18.51 15.97 34.03
N GLU A 445 19.57 15.73 34.80
CA GLU A 445 20.95 15.93 34.33
C GLU A 445 21.20 15.27 32.96
N ARG A 446 20.68 14.07 32.76
CA ARG A 446 20.85 13.36 31.52
C ARG A 446 19.92 13.78 30.37
N ARG A 447 19.05 14.75 30.60
CA ARG A 447 17.99 15.18 29.66
C ARG A 447 17.90 16.72 29.54
N TYR A 448 19.00 17.44 29.85
CA TYR A 448 19.01 18.88 29.80
C TYR A 448 20.28 19.36 29.10
N VAL A 449 20.11 20.30 28.18
CA VAL A 449 21.22 21.10 27.62
C VAL A 449 20.68 22.51 27.58
N ALA A 450 21.37 23.41 28.27
CA ALA A 450 20.92 24.78 28.41
C ALA A 450 20.56 25.45 27.10
N ALA A 451 21.42 25.34 26.10
CA ALA A 451 21.13 25.96 24.80
C ALA A 451 19.85 25.38 24.12
N MET A 452 19.63 24.07 24.24
CA MET A 452 18.38 23.50 23.72
C MET A 452 17.19 24.03 24.46
N ASP A 453 17.26 24.01 25.80
CA ASP A 453 16.14 24.43 26.63
C ASP A 453 15.72 25.90 26.43
N ARG A 454 16.72 26.77 26.20
CA ARG A 454 16.48 28.20 25.85
C ARG A 454 15.56 28.33 24.62
N GLN A 455 15.85 27.59 23.56
CA GLN A 455 14.98 27.63 22.41
C GLN A 455 13.55 27.19 22.72
N LEU A 456 13.38 26.22 23.62
CA LEU A 456 12.05 25.75 24.01
C LEU A 456 11.33 26.77 24.89
N GLN A 457 12.06 27.41 25.80
CA GLN A 457 11.49 28.62 26.49
C GLN A 457 10.96 29.67 25.47
N GLU A 458 11.78 29.91 24.45
CA GLU A 458 11.53 30.89 23.41
C GLU A 458 10.26 30.53 22.67
N TYR A 459 10.15 29.27 22.28
CA TYR A 459 8.94 28.83 21.59
C TYR A 459 7.78 29.09 22.47
N TRP A 460 7.85 28.70 23.73
CA TRP A 460 6.68 28.85 24.55
C TRP A 460 6.32 30.32 24.91
N LEU A 461 7.34 31.17 25.01
CA LEU A 461 7.07 32.62 25.21
C LEU A 461 6.36 33.25 24.00
N ASN A 462 6.76 32.84 22.79
CA ASN A 462 6.04 33.24 21.56
C ASN A 462 4.62 32.79 21.50
N GLU A 463 4.34 31.59 22.02
CA GLU A 463 2.98 31.09 22.04
C GLU A 463 2.15 31.79 23.10
N TYR A 464 2.80 32.18 24.20
CA TYR A 464 2.16 32.97 25.22
C TYR A 464 1.71 34.37 24.69
N ILE A 465 2.65 35.08 24.08
CA ILE A 465 2.39 36.35 23.44
C ILE A 465 1.14 36.29 22.54
N LYS A 466 1.07 35.28 21.67
CA LYS A 466 -0.02 35.12 20.71
C LYS A 466 -1.37 34.70 21.33
N LEU A 467 -1.49 34.58 22.66
CA LEU A 467 -2.83 34.52 23.26
C LEU A 467 -3.54 35.90 23.16
N PRO A 468 -4.88 35.90 23.01
CA PRO A 468 -5.56 37.19 23.22
C PRO A 468 -5.42 37.53 24.70
N ALA A 469 -5.45 38.82 25.04
CA ALA A 469 -5.47 39.22 26.45
C ALA A 469 -6.66 38.54 27.22
N ASP A 470 -7.71 38.18 26.48
CA ASP A 470 -8.83 37.29 26.89
C ASP A 470 -8.38 36.01 27.68
N GLN A 471 -7.30 35.39 27.23
CA GLN A 471 -6.79 34.12 27.79
C GLN A 471 -5.48 34.33 28.52
N ARG A 472 -5.26 35.53 29.03
CA ARG A 472 -3.95 35.89 29.55
C ARG A 472 -3.95 35.94 31.05
N VAL A 473 -2.75 35.94 31.58
CA VAL A 473 -2.51 35.77 32.99
C VAL A 473 -1.80 37.00 33.51
N ALA A 474 -2.47 37.71 34.43
CA ALA A 474 -1.98 38.98 34.99
C ALA A 474 -0.52 38.91 35.43
N ALA A 475 -0.15 37.83 36.15
CA ALA A 475 1.22 37.73 36.73
C ALA A 475 2.31 37.47 35.71
N VAL A 476 2.02 36.66 34.69
CA VAL A 476 2.99 36.45 33.60
C VAL A 476 3.15 37.73 32.76
N ASP A 477 2.03 38.38 32.45
CA ASP A 477 2.03 39.69 31.73
C ASP A 477 2.99 40.66 32.42
N ALA A 478 2.73 40.83 33.73
CA ALA A 478 3.55 41.67 34.61
C ALA A 478 5.01 41.26 34.57
N TRP A 479 5.29 39.96 34.73
CA TRP A 479 6.69 39.50 34.83
C TRP A 479 7.44 39.68 33.51
N LEU A 480 6.72 39.55 32.38
CA LEU A 480 7.35 39.76 31.06
C LEU A 480 7.67 41.25 30.81
N GLY A 481 6.70 42.12 31.12
CA GLY A 481 6.93 43.58 31.16
C GLY A 481 6.99 44.15 29.75
N GLY A 482 6.00 43.81 28.93
CA GLY A 482 6.09 44.00 27.48
C GLY A 482 5.48 42.81 26.74
N ASN A 483 4.99 43.06 25.53
CA ASN A 483 4.21 42.09 24.77
C ASN A 483 4.74 41.84 23.36
N ASP A 484 6.06 41.84 23.22
CA ASP A 484 6.72 41.91 21.93
C ASP A 484 8.03 41.12 21.95
N ALA A 485 8.71 41.03 20.81
CA ALA A 485 9.94 40.25 20.66
C ALA A 485 11.08 40.71 21.56
N ALA A 486 11.13 42.02 21.82
CA ALA A 486 12.11 42.59 22.74
C ALA A 486 11.93 42.02 24.15
N ALA A 487 10.68 41.94 24.62
CA ALA A 487 10.28 41.38 25.92
C ALA A 487 10.69 39.88 26.08
N VAL A 488 10.51 39.12 24.99
CA VAL A 488 10.87 37.70 24.91
C VAL A 488 12.38 37.57 25.05
N LYS A 489 13.12 38.33 24.24
CA LYS A 489 14.59 38.33 24.35
C LYS A 489 15.08 38.68 25.77
N ARG A 490 14.41 39.61 26.42
CA ARG A 490 14.80 40.05 27.78
C ARG A 490 14.63 38.93 28.80
N ALA A 491 13.41 38.36 28.78
CA ALA A 491 13.08 37.16 29.57
C ALA A 491 14.11 36.02 29.41
N LEU A 492 14.36 35.67 28.16
CA LEU A 492 15.37 34.67 27.83
C LEU A 492 16.70 35.00 28.47
N ASP A 493 17.12 36.27 28.41
CA ASP A 493 18.44 36.66 28.94
C ASP A 493 18.41 36.72 30.45
N ARG A 494 17.33 37.21 31.02
CA ARG A 494 17.13 37.10 32.47
C ARG A 494 17.24 35.61 32.97
N LEU A 495 16.47 34.70 32.37
CA LEU A 495 16.43 33.30 32.83
C LEU A 495 17.73 32.58 32.59
N ALA A 496 18.54 33.04 31.63
CA ALA A 496 19.86 32.45 31.41
C ALA A 496 20.77 32.56 32.67
N GLY A 497 20.48 33.50 33.54
CA GLY A 497 21.19 33.61 34.80
C GLY A 497 20.91 32.59 35.88
N THR A 498 19.95 31.64 35.65
CA THR A 498 19.60 30.65 36.69
C THR A 498 20.78 29.77 37.02
N LYS A 499 20.86 29.30 38.26
CA LYS A 499 21.80 28.20 38.62
C LYS A 499 21.18 26.79 38.56
N LEU A 500 19.88 26.71 38.29
CA LEU A 500 19.16 25.43 38.36
C LEU A 500 19.54 24.41 37.32
N GLY A 501 20.42 24.79 36.38
CA GLY A 501 20.92 23.86 35.37
C GLY A 501 21.88 22.81 35.90
N SER A 502 22.40 23.01 37.12
CA SER A 502 23.23 21.96 37.72
C SER A 502 22.40 21.14 38.76
N THR A 503 22.56 19.83 38.71
CA THR A 503 21.90 18.91 39.63
C THR A 503 22.09 19.30 41.12
N GLU A 504 23.31 19.67 41.47
CA GLU A 504 23.64 20.04 42.86
C GLU A 504 22.86 21.25 43.36
N GLU A 505 22.72 22.26 42.49
CA GLU A 505 21.88 23.39 42.80
C GLU A 505 20.39 22.99 42.99
N ARG A 506 19.90 22.07 42.13
CA ARG A 506 18.52 21.57 42.28
C ARG A 506 18.33 20.93 43.62
N LEU A 507 19.32 20.14 44.04
CA LEU A 507 19.22 19.42 45.30
C LEU A 507 19.33 20.25 46.53
N LYS A 508 20.11 21.31 46.46
CA LYS A 508 20.11 22.35 47.48
C LYS A 508 18.72 22.96 47.69
N TRP A 509 18.07 23.42 46.63
CA TRP A 509 16.76 24.05 46.75
C TRP A 509 15.70 23.03 47.20
N PHE A 510 15.93 21.75 46.88
CA PHE A 510 15.10 20.63 47.35
C PHE A 510 14.95 20.62 48.86
N ALA A 511 15.98 20.98 49.60
CA ALA A 511 15.91 20.99 51.07
C ALA A 511 15.67 22.36 51.73
N ALA A 512 15.64 23.45 50.96
CA ALA A 512 15.54 24.81 51.53
C ALA A 512 14.07 25.16 51.90
N ASP A 513 13.87 26.14 52.79
CA ASP A 513 12.51 26.51 53.23
C ASP A 513 11.96 27.64 52.35
N ARG A 514 10.69 27.95 52.53
CA ARG A 514 9.98 28.86 51.64
C ARG A 514 10.53 30.32 51.64
N LYS A 515 10.87 30.83 52.82
CA LYS A 515 11.57 32.12 52.93
C LYS A 515 12.84 32.21 52.12
N ALA A 516 13.60 31.13 52.08
CA ALA A 516 14.78 31.14 51.24
C ALA A 516 14.45 31.29 49.75
N PHE A 517 13.40 30.59 49.30
CA PHE A 517 12.99 30.75 47.90
C PHE A 517 12.62 32.23 47.66
N GLU A 518 11.89 32.78 48.61
CA GLU A 518 11.26 34.09 48.48
C GLU A 518 12.27 35.23 48.47
N ALA A 519 13.43 34.96 49.06
CA ALA A 519 14.51 35.90 49.13
C ALA A 519 15.51 35.74 47.96
N SER A 520 15.40 34.67 47.18
CA SER A 520 16.40 34.35 46.17
C SER A 520 16.46 35.34 44.99
N ASN A 521 17.66 35.49 44.45
CA ASN A 521 17.91 36.26 43.24
C ASN A 521 17.90 35.40 42.01
N ASP A 522 17.73 34.07 42.17
CA ASP A 522 17.75 33.18 41.02
C ASP A 522 16.53 33.58 40.16
N PRO A 523 16.77 33.92 38.91
CA PRO A 523 15.66 34.36 38.04
C PRO A 523 14.58 33.27 37.72
N ALA A 524 14.97 31.99 37.67
CA ALA A 524 13.98 30.90 37.55
C ALA A 524 13.10 30.80 38.80
N ILE A 525 13.75 30.88 39.96
CA ILE A 525 13.01 30.95 41.24
C ILE A 525 12.06 32.12 41.35
N GLN A 526 12.54 33.32 41.01
CA GLN A 526 11.66 34.52 41.03
C GLN A 526 10.41 34.36 40.14
N TYR A 527 10.60 33.78 38.97
CA TYR A 527 9.45 33.44 38.14
C TYR A 527 8.47 32.56 38.92
N ALA A 528 8.97 31.51 39.58
CA ALA A 528 8.10 30.62 40.35
C ALA A 528 7.39 31.35 41.47
N VAL A 529 8.10 32.25 42.13
CA VAL A 529 7.50 32.98 43.24
C VAL A 529 6.41 33.95 42.68
N ALA A 530 6.69 34.61 41.56
CA ALA A 530 5.73 35.52 40.95
C ALA A 530 4.43 34.80 40.48
N VAL A 531 4.58 33.59 39.89
CA VAL A 531 3.39 32.88 39.36
C VAL A 531 2.67 32.00 40.36
N MET A 532 3.26 31.68 41.52
CA MET A 532 2.66 30.62 42.35
C MET A 532 1.18 30.90 42.75
N PRO A 533 0.87 32.10 43.31
CA PRO A 533 -0.52 32.47 43.64
C PRO A 533 -1.55 32.19 42.50
N THR A 534 -1.19 32.55 41.29
CA THR A 534 -2.03 32.25 40.11
C THR A 534 -2.22 30.71 39.89
N LEU A 535 -1.09 30.01 39.93
CA LEU A 535 -1.02 28.57 39.84
C LEU A 535 -1.88 27.86 40.87
N LEU A 536 -1.91 28.36 42.10
CA LEU A 536 -2.77 27.75 43.14
C LEU A 536 -4.26 28.01 42.93
N LYS A 537 -4.61 29.23 42.52
CA LYS A 537 -6.01 29.56 42.21
C LYS A 537 -6.50 28.69 41.04
N LEU A 538 -5.71 28.63 39.97
CA LEU A 538 -6.01 27.76 38.85
C LEU A 538 -6.24 26.30 39.27
N GLU A 539 -5.43 25.84 40.23
CA GLU A 539 -5.59 24.51 40.79
C GLU A 539 -6.90 24.42 41.58
N GLN A 540 -7.20 25.41 42.42
CA GLN A 540 -8.52 25.51 43.11
C GLN A 540 -9.69 25.43 42.11
N GLU A 541 -9.59 26.18 41.03
CA GLU A 541 -10.56 26.11 39.97
C GLU A 541 -10.76 24.68 39.46
N ARG A 542 -9.66 23.99 39.08
CA ARG A 542 -9.75 22.60 38.62
C ARG A 542 -10.42 21.70 39.66
N LYS A 543 -10.10 21.86 40.95
CA LYS A 543 -10.64 20.97 41.96
C LYS A 543 -12.15 21.13 42.17
N THR A 544 -12.59 22.36 41.95
CA THR A 544 -14.01 22.75 41.93
C THR A 544 -14.79 22.06 40.81
N ARG A 545 -14.32 22.19 39.57
CA ARG A 545 -14.91 21.44 38.46
C ARG A 545 -14.90 19.92 38.69
N ALA A 546 -13.77 19.41 39.20
CA ALA A 546 -13.65 17.98 39.49
C ALA A 546 -14.69 17.55 40.56
N GLY A 547 -14.96 18.45 41.51
CA GLY A 547 -15.95 18.17 42.55
C GLY A 547 -17.39 18.07 42.06
N GLU A 548 -17.72 18.89 41.08
CA GLU A 548 -18.97 18.81 40.29
C GLU A 548 -19.01 17.54 39.47
N ASN A 549 -17.88 17.21 38.82
CA ASN A 549 -17.74 15.96 38.05
C ASN A 549 -18.07 14.79 38.91
N LEU A 550 -17.53 14.77 40.12
CA LEU A 550 -17.82 13.73 41.11
C LEU A 550 -19.30 13.47 41.45
N ALA A 551 -20.12 14.51 41.40
CA ALA A 551 -21.58 14.35 41.56
C ALA A 551 -22.21 13.82 40.27
N ALA A 552 -21.97 14.52 39.16
CA ALA A 552 -22.67 14.26 37.91
C ALA A 552 -22.22 12.96 37.14
N ARG A 553 -20.91 12.74 37.06
CA ARG A 553 -20.35 11.74 36.16
C ARG A 553 -20.82 10.35 36.55
N PRO A 554 -20.71 10.00 37.84
CA PRO A 554 -21.16 8.64 38.16
C PRO A 554 -22.69 8.33 37.88
N VAL A 555 -23.54 9.36 37.93
CA VAL A 555 -24.97 9.20 37.71
C VAL A 555 -25.20 8.95 36.23
N TYR A 556 -24.63 9.81 35.39
CA TYR A 556 -24.71 9.63 33.96
C TYR A 556 -24.20 8.24 33.51
N LEU A 557 -23.09 7.79 34.09
CA LEU A 557 -22.39 6.61 33.56
C LEU A 557 -23.10 5.33 33.98
N GLN A 558 -23.68 5.34 35.17
CA GLN A 558 -24.54 4.25 35.61
C GLN A 558 -25.73 4.05 34.67
N ALA A 559 -26.28 5.15 34.17
CA ALA A 559 -27.43 5.14 33.30
C ALA A 559 -27.02 4.74 31.88
N LEU A 560 -25.80 5.08 31.49
CA LEU A 560 -25.21 4.63 30.22
C LEU A 560 -25.02 3.09 30.27
N ALA A 561 -24.53 2.59 31.39
CA ALA A 561 -24.38 1.18 31.59
C ALA A 561 -25.76 0.48 31.62
N ASP A 562 -26.74 1.07 32.30
CA ASP A 562 -28.11 0.51 32.37
C ASP A 562 -28.69 0.41 30.93
N TYR A 563 -28.48 1.43 30.10
CA TYR A 563 -28.89 1.43 28.70
C TYR A 563 -28.23 0.32 27.91
N LYS A 564 -26.90 0.27 27.96
CA LYS A 564 -26.17 -0.79 27.26
C LYS A 564 -26.66 -2.17 27.66
N LYS A 565 -26.84 -2.41 28.95
CA LYS A 565 -27.42 -3.68 29.40
C LYS A 565 -28.85 -3.97 28.78
N SER A 566 -29.66 -2.93 28.52
CA SER A 566 -30.92 -3.04 27.75
C SER A 566 -30.73 -3.48 26.31
N GLN A 567 -29.75 -2.91 25.62
CA GLN A 567 -29.39 -3.40 24.31
C GLN A 567 -28.71 -4.78 24.36
N GLY A 568 -28.74 -5.47 25.49
CA GLY A 568 -28.03 -6.74 25.66
C GLY A 568 -26.50 -6.71 25.57
N GLU A 569 -25.87 -5.53 25.64
CA GLU A 569 -24.46 -5.34 25.24
C GLU A 569 -23.41 -5.70 26.30
N PHE A 570 -22.17 -5.84 25.80
CA PHE A 570 -20.91 -5.92 26.55
C PHE A 570 -20.76 -4.69 27.45
N VAL A 571 -20.50 -4.88 28.75
CA VAL A 571 -20.23 -3.73 29.65
C VAL A 571 -18.92 -3.82 30.46
N TYR A 572 -18.01 -2.87 30.24
CA TYR A 572 -16.68 -2.85 30.89
C TYR A 572 -16.30 -1.41 31.06
N PRO A 573 -15.55 -1.07 32.12
CA PRO A 573 -15.17 0.33 32.35
C PRO A 573 -14.04 0.86 31.43
N ASP A 574 -14.08 2.13 31.10
CA ASP A 574 -12.96 2.82 30.47
C ASP A 574 -11.68 2.60 31.26
N ALA A 575 -10.55 2.56 30.53
CA ALA A 575 -9.23 2.16 31.14
C ALA A 575 -8.83 3.26 32.11
N ASN A 576 -8.20 2.90 33.21
CA ASN A 576 -7.88 3.87 34.27
C ASN A 576 -6.58 3.50 35.03
N LEU A 577 -5.63 2.88 34.31
CA LEU A 577 -4.34 2.46 34.84
C LEU A 577 -4.38 1.24 35.74
N SER A 578 -5.51 0.54 35.83
CA SER A 578 -5.57 -0.68 36.62
C SER A 578 -5.46 -1.90 35.72
N LEU A 579 -5.33 -3.05 36.34
CA LEU A 579 -5.07 -4.32 35.69
C LEU A 579 -6.25 -4.76 34.90
N ARG A 580 -6.05 -5.05 33.61
CA ARG A 580 -7.16 -5.51 32.76
C ARG A 580 -6.74 -6.74 31.96
N ILE A 581 -7.76 -7.49 31.51
CA ILE A 581 -7.52 -8.69 30.66
C ILE A 581 -8.22 -8.48 29.36
N THR A 582 -7.51 -8.72 28.27
CA THR A 582 -8.12 -8.70 26.92
C THR A 582 -7.78 -10.06 26.27
N PHE A 583 -8.65 -10.61 25.42
CA PHE A 583 -8.43 -11.96 24.85
C PHE A 583 -9.03 -12.01 23.43
N GLY A 584 -8.63 -13.00 22.68
CA GLY A 584 -9.06 -13.12 21.32
C GLY A 584 -8.16 -14.09 20.60
N ASN A 585 -7.88 -13.79 19.31
CA ASN A 585 -7.19 -14.70 18.44
C ASN A 585 -6.21 -13.95 17.47
N VAL A 586 -5.21 -14.67 17.02
CA VAL A 586 -4.24 -14.19 16.08
C VAL A 586 -4.89 -14.06 14.70
N MET A 587 -4.86 -12.87 14.12
CA MET A 587 -5.54 -12.69 12.89
C MET A 587 -5.11 -11.39 12.28
N GLY A 588 -5.14 -11.32 10.95
CA GLY A 588 -4.92 -10.05 10.23
C GLY A 588 -6.19 -9.25 10.08
N TYR A 589 -6.19 -8.38 9.10
CA TYR A 589 -7.30 -7.52 8.79
C TYR A 589 -7.13 -7.02 7.38
N ALA A 590 -8.25 -6.54 6.86
CA ALA A 590 -8.33 -6.07 5.48
C ALA A 590 -8.41 -4.56 5.47
N PRO A 591 -7.30 -3.87 5.12
CA PRO A 591 -7.30 -2.40 5.09
C PRO A 591 -8.10 -1.76 3.93
N LYS A 592 -8.26 -2.50 2.85
CA LYS A 592 -9.14 -2.11 1.77
C LYS A 592 -9.47 -3.28 0.84
N ASP A 593 -10.50 -3.05 0.01
CA ASP A 593 -10.93 -4.03 -0.96
C ASP A 593 -9.72 -4.48 -1.85
N GLY A 594 -9.65 -5.80 -2.05
CA GLY A 594 -8.65 -6.45 -2.84
C GLY A 594 -7.39 -6.84 -2.08
N MET A 595 -7.37 -6.59 -0.78
CA MET A 595 -6.16 -6.73 -0.03
C MET A 595 -6.40 -7.20 1.41
N GLU A 596 -5.42 -7.86 1.99
CA GLU A 596 -5.50 -8.38 3.33
C GLU A 596 -4.13 -8.44 3.89
N TYR A 597 -3.99 -7.97 5.11
CA TYR A 597 -2.72 -8.16 5.85
C TYR A 597 -2.75 -9.48 6.50
N THR A 598 -1.63 -10.20 6.38
CA THR A 598 -1.50 -11.53 6.93
C THR A 598 -1.12 -11.36 8.41
N PRO A 599 -1.37 -12.37 9.23
CA PRO A 599 -1.14 -12.31 10.66
C PRO A 599 0.30 -12.19 11.09
N PHE A 600 1.27 -12.72 10.32
CA PHE A 600 2.69 -12.72 10.71
C PHE A 600 3.56 -12.01 9.69
N THR A 601 4.65 -11.44 10.18
CA THR A 601 5.77 -11.05 9.39
C THR A 601 6.87 -12.01 9.67
N THR A 602 7.91 -11.97 8.83
CA THR A 602 9.02 -12.99 8.86
C THR A 602 10.38 -12.35 8.69
N LEU A 603 11.45 -13.13 8.89
CA LEU A 603 12.82 -12.60 8.79
C LEU A 603 13.15 -11.99 7.42
N GLU A 604 12.65 -12.62 6.36
CA GLU A 604 12.93 -12.15 4.99
C GLU A 604 12.31 -10.78 4.75
N GLY A 605 11.24 -10.47 5.48
CA GLY A 605 10.61 -9.19 5.36
C GLY A 605 11.40 -8.09 6.04
N VAL A 606 12.12 -8.43 7.11
CA VAL A 606 13.02 -7.45 7.75
C VAL A 606 14.12 -6.98 6.76
N VAL A 607 14.76 -7.98 6.16
CA VAL A 607 15.83 -7.79 5.17
C VAL A 607 15.31 -7.11 3.90
N ALA A 608 14.07 -7.39 3.45
CA ALA A 608 13.58 -6.71 2.23
C ALA A 608 13.46 -5.24 2.48
N LYS A 609 13.34 -4.83 3.73
CA LYS A 609 13.27 -3.40 4.06
C LYS A 609 14.63 -2.72 4.21
N GLU A 610 15.74 -3.47 4.18
CA GLU A 610 17.07 -2.91 4.50
C GLU A 610 17.39 -1.78 3.51
N THR A 611 17.80 -0.62 3.99
CA THR A 611 18.38 0.46 3.13
C THR A 611 19.82 0.84 3.47
N GLY A 612 20.38 0.35 4.57
CA GLY A 612 21.72 0.77 4.97
C GLY A 612 21.76 2.07 5.76
N GLN A 613 20.64 2.80 5.81
CA GLN A 613 20.54 4.04 6.57
C GLN A 613 19.40 4.01 7.60
N ASP A 614 19.54 4.87 8.61
CA ASP A 614 18.50 5.10 9.60
C ASP A 614 17.10 5.33 8.93
N PRO A 615 16.02 4.70 9.41
CA PRO A 615 15.95 3.69 10.45
C PRO A 615 15.82 2.24 9.93
N PHE A 616 16.30 1.96 8.71
CA PHE A 616 16.23 0.62 8.12
C PHE A 616 17.58 -0.03 7.91
N ASP A 617 18.34 -0.10 8.99
CA ASP A 617 19.77 -0.44 9.00
C ASP A 617 20.00 -1.52 10.01
N SER A 618 19.67 -2.75 9.65
CA SER A 618 19.80 -3.88 10.59
C SER A 618 21.32 -4.15 10.81
N PRO A 619 21.68 -4.70 11.97
CA PRO A 619 23.04 -5.13 12.22
C PRO A 619 23.44 -6.16 11.17
N LYS A 620 24.75 -6.27 10.93
CA LYS A 620 25.26 -7.20 9.94
C LYS A 620 25.03 -8.65 10.30
N ALA A 621 25.17 -9.00 11.58
CA ALA A 621 24.89 -10.35 11.99
C ALA A 621 23.42 -10.78 11.65
N LEU A 622 22.46 -9.84 11.62
CA LEU A 622 21.05 -10.14 11.22
C LEU A 622 20.98 -10.41 9.74
N LEU A 623 21.62 -9.53 9.01
CA LEU A 623 21.62 -9.67 7.55
C LEU A 623 22.22 -10.99 7.14
N ASP A 624 23.34 -11.39 7.77
CA ASP A 624 24.03 -12.65 7.44
C ASP A 624 23.25 -13.88 7.85
N ALA A 625 22.66 -13.83 9.03
CA ALA A 625 22.01 -15.03 9.52
C ALA A 625 20.76 -15.30 8.64
N VAL A 626 20.10 -14.22 8.16
CA VAL A 626 18.92 -14.43 7.35
C VAL A 626 19.31 -14.89 5.94
N ALA A 627 20.28 -14.23 5.28
CA ALA A 627 20.79 -14.75 3.99
C ALA A 627 21.30 -16.18 4.08
N ALA A 628 21.87 -16.61 5.20
CA ALA A 628 22.28 -18.03 5.39
C ALA A 628 21.15 -19.00 5.83
N LYS A 629 19.95 -18.47 6.04
CA LYS A 629 18.87 -19.21 6.68
C LYS A 629 19.25 -19.85 8.03
N ARG A 630 19.97 -19.13 8.91
CA ARG A 630 20.16 -19.66 10.29
C ARG A 630 18.96 -19.36 11.20
N TYR A 631 18.00 -20.28 11.16
CA TYR A 631 16.76 -20.15 11.90
C TYR A 631 16.82 -20.61 13.32
N GLY A 632 17.95 -21.21 13.73
CA GLY A 632 18.22 -21.49 15.16
C GLY A 632 17.25 -22.47 15.81
N GLY A 633 16.63 -23.30 14.99
CA GLY A 633 15.58 -24.23 15.51
C GLY A 633 14.21 -23.55 15.78
N LEU A 634 14.01 -22.31 15.30
CA LEU A 634 12.82 -21.51 15.69
C LEU A 634 11.77 -21.30 14.56
N GLU A 635 12.06 -21.87 13.40
CA GLU A 635 11.22 -21.84 12.21
C GLU A 635 9.83 -22.36 12.49
N ASP A 636 8.81 -21.61 12.09
CA ASP A 636 7.48 -22.12 12.13
C ASP A 636 7.27 -22.67 10.72
N LYS A 637 6.90 -23.94 10.71
CA LYS A 637 6.85 -24.69 9.46
C LYS A 637 5.78 -24.07 8.51
N ARG A 638 4.68 -23.56 9.07
CA ARG A 638 3.58 -23.04 8.30
C ARG A 638 3.98 -21.77 7.55
N ILE A 639 4.81 -20.92 8.13
CA ILE A 639 5.25 -19.73 7.42
C ILE A 639 6.60 -19.90 6.71
N GLY A 640 7.32 -21.01 6.96
CA GLY A 640 8.64 -21.23 6.32
C GLY A 640 9.81 -20.34 6.77
N SER A 641 9.69 -19.68 7.92
CA SER A 641 10.72 -18.78 8.45
C SER A 641 10.48 -18.56 9.96
N VAL A 642 11.28 -17.73 10.63
CA VAL A 642 11.03 -17.41 12.08
C VAL A 642 10.03 -16.24 12.05
N PRO A 643 8.94 -16.33 12.78
CA PRO A 643 8.04 -15.16 12.79
C PRO A 643 8.66 -13.96 13.57
N VAL A 644 8.40 -12.76 13.12
CA VAL A 644 8.89 -11.51 13.72
C VAL A 644 7.79 -10.82 14.56
N ASN A 645 6.78 -10.27 13.91
CA ASN A 645 5.67 -9.70 14.58
C ASN A 645 4.38 -10.37 14.16
N TYR A 646 3.32 -10.18 14.93
CA TYR A 646 2.00 -10.68 14.60
C TYR A 646 0.88 -9.74 15.06
N LEU A 647 -0.21 -9.85 14.30
CA LEU A 647 -1.47 -9.16 14.54
C LEU A 647 -2.43 -10.03 15.38
N SER A 648 -3.25 -9.39 16.21
CA SER A 648 -4.40 -10.08 16.86
C SER A 648 -5.55 -9.14 17.13
N ASP A 649 -6.74 -9.67 17.35
CA ASP A 649 -7.88 -8.83 17.69
C ASP A 649 -8.01 -8.45 19.21
N LEU A 650 -6.93 -8.37 19.93
CA LEU A 650 -6.94 -7.85 21.32
C LEU A 650 -7.18 -6.35 21.37
N ASP A 651 -7.59 -5.87 22.55
CA ASP A 651 -8.03 -4.48 22.76
C ASP A 651 -7.09 -3.78 23.72
N ILE A 652 -6.11 -3.05 23.20
CA ILE A 652 -5.14 -2.42 24.07
C ILE A 652 -5.01 -0.93 23.79
N THR A 653 -4.38 -0.23 24.73
CA THR A 653 -4.06 1.17 24.66
C THR A 653 -2.75 1.49 25.36
N GLY A 654 -2.38 2.77 25.37
CA GLY A 654 -1.12 3.21 25.97
C GLY A 654 -1.13 2.73 27.42
N GLY A 655 -0.03 2.11 27.84
CA GLY A 655 0.10 1.49 29.17
C GLY A 655 0.26 -0.04 29.03
N ASN A 656 -0.25 -0.60 27.94
CA ASN A 656 -0.17 -2.05 27.69
C ASN A 656 1.10 -2.49 27.10
N SER A 657 1.91 -1.55 26.58
CA SER A 657 3.19 -1.92 26.07
C SER A 657 3.98 -2.72 27.08
N GLY A 658 4.58 -3.79 26.62
CA GLY A 658 5.35 -4.61 27.48
C GLY A 658 4.52 -5.74 28.09
N SER A 659 3.18 -5.75 27.95
CA SER A 659 2.34 -6.78 28.50
C SER A 659 2.70 -8.15 27.82
N PRO A 660 2.77 -9.23 28.62
CA PRO A 660 2.95 -10.55 27.96
C PRO A 660 1.67 -11.01 27.24
N VAL A 661 1.89 -11.63 26.09
CA VAL A 661 0.85 -12.27 25.35
C VAL A 661 0.97 -13.74 25.74
N LEU A 662 -0.15 -14.30 26.20
CA LEU A 662 -0.17 -15.69 26.63
C LEU A 662 -1.06 -16.49 25.67
N ASP A 663 -0.70 -17.74 25.51
CA ASP A 663 -1.48 -18.69 24.71
C ASP A 663 -2.51 -19.42 25.56
N ALA A 664 -3.22 -20.38 24.92
CA ALA A 664 -4.27 -21.18 25.55
C ALA A 664 -3.95 -21.82 26.90
N HIS A 665 -2.68 -22.11 27.14
CA HIS A 665 -2.19 -22.67 28.36
C HIS A 665 -1.47 -21.69 29.21
N GLY A 666 -1.68 -20.38 29.01
CA GLY A 666 -0.94 -19.42 29.83
C GLY A 666 0.59 -19.34 29.69
N LYS A 667 1.13 -19.85 28.59
CA LYS A 667 2.55 -19.67 28.22
C LYS A 667 2.83 -18.41 27.34
N LEU A 668 4.01 -17.89 27.48
CA LEU A 668 4.49 -16.71 26.78
C LEU A 668 4.70 -16.88 25.24
N VAL A 669 3.90 -16.16 24.43
CA VAL A 669 4.06 -16.18 22.97
C VAL A 669 4.43 -14.84 22.30
N GLY A 670 4.67 -13.84 23.12
CA GLY A 670 5.12 -12.55 22.62
C GLY A 670 4.94 -11.47 23.64
N LEU A 671 5.24 -10.25 23.24
CA LEU A 671 5.00 -9.01 24.01
C LEU A 671 4.14 -8.04 23.15
N ALA A 672 3.10 -7.43 23.75
CA ALA A 672 2.37 -6.34 23.12
C ALA A 672 3.31 -5.15 22.96
N PHE A 673 3.29 -4.50 21.81
CA PHE A 673 4.00 -3.20 21.72
C PHE A 673 3.36 -2.06 20.95
N ASP A 674 2.41 -2.38 20.05
CA ASP A 674 1.79 -1.31 19.26
C ASP A 674 0.42 -1.73 18.78
N ARG A 675 -0.21 -0.79 18.06
CA ARG A 675 -1.49 -0.98 17.41
C ARG A 675 -1.30 -0.55 15.97
N ASN A 676 -2.03 -1.14 15.06
CA ASN A 676 -2.11 -0.63 13.70
C ASN A 676 -2.75 0.78 13.55
N TRP A 677 -2.32 1.46 12.48
CA TRP A 677 -2.76 2.77 12.09
C TRP A 677 -4.26 3.01 12.15
N GLU A 678 -5.04 2.13 11.53
CA GLU A 678 -6.50 2.37 11.48
C GLU A 678 -7.21 2.19 12.84
N SER A 679 -6.58 1.51 13.78
CA SER A 679 -7.22 1.22 15.11
C SER A 679 -7.14 2.35 16.12
N VAL A 680 -6.26 3.32 15.96
CA VAL A 680 -5.98 4.20 17.10
C VAL A 680 -7.17 5.09 17.51
N SER A 681 -8.08 5.37 16.53
CA SER A 681 -9.40 6.00 16.86
C SER A 681 -10.28 5.19 17.80
N SER A 682 -10.00 3.89 17.98
CA SER A 682 -10.74 3.05 18.91
C SER A 682 -10.70 3.46 20.40
N ASN A 683 -9.84 4.40 20.72
CA ASN A 683 -9.88 5.03 22.05
C ASN A 683 -11.21 5.80 22.37
N TRP A 684 -11.85 6.29 21.31
CA TRP A 684 -13.11 6.99 21.34
C TRP A 684 -14.29 6.20 20.77
N VAL A 685 -14.15 5.71 19.55
CA VAL A 685 -15.17 4.85 18.99
C VAL A 685 -14.55 3.56 18.46
N PHE A 686 -14.93 2.43 19.03
CA PHE A 686 -14.33 1.16 18.71
C PHE A 686 -14.67 0.68 17.28
N ASP A 687 -13.68 0.15 16.52
CA ASP A 687 -13.97 -0.40 15.21
C ASP A 687 -13.48 -1.83 15.11
N PRO A 688 -14.38 -2.82 15.22
CA PRO A 688 -13.88 -4.22 15.34
C PRO A 688 -13.04 -4.73 14.10
N LYS A 689 -13.40 -4.27 12.92
CA LYS A 689 -12.84 -4.74 11.66
C LYS A 689 -11.37 -4.43 11.51
N MET A 690 -10.95 -3.24 11.95
CA MET A 690 -9.58 -2.81 11.83
C MET A 690 -8.87 -2.51 13.17
N THR A 691 -9.37 -3.04 14.30
CA THR A 691 -8.69 -2.85 15.58
C THR A 691 -7.89 -4.09 15.89
N ARG A 692 -6.56 -3.96 15.75
CA ARG A 692 -5.65 -5.05 16.10
C ARG A 692 -4.47 -4.62 16.99
N MET A 693 -3.98 -5.53 17.83
CA MET A 693 -2.73 -5.38 18.54
C MET A 693 -1.55 -5.91 17.69
N ILE A 694 -0.43 -5.21 17.77
CA ILE A 694 0.81 -5.68 17.20
C ILE A 694 1.71 -6.19 18.34
N ALA A 695 2.19 -7.43 18.22
CA ALA A 695 3.05 -8.06 19.21
C ALA A 695 4.34 -8.55 18.53
N VAL A 696 5.42 -8.63 19.32
CA VAL A 696 6.70 -9.23 18.92
C VAL A 696 6.68 -10.71 19.34
N ASP A 697 6.94 -11.61 18.41
CA ASP A 697 6.85 -13.07 18.74
C ASP A 697 8.01 -13.43 19.71
N GLY A 698 7.73 -14.33 20.67
CA GLY A 698 8.69 -14.84 21.60
C GLY A 698 9.81 -15.55 20.91
N ARG A 699 9.54 -16.14 19.76
CA ARG A 699 10.58 -16.76 18.90
C ARG A 699 11.55 -15.77 18.26
N TYR A 700 11.10 -14.55 17.95
CA TYR A 700 12.02 -13.55 17.39
C TYR A 700 12.98 -13.03 18.44
N LEU A 701 12.45 -12.85 19.63
CA LEU A 701 13.20 -12.47 20.80
C LEU A 701 14.25 -13.56 21.07
N ARG A 702 13.85 -14.83 21.14
CA ARG A 702 14.84 -15.89 21.23
C ARG A 702 15.87 -15.86 20.09
N TRP A 703 15.38 -15.73 18.85
CA TRP A 703 16.27 -15.74 17.70
C TRP A 703 17.30 -14.64 17.72
N ILE A 704 16.89 -13.43 18.08
CA ILE A 704 17.83 -12.29 18.20
C ILE A 704 18.93 -12.63 19.25
N MET A 705 18.51 -13.23 20.34
CA MET A 705 19.39 -13.47 21.46
C MET A 705 20.32 -14.70 21.24
N GLN A 706 20.00 -15.57 20.25
CA GLN A 706 20.83 -16.71 19.84
C GLN A 706 21.72 -16.31 18.65
N GLU A 707 21.17 -15.58 17.66
CA GLU A 707 21.88 -15.36 16.39
C GLU A 707 22.42 -13.93 16.14
N VAL A 708 21.89 -12.93 16.81
CA VAL A 708 22.21 -11.55 16.34
C VAL A 708 22.97 -10.72 17.36
N TYR A 709 22.48 -10.71 18.59
CA TYR A 709 23.09 -9.92 19.65
C TYR A 709 23.00 -10.78 20.87
N PRO A 710 24.00 -11.70 20.99
CA PRO A 710 23.69 -12.91 21.79
C PRO A 710 23.75 -12.66 23.29
N ALA A 711 22.90 -13.37 24.02
CA ALA A 711 22.88 -13.36 25.46
C ALA A 711 22.55 -14.76 25.91
N PRO A 712 23.51 -15.72 25.74
CA PRO A 712 23.23 -17.14 26.16
C PRO A 712 22.96 -17.38 27.68
N GLN A 713 23.54 -16.55 28.55
CA GLN A 713 23.23 -16.61 29.98
C GLN A 713 21.72 -16.32 30.29
N LEU A 714 21.12 -15.33 29.59
CA LEU A 714 19.69 -15.08 29.80
C LEU A 714 18.85 -16.24 29.23
N LEU A 715 19.20 -16.73 28.03
CA LEU A 715 18.49 -17.85 27.47
C LEU A 715 18.47 -19.10 28.38
N LYS A 716 19.66 -19.45 28.89
CA LYS A 716 19.84 -20.47 29.95
C LYS A 716 18.98 -20.21 31.21
N GLU A 717 19.05 -19.01 31.81
CA GLU A 717 18.17 -18.66 32.98
C GLU A 717 16.69 -18.89 32.72
N MET A 718 16.23 -18.69 31.48
CA MET A 718 14.80 -18.90 31.14
C MET A 718 14.53 -20.29 30.58
N ASN A 719 15.56 -21.12 30.59
CA ASN A 719 15.46 -22.55 30.22
C ASN A 719 15.03 -22.70 28.79
N VAL A 720 15.64 -21.88 27.95
CA VAL A 720 15.53 -21.99 26.50
C VAL A 720 16.95 -21.83 25.89
N GLY A 721 17.97 -22.40 26.55
CA GLY A 721 19.32 -22.45 26.00
C GLY A 721 20.23 -23.19 26.95
N GLY B 25 -0.40 -21.19 -14.79
CA GLY B 25 1.07 -20.93 -14.58
C GLY B 25 1.66 -20.56 -15.94
N GLU B 26 2.98 -20.64 -16.03
CA GLU B 26 3.75 -20.31 -17.23
C GLU B 26 3.37 -21.04 -18.49
N GLY B 27 3.32 -20.33 -19.59
CA GLY B 27 3.23 -20.98 -20.90
C GLY B 27 2.11 -20.49 -21.83
N MET B 28 2.50 -20.04 -23.01
CA MET B 28 1.54 -19.66 -24.02
C MET B 28 1.57 -20.79 -25.03
N TRP B 29 0.74 -21.80 -24.78
CA TRP B 29 0.80 -23.07 -25.45
C TRP B 29 0.16 -22.99 -26.82
N VAL B 30 0.89 -23.48 -27.83
CA VAL B 30 0.27 -23.65 -29.15
C VAL B 30 -0.75 -24.81 -29.09
N PRO B 31 -1.83 -24.71 -29.85
CA PRO B 31 -2.80 -25.79 -29.89
C PRO B 31 -2.23 -27.17 -30.28
N GLN B 32 -1.12 -27.19 -31.02
CA GLN B 32 -0.51 -28.45 -31.45
C GLN B 32 0.15 -29.17 -30.22
N GLN B 33 0.37 -28.44 -29.11
CA GLN B 33 0.87 -28.98 -27.81
C GLN B 33 -0.19 -29.46 -26.83
N LEU B 34 -1.46 -29.36 -27.20
CA LEU B 34 -2.54 -29.89 -26.35
C LEU B 34 -2.36 -31.29 -25.73
N PRO B 35 -1.78 -32.24 -26.53
CA PRO B 35 -1.42 -33.57 -25.98
C PRO B 35 -0.45 -33.53 -24.80
N GLU B 36 0.65 -32.80 -24.89
CA GLU B 36 1.60 -32.63 -23.77
C GLU B 36 1.00 -31.86 -22.54
N ILE B 37 0.03 -30.99 -22.74
CA ILE B 37 -0.55 -30.29 -21.60
C ILE B 37 -1.87 -30.91 -21.16
N ALA B 38 -2.39 -31.91 -21.92
CA ALA B 38 -3.62 -32.66 -21.53
C ALA B 38 -3.67 -33.07 -20.05
N GLY B 39 -2.58 -33.59 -19.51
CA GLY B 39 -2.55 -34.07 -18.10
C GLY B 39 -2.55 -32.93 -17.11
N PRO B 40 -1.62 -31.98 -17.26
CA PRO B 40 -1.61 -30.80 -16.39
C PRO B 40 -2.91 -29.98 -16.44
N LEU B 41 -3.57 -29.99 -17.56
CA LEU B 41 -4.88 -29.36 -17.71
C LEU B 41 -5.95 -29.98 -16.74
N LYS B 42 -6.05 -31.31 -16.76
CA LYS B 42 -6.93 -32.07 -15.87
C LYS B 42 -6.63 -31.83 -14.39
N LYS B 43 -5.37 -31.82 -14.01
CA LYS B 43 -4.95 -31.61 -12.63
C LYS B 43 -5.31 -30.19 -12.11
N ALA B 44 -5.25 -29.20 -12.99
CA ALA B 44 -5.65 -27.84 -12.66
C ALA B 44 -7.19 -27.75 -12.51
N GLY B 45 -7.93 -28.65 -13.13
CA GLY B 45 -9.36 -28.74 -12.92
C GLY B 45 -10.22 -28.75 -14.16
N LEU B 46 -9.64 -28.75 -15.37
CA LEU B 46 -10.43 -28.83 -16.61
C LEU B 46 -11.29 -30.11 -16.59
N LYS B 47 -12.60 -29.97 -16.83
CA LYS B 47 -13.53 -31.10 -16.83
C LYS B 47 -14.07 -31.42 -18.27
N LEU B 48 -13.77 -30.58 -19.27
CA LEU B 48 -13.92 -31.00 -20.66
C LEU B 48 -12.69 -31.85 -21.03
N SER B 49 -12.88 -32.62 -22.07
CA SER B 49 -11.83 -33.39 -22.66
C SER B 49 -10.82 -32.49 -23.34
N PRO B 50 -9.52 -32.79 -23.27
CA PRO B 50 -8.56 -32.06 -24.09
C PRO B 50 -8.86 -32.10 -25.61
N GLN B 51 -9.48 -33.17 -26.09
CA GLN B 51 -9.78 -33.28 -27.52
C GLN B 51 -10.85 -32.27 -27.95
N GLN B 52 -11.85 -31.99 -27.09
CA GLN B 52 -12.83 -30.95 -27.36
C GLN B 52 -12.19 -29.53 -27.42
N ILE B 53 -11.19 -29.28 -26.60
CA ILE B 53 -10.46 -28.01 -26.60
C ILE B 53 -9.54 -27.94 -27.84
N SER B 54 -9.07 -29.09 -28.30
CA SER B 54 -8.23 -29.21 -29.50
C SER B 54 -8.93 -28.88 -30.81
N ASP B 55 -10.26 -28.97 -30.85
CA ASP B 55 -11.01 -28.65 -32.04
C ASP B 55 -11.18 -27.11 -32.16
N LEU B 56 -10.25 -26.51 -32.88
CA LEU B 56 -10.17 -25.06 -32.97
C LEU B 56 -11.32 -24.41 -33.69
N THR B 57 -12.12 -25.20 -34.42
CA THR B 57 -13.35 -24.68 -35.03
C THR B 57 -14.62 -25.24 -34.39
N GLY B 58 -14.53 -25.92 -33.23
CA GLY B 58 -15.71 -26.41 -32.52
C GLY B 58 -16.19 -25.63 -31.26
N ASP B 59 -17.03 -26.28 -30.46
CA ASP B 59 -17.48 -25.73 -29.21
C ASP B 59 -16.37 -26.06 -28.17
N PRO B 60 -15.76 -25.09 -27.47
CA PRO B 60 -16.03 -23.64 -27.48
C PRO B 60 -14.96 -22.77 -28.21
N MET B 61 -13.94 -23.40 -28.78
CA MET B 61 -12.81 -22.63 -29.31
C MET B 61 -13.12 -21.89 -30.63
N GLY B 62 -14.06 -22.43 -31.39
CA GLY B 62 -14.61 -21.76 -32.57
C GLY B 62 -15.31 -20.46 -32.34
N ALA B 63 -15.74 -20.21 -31.11
CA ALA B 63 -16.24 -18.88 -30.70
C ALA B 63 -15.20 -17.74 -30.56
N VAL B 64 -13.95 -18.11 -30.39
CA VAL B 64 -12.90 -17.17 -30.10
C VAL B 64 -12.40 -16.52 -31.41
N VAL B 65 -12.35 -15.18 -31.45
CA VAL B 65 -11.94 -14.48 -32.71
C VAL B 65 -10.79 -13.50 -32.49
N ALA B 66 -10.15 -13.13 -33.60
CA ALA B 66 -9.10 -12.10 -33.56
C ALA B 66 -9.69 -10.83 -34.11
N LEU B 67 -9.41 -9.71 -33.44
CA LEU B 67 -9.71 -8.38 -33.92
C LEU B 67 -8.51 -7.65 -34.66
N GLY B 68 -7.30 -8.23 -34.65
CA GLY B 68 -6.09 -7.52 -35.08
C GLY B 68 -5.50 -6.67 -33.97
N GLY B 69 -4.77 -7.27 -33.01
CA GLY B 69 -4.28 -6.53 -31.81
C GLY B 69 -5.05 -6.70 -30.52
N CYS B 70 -6.18 -7.40 -30.58
CA CYS B 70 -6.99 -7.78 -29.38
C CYS B 70 -7.70 -9.07 -29.76
N THR B 71 -8.27 -9.69 -28.74
CA THR B 71 -9.04 -10.89 -28.88
C THR B 71 -10.51 -10.49 -28.59
N ALA B 72 -11.40 -11.32 -29.09
CA ALA B 72 -12.80 -11.26 -28.73
C ALA B 72 -13.45 -12.62 -28.85
N SER B 73 -14.77 -12.67 -28.65
CA SER B 73 -15.54 -13.93 -28.80
C SER B 73 -17.01 -13.67 -29.13
N PHE B 74 -17.60 -14.63 -29.83
CA PHE B 74 -19.03 -14.62 -30.12
C PHE B 74 -19.76 -15.06 -28.90
N VAL B 75 -20.84 -14.37 -28.57
CA VAL B 75 -21.69 -14.69 -27.45
C VAL B 75 -23.18 -14.69 -27.81
N SER B 76 -23.53 -14.73 -29.09
CA SER B 76 -24.91 -15.04 -29.49
C SER B 76 -24.90 -15.65 -30.89
N PRO B 77 -25.95 -16.40 -31.24
CA PRO B 77 -26.04 -16.90 -32.63
C PRO B 77 -26.29 -15.82 -33.69
N ASN B 78 -26.54 -14.58 -33.27
CA ASN B 78 -26.77 -13.46 -34.15
C ASN B 78 -25.56 -12.52 -34.23
N GLY B 79 -24.37 -13.06 -34.04
CA GLY B 79 -23.15 -12.32 -34.38
C GLY B 79 -22.67 -11.31 -33.33
N LEU B 80 -23.30 -11.29 -32.14
CA LEU B 80 -22.85 -10.47 -31.02
C LEU B 80 -21.44 -10.89 -30.55
N VAL B 81 -20.57 -9.89 -30.38
CA VAL B 81 -19.17 -10.16 -30.05
C VAL B 81 -18.84 -9.37 -28.80
N VAL B 82 -18.14 -9.99 -27.86
CA VAL B 82 -17.71 -9.24 -26.60
C VAL B 82 -16.22 -9.14 -26.59
N THR B 83 -15.71 -8.00 -26.13
CA THR B 83 -14.27 -7.75 -26.04
C THR B 83 -14.14 -6.68 -24.97
N ASN B 84 -12.94 -6.13 -24.79
CA ASN B 84 -12.76 -5.09 -23.81
C ASN B 84 -13.21 -3.71 -24.31
N HIS B 85 -13.59 -2.84 -23.36
CA HIS B 85 -13.72 -1.40 -23.60
C HIS B 85 -12.44 -0.81 -24.23
N HIS B 86 -11.27 -1.10 -23.64
CA HIS B 86 -10.03 -0.55 -24.24
C HIS B 86 -9.69 -1.09 -25.63
N CYS B 87 -10.24 -2.22 -25.98
CA CYS B 87 -10.10 -2.75 -27.35
C CYS B 87 -11.06 -2.03 -28.33
N ALA B 88 -12.27 -1.70 -27.88
CA ALA B 88 -13.25 -0.99 -28.64
C ALA B 88 -13.03 0.55 -28.62
N TYR B 89 -12.02 1.02 -27.88
CA TYR B 89 -11.84 2.44 -27.56
C TYR B 89 -11.71 3.26 -28.91
N GLY B 90 -10.91 2.76 -29.83
CA GLY B 90 -10.70 3.36 -31.14
C GLY B 90 -11.99 3.60 -31.89
N ALA B 91 -12.79 2.54 -31.97
CA ALA B 91 -14.14 2.57 -32.57
C ALA B 91 -15.09 3.50 -31.86
N ILE B 92 -15.02 3.53 -30.52
CA ILE B 92 -15.85 4.43 -29.76
C ILE B 92 -15.42 5.90 -30.03
N GLN B 93 -14.14 6.16 -29.93
CA GLN B 93 -13.55 7.47 -30.25
C GLN B 93 -13.89 7.97 -31.66
N LEU B 94 -13.89 7.08 -32.67
CA LEU B 94 -14.22 7.44 -34.06
C LEU B 94 -15.67 7.90 -34.21
N ASN B 95 -16.57 7.43 -33.34
CA ASN B 95 -17.96 7.84 -33.34
C ASN B 95 -18.22 8.93 -32.33
N SER B 96 -17.20 9.59 -31.82
CA SER B 96 -17.37 10.60 -30.80
C SER B 96 -16.94 12.01 -31.32
N THR B 97 -17.54 13.04 -30.73
CA THR B 97 -17.18 14.43 -30.92
C THR B 97 -17.17 15.05 -29.54
N ALA B 98 -16.68 16.29 -29.47
CA ALA B 98 -16.75 17.09 -28.27
C ALA B 98 -18.20 17.24 -27.79
N GLU B 99 -19.15 17.31 -28.72
CA GLU B 99 -20.56 17.59 -28.36
C GLU B 99 -21.26 16.34 -27.94
N ASN B 100 -21.01 15.23 -28.64
CA ASN B 100 -21.60 13.92 -28.36
C ASN B 100 -20.44 12.90 -28.13
N ASN B 101 -19.96 12.86 -26.91
CA ASN B 101 -18.75 12.11 -26.55
C ASN B 101 -19.11 10.73 -25.96
N LEU B 102 -19.05 9.69 -26.79
CA LEU B 102 -19.42 8.32 -26.38
C LEU B 102 -18.44 7.68 -25.38
N ILE B 103 -17.16 8.11 -25.43
CA ILE B 103 -16.12 7.66 -24.53
C ILE B 103 -16.63 7.97 -23.14
N LYS B 104 -16.97 9.24 -22.87
CA LYS B 104 -17.49 9.60 -21.54
C LYS B 104 -18.93 9.07 -21.25
N ASN B 105 -19.83 9.03 -22.24
CA ASN B 105 -21.25 8.80 -21.94
C ASN B 105 -21.68 7.35 -22.09
N GLY B 106 -20.87 6.58 -22.82
CA GLY B 106 -21.22 5.25 -23.21
C GLY B 106 -22.04 5.28 -24.50
N PHE B 107 -22.42 4.08 -24.97
CA PHE B 107 -23.24 3.85 -26.12
C PHE B 107 -24.12 2.65 -25.94
N ASN B 108 -25.34 2.74 -26.44
CA ASN B 108 -26.28 1.62 -26.37
C ASN B 108 -27.26 1.67 -27.56
N ALA B 109 -27.21 0.68 -28.42
CA ALA B 109 -28.06 0.51 -29.56
C ALA B 109 -29.36 -0.24 -29.17
N PRO B 110 -30.50 0.47 -28.94
CA PRO B 110 -31.70 -0.34 -28.52
C PRO B 110 -32.13 -1.43 -29.56
N THR B 111 -31.85 -1.20 -30.84
CA THR B 111 -32.00 -2.27 -31.81
C THR B 111 -30.80 -2.29 -32.67
N THR B 112 -30.69 -3.38 -33.39
CA THR B 112 -29.76 -3.58 -34.47
C THR B 112 -29.50 -2.37 -35.42
N ALA B 113 -30.57 -1.71 -35.89
CA ALA B 113 -30.45 -0.56 -36.77
C ALA B 113 -29.80 0.61 -36.11
N ASP B 114 -29.77 0.63 -34.77
CA ASP B 114 -29.14 1.74 -34.03
C ASP B 114 -27.56 1.63 -33.92
N GLU B 115 -27.02 0.51 -34.28
CA GLU B 115 -25.58 0.18 -34.09
C GLU B 115 -24.82 1.02 -35.08
N VAL B 116 -23.73 1.64 -34.63
CA VAL B 116 -22.88 2.47 -35.55
C VAL B 116 -21.60 1.78 -35.99
N SER B 117 -21.20 2.00 -37.24
CA SER B 117 -20.04 1.33 -37.78
C SER B 117 -18.84 1.55 -36.87
N ALA B 118 -18.01 0.52 -36.71
CA ALA B 118 -16.78 0.63 -35.87
C ALA B 118 -15.62 1.26 -36.61
N GLY B 119 -15.82 1.44 -37.92
CA GLY B 119 -14.90 2.18 -38.75
C GLY B 119 -14.49 1.29 -39.90
N PRO B 120 -13.95 1.88 -40.95
CA PRO B 120 -13.65 1.08 -42.14
C PRO B 120 -12.57 0.02 -41.95
N ASN B 121 -11.66 0.20 -41.01
CA ASN B 121 -10.59 -0.80 -40.79
C ASN B 121 -10.87 -1.83 -39.68
N ALA B 122 -12.04 -1.71 -39.03
CA ALA B 122 -12.47 -2.65 -37.98
C ALA B 122 -12.63 -4.02 -38.65
N ARG B 123 -12.19 -5.05 -37.95
CA ARG B 123 -12.25 -6.40 -38.46
C ARG B 123 -12.65 -7.41 -37.38
N VAL B 124 -13.24 -8.55 -37.85
CA VAL B 124 -13.35 -9.79 -37.03
C VAL B 124 -12.84 -10.90 -37.86
N PHE B 125 -11.80 -11.60 -37.39
CA PHE B 125 -11.23 -12.75 -38.10
C PHE B 125 -11.68 -14.05 -37.41
N VAL B 126 -12.38 -14.92 -38.16
CA VAL B 126 -12.86 -16.21 -37.68
C VAL B 126 -11.97 -17.32 -38.27
N LEU B 127 -11.30 -18.05 -37.38
CA LEU B 127 -10.40 -19.12 -37.81
C LEU B 127 -11.15 -20.19 -38.61
N ASP B 128 -10.57 -20.50 -39.75
CA ASP B 128 -11.08 -21.51 -40.68
C ASP B 128 -10.12 -22.72 -40.78
N GLU B 129 -8.81 -22.50 -40.95
CA GLU B 129 -7.88 -23.62 -41.17
C GLU B 129 -6.48 -23.22 -40.83
N ILE B 130 -5.70 -24.18 -40.33
CA ILE B 130 -4.29 -24.04 -40.03
C ILE B 130 -3.57 -25.12 -40.82
N THR B 131 -2.42 -24.76 -41.43
CA THR B 131 -1.58 -25.67 -42.23
C THR B 131 -0.10 -25.50 -41.86
N ASP B 132 0.61 -26.62 -41.70
CA ASP B 132 2.08 -26.59 -41.50
C ASP B 132 2.76 -26.55 -42.87
N VAL B 133 3.60 -25.53 -43.08
CA VAL B 133 4.30 -25.29 -44.37
C VAL B 133 5.79 -25.15 -44.13
N THR B 134 6.25 -25.61 -42.98
CA THR B 134 7.67 -25.51 -42.58
C THR B 134 8.69 -26.00 -43.65
N LYS B 135 8.38 -27.10 -44.33
CA LYS B 135 9.35 -27.74 -45.26
C LYS B 135 9.46 -26.97 -46.56
N ASP B 136 8.33 -26.58 -47.10
CA ASP B 136 8.33 -25.68 -48.24
C ASP B 136 9.05 -24.33 -47.91
N ALA B 137 8.73 -23.73 -46.76
CA ALA B 137 9.34 -22.48 -46.40
C ALA B 137 10.84 -22.62 -46.27
N LYS B 138 11.31 -23.61 -45.52
CA LYS B 138 12.77 -23.76 -45.32
C LYS B 138 13.51 -24.03 -46.65
N ALA B 139 12.87 -24.67 -47.61
CA ALA B 139 13.51 -24.88 -48.93
C ALA B 139 13.47 -23.63 -49.84
N ALA B 140 12.47 -22.78 -49.71
CA ALA B 140 12.49 -21.50 -50.43
C ALA B 140 13.64 -20.64 -49.95
N ILE B 141 13.91 -20.70 -48.64
CA ILE B 141 15.00 -19.93 -48.04
C ILE B 141 16.40 -20.46 -48.43
N ALA B 142 16.57 -21.77 -48.28
CA ALA B 142 17.87 -22.42 -48.59
C ALA B 142 18.24 -22.27 -50.11
N ALA B 143 17.23 -22.25 -50.98
CA ALA B 143 17.45 -21.94 -52.40
C ALA B 143 18.16 -20.59 -52.67
N ALA B 144 18.19 -19.64 -51.74
CA ALA B 144 18.94 -18.37 -51.90
C ALA B 144 20.43 -18.51 -51.61
N GLY B 145 20.85 -19.66 -51.11
CA GLY B 145 22.24 -20.04 -51.02
C GLY B 145 23.29 -18.99 -50.74
N ASP B 146 23.30 -18.49 -49.51
CA ASP B 146 24.42 -17.70 -48.89
C ASP B 146 24.34 -16.17 -48.92
N ASP B 147 23.43 -15.61 -49.70
CA ASP B 147 23.19 -14.18 -49.75
C ASP B 147 22.03 -13.78 -48.77
N ALA B 148 22.35 -12.94 -47.80
CA ALA B 148 21.41 -12.53 -46.78
C ALA B 148 20.16 -11.85 -47.36
N LEU B 149 20.34 -10.82 -48.20
CA LEU B 149 19.21 -10.08 -48.73
C LEU B 149 18.35 -10.94 -49.64
N ALA B 150 19.00 -11.79 -50.42
CA ALA B 150 18.29 -12.75 -51.23
C ALA B 150 17.45 -13.73 -50.37
N ARG B 151 17.96 -14.09 -49.20
CA ARG B 151 17.22 -14.97 -48.30
C ARG B 151 15.85 -14.34 -47.89
N THR B 152 15.89 -13.08 -47.50
CA THR B 152 14.69 -12.34 -47.16
C THR B 152 13.70 -12.34 -48.31
N LYS B 153 14.19 -12.03 -49.51
CA LYS B 153 13.36 -11.93 -50.74
C LYS B 153 12.82 -13.26 -51.16
N ALA B 154 13.56 -14.32 -50.92
CA ALA B 154 12.97 -15.65 -51.18
C ALA B 154 11.74 -15.95 -50.24
N LEU B 155 11.93 -15.72 -48.95
CA LEU B 155 10.85 -15.85 -47.97
C LEU B 155 9.66 -14.94 -48.35
N GLU B 156 9.92 -13.69 -48.72
CA GLU B 156 8.83 -12.78 -49.12
C GLU B 156 8.09 -13.31 -50.32
N ALA B 157 8.84 -13.87 -51.28
CA ALA B 157 8.24 -14.40 -52.52
C ALA B 157 7.40 -15.65 -52.21
N PHE B 158 7.98 -16.55 -51.43
CA PHE B 158 7.23 -17.70 -50.93
C PHE B 158 5.89 -17.30 -50.23
N GLU B 159 6.02 -16.39 -49.25
CA GLU B 159 4.88 -15.94 -48.48
C GLU B 159 3.79 -15.32 -49.38
N LYS B 160 4.18 -14.45 -50.30
CA LYS B 160 3.19 -13.71 -51.12
C LYS B 160 2.36 -14.64 -52.01
N LYS B 161 3.02 -15.68 -52.54
CA LYS B 161 2.40 -16.73 -53.37
C LYS B 161 1.44 -17.66 -52.55
N LEU B 162 1.93 -18.11 -51.41
CA LEU B 162 1.15 -18.88 -50.45
C LEU B 162 -0.10 -18.12 -50.07
N ILE B 163 0.07 -16.82 -49.81
CA ILE B 163 -1.05 -16.00 -49.36
C ILE B 163 -2.08 -15.77 -50.49
N ALA B 164 -1.58 -15.55 -51.71
CA ALA B 164 -2.46 -15.32 -52.86
C ALA B 164 -3.23 -16.61 -53.20
N ASP B 165 -2.55 -17.75 -53.11
CA ASP B 165 -3.23 -19.03 -53.29
C ASP B 165 -4.31 -19.25 -52.22
N CYS B 166 -3.94 -19.04 -50.97
CA CYS B 166 -4.87 -19.15 -49.85
C CYS B 166 -6.05 -18.18 -49.93
N GLU B 167 -5.83 -16.96 -50.44
CA GLU B 167 -6.89 -15.96 -50.53
C GLU B 167 -7.70 -16.01 -51.81
N ALA B 168 -7.44 -17.03 -52.63
CA ALA B 168 -8.23 -17.27 -53.83
C ALA B 168 -9.71 -17.49 -53.53
N GLU B 169 -10.06 -18.17 -52.44
CA GLU B 169 -11.46 -18.19 -52.01
C GLU B 169 -11.87 -16.80 -51.42
N ALA B 170 -12.89 -16.18 -51.99
CA ALA B 170 -13.30 -14.85 -51.57
C ALA B 170 -13.83 -14.81 -50.17
N GLY B 171 -13.55 -13.70 -49.47
CA GLY B 171 -13.93 -13.47 -48.07
C GLY B 171 -12.97 -13.96 -46.97
N PHE B 172 -11.85 -14.55 -47.39
CA PHE B 172 -10.81 -15.04 -46.50
C PHE B 172 -9.51 -14.22 -46.61
N ARG B 173 -8.85 -14.02 -45.47
CA ARG B 173 -7.53 -13.37 -45.37
C ARG B 173 -6.64 -14.32 -44.59
N CYS B 174 -5.40 -14.40 -45.02
CA CYS B 174 -4.48 -15.45 -44.59
C CYS B 174 -3.25 -14.77 -44.01
N ARG B 175 -2.49 -15.54 -43.25
CA ARG B 175 -1.35 -15.03 -42.59
C ARG B 175 -0.37 -16.15 -42.33
N LEU B 176 0.88 -15.89 -42.61
CA LEU B 176 1.92 -16.82 -42.36
C LEU B 176 2.63 -16.47 -41.08
N TYR B 177 2.74 -17.46 -40.16
CA TYR B 177 3.46 -17.30 -38.93
C TYR B 177 4.74 -18.11 -38.89
N SER B 178 5.78 -17.52 -38.33
CA SER B 178 7.06 -18.18 -38.00
C SER B 178 7.14 -18.32 -36.50
N PHE B 179 7.45 -19.52 -36.07
CA PHE B 179 7.56 -19.91 -34.66
C PHE B 179 9.02 -20.24 -34.35
N SER B 180 9.49 -19.90 -33.15
CA SER B 180 10.81 -20.36 -32.60
C SER B 180 11.95 -19.97 -33.53
N GLY B 181 11.94 -18.69 -33.87
CA GLY B 181 12.90 -18.06 -34.75
C GLY B 181 12.94 -18.59 -36.16
N GLY B 182 11.85 -19.15 -36.70
CA GLY B 182 11.91 -19.76 -38.01
C GLY B 182 12.12 -21.27 -38.12
N ASN B 183 11.90 -22.00 -37.03
CA ASN B 183 12.00 -23.47 -37.08
C ASN B 183 10.74 -24.04 -37.52
N THR B 184 9.62 -23.36 -37.31
CA THR B 184 8.32 -23.88 -37.73
C THR B 184 7.57 -22.76 -38.41
N TYR B 185 6.83 -23.06 -39.48
CA TYR B 185 5.97 -22.05 -40.11
C TYR B 185 4.62 -22.65 -40.25
N ARG B 186 3.59 -21.86 -40.03
CA ARG B 186 2.22 -22.30 -40.19
C ARG B 186 1.43 -21.17 -40.78
N LEU B 187 0.47 -21.52 -41.63
CA LEU B 187 -0.39 -20.63 -42.34
C LEU B 187 -1.76 -20.72 -41.69
N PHE B 188 -2.37 -19.58 -41.38
CA PHE B 188 -3.72 -19.54 -40.86
C PHE B 188 -4.59 -18.93 -41.93
N LYS B 189 -5.76 -19.51 -42.12
CA LYS B 189 -6.74 -18.97 -43.04
C LYS B 189 -7.93 -18.61 -42.18
N ASN B 190 -8.45 -17.40 -42.39
CA ASN B 190 -9.49 -16.76 -41.62
C ASN B 190 -10.65 -16.21 -42.46
N LEU B 191 -11.89 -16.43 -42.07
CA LEU B 191 -12.97 -15.58 -42.55
C LEU B 191 -12.73 -14.15 -42.06
N GLU B 192 -12.70 -13.19 -42.98
CA GLU B 192 -12.50 -11.76 -42.68
C GLU B 192 -13.81 -11.04 -42.65
N ILE B 193 -14.34 -10.77 -41.48
CA ILE B 193 -15.53 -9.94 -41.44
C ILE B 193 -15.12 -8.46 -41.50
N LYS B 194 -15.73 -7.71 -42.42
CA LYS B 194 -15.32 -6.31 -42.69
C LYS B 194 -16.38 -5.29 -42.36
N ASP B 195 -17.53 -5.72 -41.87
CA ASP B 195 -18.50 -4.81 -41.36
C ASP B 195 -18.70 -5.11 -39.88
N VAL B 196 -18.04 -4.31 -39.05
CA VAL B 196 -18.14 -4.45 -37.60
C VAL B 196 -18.80 -3.22 -37.08
N ARG B 197 -19.81 -3.38 -36.22
CA ARG B 197 -20.50 -2.26 -35.63
C ARG B 197 -20.51 -2.35 -34.10
N LEU B 198 -20.61 -1.21 -33.51
CA LEU B 198 -20.59 -1.06 -32.09
C LEU B 198 -22.01 -1.20 -31.58
N ALA B 199 -22.24 -2.16 -30.67
CA ALA B 199 -23.58 -2.37 -30.07
C ALA B 199 -23.71 -1.80 -28.67
N TYR B 200 -22.61 -1.77 -27.91
CA TYR B 200 -22.67 -1.29 -26.52
C TYR B 200 -21.30 -0.99 -25.98
N ALA B 201 -21.21 0.11 -25.23
CA ALA B 201 -20.05 0.40 -24.46
C ALA B 201 -20.50 1.08 -23.19
N PRO B 202 -19.97 0.67 -22.03
CA PRO B 202 -20.37 1.39 -20.82
C PRO B 202 -19.73 2.77 -20.82
N PRO B 203 -20.16 3.66 -19.95
CA PRO B 203 -19.46 4.95 -19.86
C PRO B 203 -17.98 4.73 -19.48
N GLY B 204 -17.12 5.69 -19.82
CA GLY B 204 -15.69 5.64 -19.65
C GLY B 204 -15.26 5.49 -18.21
N SER B 205 -16.03 6.07 -17.32
CA SER B 205 -15.81 5.94 -15.90
C SER B 205 -16.17 4.54 -15.33
N VAL B 206 -16.81 3.67 -16.13
CA VAL B 206 -16.89 2.22 -15.90
C VAL B 206 -15.83 1.51 -16.68
N GLY B 207 -15.86 1.62 -18.02
CA GLY B 207 -14.92 0.99 -18.92
C GLY B 207 -13.46 1.16 -18.57
N LYS B 208 -13.12 2.33 -18.02
CA LYS B 208 -11.75 2.70 -17.68
C LYS B 208 -11.69 3.39 -16.31
N PHE B 209 -12.39 2.80 -15.35
CA PHE B 209 -12.47 3.34 -14.00
C PHE B 209 -11.04 3.29 -13.46
N GLY B 210 -10.62 4.39 -12.84
CA GLY B 210 -9.28 4.54 -12.31
C GLY B 210 -8.24 4.99 -13.31
N GLY B 211 -8.61 5.02 -14.61
CA GLY B 211 -7.81 5.71 -15.64
C GLY B 211 -6.38 5.17 -15.65
N ASP B 212 -5.45 6.05 -15.90
CA ASP B 212 -4.03 5.69 -15.96
C ASP B 212 -3.36 5.45 -14.57
N ILE B 213 -4.00 5.94 -13.50
CA ILE B 213 -3.58 5.70 -12.09
C ILE B 213 -3.65 4.20 -11.77
N ASP B 214 -4.76 3.55 -12.15
CA ASP B 214 -4.94 2.12 -11.87
C ASP B 214 -4.48 1.21 -13.00
N ASN B 215 -4.15 1.78 -14.17
CA ASN B 215 -3.57 0.98 -15.26
C ASN B 215 -2.35 0.19 -14.80
N TRP B 216 -2.29 -1.06 -15.22
CA TRP B 216 -1.27 -2.02 -14.75
C TRP B 216 -1.28 -2.33 -13.21
N MET B 217 -2.39 -2.07 -12.52
CA MET B 217 -2.43 -2.21 -11.05
C MET B 217 -3.56 -3.11 -10.57
N TRP B 218 -3.25 -3.78 -9.45
CA TRP B 218 -4.18 -4.40 -8.54
C TRP B 218 -3.99 -3.74 -7.14
N PRO B 219 -5.04 -3.51 -6.36
CA PRO B 219 -6.47 -3.85 -6.68
C PRO B 219 -7.09 -3.03 -7.81
N ARG B 220 -7.94 -3.69 -8.56
CA ARG B 220 -8.54 -3.15 -9.76
C ARG B 220 -10.07 -3.23 -9.68
N HIS B 221 -10.74 -2.20 -10.22
CA HIS B 221 -12.19 -2.00 -10.13
C HIS B 221 -12.83 -1.50 -11.44
N THR B 222 -12.41 -2.11 -12.54
CA THR B 222 -12.66 -1.63 -13.89
C THR B 222 -13.54 -2.60 -14.68
N GLY B 223 -14.67 -2.06 -15.17
CA GLY B 223 -15.61 -2.80 -16.00
C GLY B 223 -15.18 -2.66 -17.44
N ASP B 224 -14.05 -3.30 -17.76
CA ASP B 224 -13.42 -3.27 -19.08
C ASP B 224 -14.03 -4.18 -20.09
N PHE B 225 -15.21 -3.80 -20.58
CA PHE B 225 -15.95 -4.57 -21.56
C PHE B 225 -16.75 -3.68 -22.52
N ALA B 226 -17.10 -4.25 -23.68
CA ALA B 226 -17.91 -3.63 -24.72
C ALA B 226 -18.34 -4.66 -25.72
N PHE B 227 -19.35 -4.33 -26.52
CA PHE B 227 -19.84 -5.26 -27.52
C PHE B 227 -19.88 -4.66 -28.94
N TYR B 228 -19.45 -5.51 -29.87
CA TYR B 228 -19.65 -5.34 -31.29
C TYR B 228 -20.73 -6.33 -31.85
N ARG B 229 -21.18 -6.08 -33.07
CA ARG B 229 -21.91 -7.08 -33.83
C ARG B 229 -21.30 -7.17 -35.19
N ALA B 230 -21.10 -8.39 -35.65
CA ALA B 230 -20.46 -8.71 -36.88
C ALA B 230 -21.54 -8.79 -37.97
N TYR B 231 -21.24 -8.29 -39.17
CA TYR B 231 -22.15 -8.30 -40.35
C TYR B 231 -21.53 -8.87 -41.65
N VAL B 232 -22.36 -9.49 -42.49
CA VAL B 232 -21.98 -9.97 -43.81
C VAL B 232 -23.07 -9.56 -44.80
N GLY B 233 -22.84 -9.79 -46.10
CA GLY B 233 -23.84 -9.53 -47.14
C GLY B 233 -25.01 -10.49 -47.00
N LYS B 234 -26.11 -10.19 -47.68
CA LYS B 234 -27.28 -11.06 -47.70
C LYS B 234 -26.95 -12.40 -48.27
N ASP B 235 -25.97 -12.45 -49.17
CA ASP B 235 -25.45 -13.73 -49.67
C ASP B 235 -24.65 -14.52 -48.66
N GLY B 236 -24.39 -13.94 -47.49
CA GLY B 236 -23.64 -14.59 -46.43
C GLY B 236 -22.14 -14.50 -46.57
N LYS B 237 -21.67 -13.75 -47.58
CA LYS B 237 -20.22 -13.55 -47.81
C LYS B 237 -19.79 -12.18 -47.20
N PRO B 238 -18.55 -12.07 -46.69
CA PRO B 238 -18.19 -10.78 -46.05
C PRO B 238 -18.33 -9.65 -47.03
N ALA B 239 -18.63 -8.45 -46.54
CA ALA B 239 -18.78 -7.29 -47.41
C ALA B 239 -18.48 -6.05 -46.63
N ALA B 240 -18.01 -4.98 -47.27
CA ALA B 240 -17.75 -3.76 -46.50
C ALA B 240 -19.05 -3.13 -46.06
N PHE B 241 -18.95 -2.13 -45.19
CA PHE B 241 -20.14 -1.56 -44.59
C PHE B 241 -21.23 -1.29 -45.68
N SER B 242 -22.47 -1.73 -45.43
CA SER B 242 -23.65 -1.37 -46.23
C SER B 242 -24.92 -1.54 -45.40
N LYS B 243 -25.92 -0.68 -45.59
CA LYS B 243 -27.26 -0.83 -44.96
C LYS B 243 -27.98 -2.12 -45.32
N ASP B 244 -27.55 -2.84 -46.35
CA ASP B 244 -28.17 -4.12 -46.76
C ASP B 244 -27.46 -5.35 -46.23
N ASN B 245 -26.36 -5.19 -45.48
CA ASN B 245 -25.74 -6.31 -44.78
C ASN B 245 -26.59 -6.72 -43.57
N VAL B 246 -26.38 -7.96 -43.16
CA VAL B 246 -27.16 -8.55 -42.07
C VAL B 246 -26.17 -9.16 -41.06
N PRO B 247 -26.64 -9.43 -39.83
CA PRO B 247 -25.78 -10.05 -38.82
C PRO B 247 -25.19 -11.36 -39.28
N TYR B 248 -23.90 -11.58 -39.08
CA TYR B 248 -23.29 -12.87 -39.27
C TYR B 248 -23.89 -13.91 -38.27
N GLN B 249 -23.92 -15.19 -38.64
CA GLN B 249 -24.50 -16.24 -37.79
C GLN B 249 -23.35 -17.13 -37.45
N PRO B 250 -22.65 -16.91 -36.34
CA PRO B 250 -21.52 -17.82 -36.11
C PRO B 250 -21.94 -19.28 -35.92
N LYS B 251 -21.04 -20.16 -36.31
CA LYS B 251 -21.19 -21.59 -36.04
C LYS B 251 -21.15 -21.90 -34.52
N HIS B 252 -20.30 -21.17 -33.76
CA HIS B 252 -20.18 -21.35 -32.32
C HIS B 252 -20.11 -20.02 -31.55
N TRP B 253 -20.67 -20.06 -30.34
CA TRP B 253 -20.69 -18.93 -29.44
C TRP B 253 -20.51 -19.45 -28.00
N LEU B 254 -20.13 -18.54 -27.12
CA LEU B 254 -19.94 -18.82 -25.71
C LEU B 254 -21.23 -18.59 -24.89
N LYS B 255 -21.39 -19.36 -23.82
CA LYS B 255 -22.47 -19.17 -22.83
C LYS B 255 -21.93 -18.77 -21.47
N PHE B 256 -22.67 -17.92 -20.78
CA PHE B 256 -22.26 -17.48 -19.46
C PHE B 256 -22.32 -18.63 -18.51
N ALA B 257 -21.40 -18.61 -17.54
CA ALA B 257 -21.37 -19.59 -16.51
C ALA B 257 -22.66 -19.54 -15.69
N ASP B 258 -23.15 -20.72 -15.33
CA ASP B 258 -24.22 -20.91 -14.33
C ASP B 258 -23.69 -21.19 -12.90
N GLN B 259 -22.44 -21.56 -12.75
CA GLN B 259 -21.84 -21.81 -11.44
C GLN B 259 -20.98 -20.57 -11.07
N PRO B 260 -21.06 -20.10 -9.82
CA PRO B 260 -20.25 -18.97 -9.35
C PRO B 260 -18.75 -19.28 -9.33
N LEU B 261 -17.91 -18.42 -9.92
CA LEU B 261 -16.47 -18.61 -9.92
C LEU B 261 -15.92 -18.20 -8.54
N GLY B 262 -15.08 -19.03 -7.93
CA GLY B 262 -14.46 -18.68 -6.63
C GLY B 262 -13.00 -19.00 -6.64
N ALA B 263 -12.33 -18.59 -5.57
CA ALA B 263 -10.90 -18.73 -5.35
C ALA B 263 -10.46 -20.18 -5.52
N GLY B 264 -9.36 -20.42 -6.25
CA GLY B 264 -8.90 -21.77 -6.52
C GLY B 264 -9.47 -22.41 -7.79
N ASP B 265 -10.57 -21.89 -8.36
CA ASP B 265 -11.20 -22.54 -9.51
C ASP B 265 -10.29 -22.46 -10.71
N PHE B 266 -10.30 -23.54 -11.47
CA PHE B 266 -9.78 -23.60 -12.83
C PHE B 266 -10.33 -22.53 -13.79
N VAL B 267 -9.40 -21.87 -14.49
CA VAL B 267 -9.74 -20.92 -15.54
C VAL B 267 -8.76 -21.16 -16.68
N MET B 268 -9.21 -20.87 -17.89
CA MET B 268 -8.34 -20.90 -19.05
C MET B 268 -8.69 -19.75 -19.97
N VAL B 269 -7.68 -19.34 -20.73
CA VAL B 269 -7.79 -18.31 -21.75
C VAL B 269 -7.27 -18.83 -23.08
N ALA B 270 -8.02 -18.57 -24.15
CA ALA B 270 -7.53 -18.74 -25.51
C ALA B 270 -7.53 -17.34 -26.14
N GLY B 271 -6.46 -16.98 -26.84
CA GLY B 271 -6.43 -15.71 -27.54
C GLY B 271 -5.13 -15.47 -28.29
N TYR B 272 -4.82 -14.20 -28.64
CA TYR B 272 -3.76 -13.94 -29.63
C TYR B 272 -2.66 -13.05 -29.07
N PRO B 273 -1.86 -13.58 -28.12
CA PRO B 273 -0.77 -12.79 -27.63
C PRO B 273 0.21 -12.32 -28.77
N GLY B 274 0.62 -11.05 -28.69
CA GLY B 274 1.42 -10.38 -29.71
C GLY B 274 2.85 -10.83 -29.79
N SER B 275 3.58 -10.52 -28.73
CA SER B 275 5.01 -10.70 -28.70
C SER B 275 5.55 -10.90 -27.27
N THR B 276 6.40 -11.91 -27.06
CA THR B 276 7.23 -12.06 -25.87
C THR B 276 8.68 -12.25 -26.27
N ASN B 277 9.60 -12.00 -25.35
CA ASN B 277 11.05 -11.96 -25.67
C ASN B 277 11.85 -12.79 -24.69
N ARG B 278 11.24 -13.86 -24.23
CA ARG B 278 11.83 -14.74 -23.21
C ARG B 278 13.08 -15.51 -23.66
N TYR B 279 13.26 -15.71 -24.96
CA TYR B 279 14.42 -16.38 -25.51
C TYR B 279 15.40 -15.42 -26.20
N ALA B 280 15.28 -14.12 -25.98
CA ALA B 280 16.20 -13.21 -26.54
C ALA B 280 17.60 -13.43 -25.93
N LEU B 281 18.63 -12.91 -26.61
CA LEU B 281 20.03 -12.92 -26.12
C LEU B 281 20.13 -11.95 -24.98
N ALA B 282 21.09 -12.18 -24.07
CA ALA B 282 21.31 -11.32 -22.89
C ALA B 282 21.62 -9.88 -23.28
N ALA B 283 22.39 -9.73 -24.35
CA ALA B 283 22.67 -8.41 -24.90
C ALA B 283 21.42 -7.77 -25.55
N GLU B 284 20.55 -8.55 -26.17
CA GLU B 284 19.30 -7.99 -26.69
C GLU B 284 18.43 -7.44 -25.53
N PHE B 285 18.38 -8.18 -24.43
CA PHE B 285 17.78 -7.68 -23.19
C PHE B 285 18.42 -6.41 -22.71
N ASP B 286 19.76 -6.35 -22.59
CA ASP B 286 20.30 -5.12 -22.02
C ASP B 286 20.20 -3.86 -22.89
N ASN B 287 20.15 -4.00 -24.21
CA ASN B 287 19.88 -2.87 -25.08
C ASN B 287 18.42 -2.33 -24.82
N THR B 288 17.50 -3.27 -24.71
CA THR B 288 16.10 -2.94 -24.43
C THR B 288 15.93 -2.23 -23.11
N ALA B 289 16.54 -2.80 -22.08
CA ALA B 289 16.43 -2.22 -20.73
C ALA B 289 17.11 -0.87 -20.63
N GLN B 290 18.31 -0.82 -21.19
CA GLN B 290 19.13 0.40 -21.04
C GLN B 290 18.89 1.47 -22.06
N TRP B 291 18.44 1.10 -23.26
CA TRP B 291 18.20 2.11 -24.26
C TRP B 291 16.73 2.20 -24.74
N THR B 292 16.15 1.11 -25.25
CA THR B 292 14.88 1.19 -25.98
C THR B 292 13.73 1.69 -25.07
N TYR B 293 13.58 1.03 -23.94
CA TYR B 293 12.50 1.39 -22.99
C TYR B 293 12.51 2.80 -22.45
N PRO B 294 13.63 3.22 -21.84
CA PRO B 294 13.73 4.62 -21.41
C PRO B 294 13.54 5.71 -22.49
N THR B 295 14.03 5.46 -23.70
CA THR B 295 13.96 6.42 -24.80
C THR B 295 12.52 6.64 -25.24
N ILE B 296 11.84 5.52 -25.46
CA ILE B 296 10.45 5.52 -25.88
C ILE B 296 9.57 6.11 -24.80
N ALA B 297 9.77 5.63 -23.60
CA ALA B 297 9.02 6.13 -22.46
C ALA B 297 9.08 7.62 -22.41
N ARG B 298 10.30 8.14 -22.53
CA ARG B 298 10.53 9.59 -22.41
C ARG B 298 9.80 10.35 -23.51
N HIS B 299 9.89 9.88 -24.75
CA HIS B 299 9.21 10.51 -25.92
C HIS B 299 7.70 10.53 -25.73
N TYR B 300 7.17 9.42 -25.22
CA TYR B 300 5.74 9.28 -25.04
C TYR B 300 5.24 10.24 -23.96
N LYS B 301 5.95 10.30 -22.82
CA LYS B 301 5.62 11.27 -21.78
C LYS B 301 5.76 12.76 -22.17
N ASN B 302 6.71 13.07 -23.04
CA ASN B 302 6.82 14.43 -23.52
C ASN B 302 5.65 14.75 -24.38
N GLN B 303 5.19 13.80 -25.23
CA GLN B 303 4.07 14.05 -26.11
C GLN B 303 2.73 14.12 -25.34
N ILE B 304 2.57 13.19 -24.40
CA ILE B 304 1.46 13.23 -23.42
C ILE B 304 1.32 14.59 -22.80
N ALA B 305 2.41 15.08 -22.26
CA ALA B 305 2.44 16.40 -21.64
C ALA B 305 1.93 17.49 -22.58
N MET B 306 2.37 17.49 -23.84
CA MET B 306 1.90 18.53 -24.79
C MET B 306 0.41 18.39 -25.12
N VAL B 307 -0.04 17.17 -25.32
CA VAL B 307 -1.43 17.00 -25.79
C VAL B 307 -2.43 17.21 -24.63
N GLU B 308 -2.04 16.84 -23.42
CA GLU B 308 -2.87 17.07 -22.23
C GLU B 308 -3.15 18.56 -22.05
N ALA B 309 -2.08 19.36 -22.07
CA ALA B 309 -2.12 20.81 -21.96
C ALA B 309 -2.99 21.42 -23.04
N ALA B 310 -2.80 21.01 -24.30
CA ALA B 310 -3.68 21.54 -25.38
C ALA B 310 -5.11 21.15 -25.20
N GLY B 311 -5.31 19.90 -24.78
CA GLY B 311 -6.63 19.35 -24.63
C GLY B 311 -7.45 19.95 -23.50
N LYS B 312 -6.77 20.46 -22.47
CA LYS B 312 -7.39 21.24 -21.37
C LYS B 312 -8.10 22.47 -21.91
N GLN B 313 -7.42 23.18 -22.80
CA GLN B 313 -7.97 24.35 -23.48
C GLN B 313 -8.97 24.06 -24.64
N ASN B 314 -8.97 22.85 -25.20
CA ASN B 314 -9.69 22.58 -26.46
C ASN B 314 -10.31 21.21 -26.47
N ALA B 315 -11.65 21.15 -26.35
CA ALA B 315 -12.32 19.91 -26.24
C ALA B 315 -12.21 19.09 -27.52
N ASP B 316 -12.05 19.75 -28.66
CA ASP B 316 -11.97 19.02 -29.96
C ASP B 316 -10.64 18.22 -30.01
N ILE B 317 -9.55 18.81 -29.53
CA ILE B 317 -8.22 18.14 -29.41
C ILE B 317 -8.33 16.97 -28.42
N GLN B 318 -9.03 17.19 -27.32
CA GLN B 318 -9.08 16.17 -26.28
C GLN B 318 -9.72 14.88 -26.85
N VAL B 319 -10.83 15.03 -27.56
CA VAL B 319 -11.51 13.87 -28.16
C VAL B 319 -10.76 13.28 -29.34
N LYS B 320 -10.18 14.11 -30.22
CA LYS B 320 -9.51 13.61 -31.41
C LYS B 320 -8.21 12.86 -31.08
N TYR B 321 -7.51 13.24 -30.01
CA TYR B 321 -6.30 12.56 -29.60
C TYR B 321 -6.47 11.51 -28.51
N ALA B 322 -7.71 11.21 -28.10
CA ALA B 322 -7.96 10.35 -26.93
C ALA B 322 -7.38 8.92 -27.08
N ALA B 323 -7.53 8.34 -28.28
CA ALA B 323 -7.05 7.00 -28.55
C ALA B 323 -5.54 6.95 -28.58
N THR B 324 -4.92 7.98 -29.17
CA THR B 324 -3.47 8.13 -29.21
C THR B 324 -2.84 8.33 -27.81
N MET B 325 -3.42 9.24 -27.03
CA MET B 325 -3.09 9.42 -25.63
C MET B 325 -3.26 8.13 -24.79
N ALA B 326 -4.35 7.37 -25.02
CA ALA B 326 -4.52 6.06 -24.32
C ALA B 326 -3.32 5.17 -24.59
N GLY B 327 -2.92 5.08 -25.86
CA GLY B 327 -1.73 4.24 -26.24
C GLY B 327 -0.39 4.67 -25.63
N TRP B 328 -0.09 5.99 -25.72
CA TRP B 328 1.14 6.53 -25.13
C TRP B 328 1.21 6.29 -23.65
N ASN B 329 0.11 6.60 -22.97
CA ASN B 329 0.03 6.35 -21.51
C ASN B 329 0.28 4.90 -21.25
N ASN B 330 -0.50 4.04 -21.91
CA ASN B 330 -0.38 2.61 -21.64
C ASN B 330 1.07 2.08 -21.82
N THR B 331 1.67 2.42 -22.95
CA THR B 331 2.99 1.89 -23.28
C THR B 331 4.05 2.47 -22.39
N SER B 332 4.00 3.79 -22.09
CA SER B 332 5.05 4.35 -21.33
C SER B 332 5.02 3.80 -19.89
N LYS B 333 3.82 3.58 -19.35
CA LYS B 333 3.71 3.10 -17.96
C LYS B 333 4.13 1.62 -17.95
N ASN B 334 3.73 0.87 -18.95
CA ASN B 334 4.25 -0.49 -19.04
C ASN B 334 5.79 -0.50 -18.92
N TYR B 335 6.45 0.31 -19.74
CA TYR B 335 7.93 0.33 -19.82
C TYR B 335 8.56 0.73 -18.49
N ASP B 336 8.01 1.72 -17.80
CA ASP B 336 8.42 2.00 -16.38
C ASP B 336 8.24 0.80 -15.44
N GLY B 337 7.16 0.05 -15.59
CA GLY B 337 6.96 -1.09 -14.77
C GLY B 337 7.94 -2.19 -15.12
N GLN B 338 8.25 -2.35 -16.42
CA GLN B 338 9.22 -3.38 -16.80
C GLN B 338 10.58 -3.08 -16.22
N LEU B 339 10.99 -1.81 -16.26
CA LEU B 339 12.31 -1.45 -15.73
C LEU B 339 12.36 -1.73 -14.22
N GLU B 340 11.33 -1.30 -13.50
CA GLU B 340 11.22 -1.62 -12.05
C GLU B 340 11.23 -3.13 -11.79
N GLY B 341 10.54 -3.92 -12.60
CA GLY B 341 10.54 -5.34 -12.38
C GLY B 341 11.88 -5.96 -12.64
N PHE B 342 12.62 -5.44 -13.64
CA PHE B 342 13.98 -5.94 -13.96
C PHE B 342 14.90 -5.88 -12.73
N LYS B 343 14.91 -4.73 -12.07
CA LYS B 343 15.69 -4.52 -10.83
C LYS B 343 15.20 -5.40 -9.70
N ARG B 344 13.88 -5.54 -9.53
CA ARG B 344 13.33 -6.41 -8.48
C ARG B 344 13.77 -7.86 -8.62
N ILE B 345 13.80 -8.40 -9.84
CA ILE B 345 14.14 -9.85 -9.98
C ILE B 345 15.59 -10.09 -10.46
N ASP B 346 16.41 -9.06 -10.52
CA ASP B 346 17.74 -9.16 -11.14
C ASP B 346 17.69 -9.82 -12.53
N ALA B 347 16.90 -9.23 -13.42
CA ALA B 347 16.70 -9.83 -14.70
C ALA B 347 18.01 -9.89 -15.52
N ALA B 348 18.83 -8.83 -15.48
CA ALA B 348 20.20 -8.83 -16.13
C ALA B 348 21.07 -10.02 -15.66
N GLY B 349 21.22 -10.18 -14.36
CA GLY B 349 21.98 -11.31 -13.84
C GLY B 349 21.37 -12.65 -14.16
N GLN B 350 20.02 -12.77 -14.09
CA GLN B 350 19.42 -14.04 -14.43
C GLN B 350 19.69 -14.35 -15.93
N LYS B 351 19.54 -13.34 -16.80
CA LYS B 351 19.83 -13.55 -18.25
C LYS B 351 21.30 -13.94 -18.51
N LEU B 352 22.23 -13.26 -17.85
CA LEU B 352 23.67 -13.59 -18.07
C LEU B 352 24.02 -15.00 -17.56
N ARG B 353 23.55 -15.40 -16.37
CA ARG B 353 23.84 -16.80 -15.86
C ARG B 353 23.19 -17.88 -16.71
N GLU B 354 21.96 -17.69 -17.19
CA GLU B 354 21.32 -18.71 -18.01
C GLU B 354 22.12 -18.83 -19.32
N GLU B 355 22.62 -17.72 -19.87
CA GLU B 355 23.29 -17.76 -21.17
C GLU B 355 24.68 -18.39 -21.01
N ALA B 356 25.41 -17.98 -19.97
CA ALA B 356 26.67 -18.62 -19.62
C ALA B 356 26.52 -20.13 -19.54
N ALA B 357 25.42 -20.60 -18.98
CA ALA B 357 25.17 -22.04 -18.94
C ALA B 357 24.96 -22.68 -20.29
N VAL B 358 24.16 -22.07 -21.17
CA VAL B 358 23.80 -22.81 -22.41
C VAL B 358 25.00 -22.83 -23.39
N LEU B 359 25.81 -21.77 -23.35
CA LEU B 359 27.02 -21.65 -24.16
C LEU B 359 28.05 -22.74 -23.81
N GLY B 360 28.40 -22.80 -22.51
CA GLY B 360 29.23 -23.85 -21.91
C GLY B 360 28.72 -25.26 -22.21
N TRP B 361 27.40 -25.46 -22.19
CA TRP B 361 26.82 -26.74 -22.55
C TRP B 361 27.17 -27.03 -24.01
N LEU B 362 27.00 -26.05 -24.89
CA LEU B 362 27.34 -26.22 -26.33
C LEU B 362 28.83 -26.53 -26.59
N LYS B 363 29.73 -25.92 -25.82
CA LYS B 363 31.17 -26.22 -25.89
C LYS B 363 31.49 -27.68 -25.49
N GLY B 364 30.70 -28.25 -24.58
CA GLY B 364 30.79 -29.66 -24.20
C GLY B 364 30.14 -30.70 -25.12
N GLN B 365 29.68 -30.30 -26.31
CA GLN B 365 29.35 -31.25 -27.40
C GLN B 365 30.38 -31.08 -28.54
N GLY B 366 31.56 -30.51 -28.21
CA GLY B 366 32.58 -30.14 -29.20
C GLY B 366 32.01 -29.70 -30.55
N ALA B 367 32.23 -30.54 -31.57
CA ALA B 367 31.81 -30.27 -32.96
C ALA B 367 30.33 -30.05 -33.12
N LYS B 368 29.54 -30.95 -32.53
CA LYS B 368 28.08 -30.90 -32.65
C LYS B 368 27.51 -29.55 -32.19
N GLY B 369 28.16 -28.90 -31.23
CA GLY B 369 27.68 -27.62 -30.72
C GLY B 369 28.16 -26.36 -31.38
N GLN B 370 29.06 -26.49 -32.36
CA GLN B 370 29.69 -25.31 -32.96
C GLN B 370 28.72 -24.42 -33.80
N PRO B 371 27.82 -25.04 -34.57
CA PRO B 371 26.91 -24.19 -35.36
C PRO B 371 26.09 -23.21 -34.49
N ALA B 372 25.67 -23.64 -33.29
CA ALA B 372 24.93 -22.78 -32.35
C ALA B 372 25.79 -21.69 -31.75
N LEU B 373 27.07 -21.97 -31.54
CA LEU B 373 28.05 -20.97 -31.09
C LEU B 373 28.26 -19.87 -32.14
N ASP B 374 28.29 -20.28 -33.41
CA ASP B 374 28.43 -19.38 -34.56
C ASP B 374 27.17 -18.54 -34.71
N ALA B 375 26.03 -19.22 -34.78
CA ALA B 375 24.70 -18.57 -34.66
C ALA B 375 24.68 -17.45 -33.59
N HIS B 376 25.12 -17.77 -32.38
CA HIS B 376 25.20 -16.82 -31.27
C HIS B 376 26.05 -15.61 -31.58
N ALA B 377 27.24 -15.87 -32.09
CA ALA B 377 28.14 -14.80 -32.43
C ALA B 377 27.57 -13.92 -33.53
N LYS B 378 26.93 -14.53 -34.51
CA LYS B 378 26.38 -13.74 -35.62
C LYS B 378 25.17 -12.81 -35.18
N LEU B 379 24.33 -13.34 -34.30
CA LEU B 379 23.24 -12.54 -33.69
C LEU B 379 23.79 -11.39 -32.93
N LEU B 380 24.91 -11.62 -32.21
CA LEU B 380 25.64 -10.54 -31.50
C LEU B 380 26.25 -9.47 -32.44
N ASP B 381 26.72 -9.92 -33.61
CA ASP B 381 27.11 -8.96 -34.68
C ASP B 381 25.92 -8.17 -35.24
N LEU B 382 24.78 -8.82 -35.48
CA LEU B 382 23.58 -8.13 -36.01
C LEU B 382 23.04 -7.11 -35.02
N LEU B 383 23.15 -7.42 -33.71
CA LEU B 383 22.81 -6.46 -32.65
C LEU B 383 23.66 -5.22 -32.80
N GLU B 384 24.99 -5.41 -32.82
CA GLU B 384 25.97 -4.30 -33.04
C GLU B 384 25.66 -3.44 -34.27
N GLN B 385 25.31 -4.06 -35.39
CA GLN B 385 25.01 -3.26 -36.56
C GLN B 385 23.78 -2.36 -36.36
N SER B 386 22.72 -2.91 -35.73
CA SER B 386 21.49 -2.16 -35.49
C SER B 386 21.69 -1.05 -34.47
N LYS B 387 22.51 -1.30 -33.44
CA LYS B 387 22.90 -0.29 -32.44
C LYS B 387 23.59 0.95 -32.99
N ALA B 388 24.45 0.74 -33.98
CA ALA B 388 25.22 1.84 -34.59
C ALA B 388 24.35 2.98 -35.13
N THR B 389 23.12 2.68 -35.62
CA THR B 389 22.20 3.71 -36.15
C THR B 389 20.83 3.87 -35.35
N ARG B 390 20.83 3.45 -34.10
CA ARG B 390 19.56 3.25 -33.35
C ARG B 390 18.82 4.56 -33.12
N ASP B 391 19.57 5.64 -32.79
CA ASP B 391 19.00 6.96 -32.51
C ASP B 391 18.42 7.60 -33.78
N ARG B 392 19.18 7.42 -34.85
CA ARG B 392 18.81 7.91 -36.18
C ARG B 392 17.48 7.23 -36.61
N ASP B 393 17.50 5.89 -36.54
CA ASP B 393 16.42 5.02 -36.98
C ASP B 393 15.12 5.27 -36.26
N LEU B 394 15.19 5.39 -34.94
CA LEU B 394 14.04 5.64 -34.11
C LEU B 394 13.51 7.05 -34.24
N THR B 395 14.42 8.02 -34.18
CA THR B 395 13.99 9.41 -34.31
C THR B 395 13.32 9.64 -35.66
N LEU B 396 13.85 9.03 -36.71
CA LEU B 396 13.32 9.26 -38.05
C LEU B 396 11.92 8.57 -38.24
N ALA B 397 11.80 7.36 -37.75
CA ALA B 397 10.53 6.61 -37.80
C ALA B 397 9.45 7.34 -37.10
N LEU B 398 9.76 7.78 -35.87
CA LEU B 398 8.76 8.52 -35.09
C LEU B 398 8.47 9.88 -35.69
N PHE B 399 9.48 10.56 -36.25
CA PHE B 399 9.22 11.86 -36.93
C PHE B 399 8.23 11.68 -38.11
N ASN B 400 8.44 10.62 -38.86
CA ASN B 400 7.60 10.30 -40.01
C ASN B 400 6.25 9.64 -39.68
N ASN B 401 5.93 9.54 -38.38
CA ASN B 401 4.66 8.99 -37.90
C ASN B 401 3.74 10.11 -37.38
N THR B 402 4.15 11.40 -37.44
CA THR B 402 3.17 12.46 -37.28
C THR B 402 2.21 12.44 -38.50
N ALA B 403 1.12 13.17 -38.44
CA ALA B 403 -0.03 12.88 -39.31
C ALA B 403 0.19 13.23 -40.78
N MET B 404 0.73 14.42 -41.03
CA MET B 404 0.97 14.89 -42.39
C MET B 404 2.16 14.19 -43.05
N LEU B 405 3.23 13.98 -42.34
CA LEU B 405 4.42 13.31 -42.88
C LEU B 405 4.18 11.84 -43.07
N GLY B 406 3.43 11.19 -42.14
CA GLY B 406 3.02 9.77 -42.33
C GLY B 406 2.14 9.57 -43.56
N SER B 407 1.15 10.44 -43.69
CA SER B 407 0.32 10.44 -44.83
C SER B 407 1.11 10.64 -46.14
N ALA B 408 1.94 11.65 -46.19
CA ALA B 408 2.73 11.89 -47.41
C ALA B 408 3.64 10.74 -47.79
N THR B 409 4.39 10.20 -46.85
CA THR B 409 5.35 9.12 -47.14
C THR B 409 4.68 7.80 -47.54
N GLN B 410 3.59 7.46 -46.84
CA GLN B 410 2.80 6.29 -47.22
C GLN B 410 2.24 6.44 -48.69
N LEU B 411 1.63 7.57 -48.99
CA LEU B 411 1.01 7.81 -50.27
C LEU B 411 2.04 7.80 -51.40
N TYR B 412 3.21 8.38 -51.10
CA TYR B 412 4.25 8.46 -52.13
C TYR B 412 4.78 7.08 -52.35
N ARG B 413 5.10 6.35 -51.27
CA ARG B 413 5.56 4.95 -51.42
C ARG B 413 4.54 4.09 -52.24
N LEU B 414 3.23 4.27 -51.97
CA LEU B 414 2.19 3.58 -52.73
C LEU B 414 2.28 3.86 -54.23
N SER B 415 2.41 5.14 -54.59
CA SER B 415 2.61 5.52 -56.01
C SER B 415 3.84 4.80 -56.65
N ILE B 416 4.90 4.61 -55.89
CA ILE B 416 6.07 3.85 -56.43
C ILE B 416 5.75 2.36 -56.67
N GLU B 417 5.04 1.74 -55.71
CA GLU B 417 4.71 0.34 -55.81
C GLU B 417 3.68 0.04 -56.92
N ARG B 418 2.71 0.93 -57.13
CA ARG B 418 1.74 0.82 -58.24
C ARG B 418 2.37 0.64 -59.67
N GLU B 419 3.61 1.10 -59.86
CA GLU B 419 4.37 0.92 -61.11
C GLU B 419 4.79 -0.54 -61.31
N LYS B 420 5.08 -1.29 -60.23
CA LYS B 420 5.48 -2.70 -60.33
C LYS B 420 4.24 -3.65 -60.44
N PRO B 421 4.42 -4.89 -60.98
CA PRO B 421 3.29 -5.86 -60.93
C PRO B 421 2.93 -6.25 -59.47
N ASN B 422 1.67 -6.56 -59.21
CA ASN B 422 1.24 -6.84 -57.84
C ASN B 422 2.14 -7.76 -57.04
N ALA B 423 2.58 -8.85 -57.66
CA ALA B 423 3.46 -9.83 -57.05
C ALA B 423 4.76 -9.24 -56.57
N GLU B 424 5.24 -8.18 -57.19
CA GLU B 424 6.55 -7.62 -56.80
C GLU B 424 6.46 -6.44 -55.80
N ARG B 425 5.26 -5.96 -55.49
CA ARG B 425 5.08 -4.85 -54.55
C ARG B 425 5.43 -5.29 -53.11
N GLU B 426 5.76 -4.32 -52.28
CA GLU B 426 6.15 -4.54 -50.92
C GLU B 426 4.88 -4.90 -50.13
N SER B 427 5.08 -5.80 -49.18
CA SER B 427 4.05 -6.11 -48.17
C SER B 427 3.57 -4.83 -47.50
N GLY B 428 2.25 -4.66 -47.49
CA GLY B 428 1.70 -3.43 -47.02
C GLY B 428 1.26 -2.53 -48.15
N TYR B 429 1.72 -2.78 -49.39
CA TYR B 429 1.37 -1.95 -50.56
C TYR B 429 0.79 -2.71 -51.78
N GLN B 430 0.34 -3.95 -51.57
CA GLN B 430 -0.29 -4.76 -52.60
C GLN B 430 -1.72 -4.45 -52.63
N GLU B 431 -2.39 -5.04 -53.60
CA GLU B 431 -3.82 -4.84 -53.82
C GLU B 431 -4.69 -5.25 -52.63
N ARG B 432 -4.34 -6.42 -52.06
CA ARG B 432 -4.92 -6.88 -50.79
C ARG B 432 -4.85 -5.90 -49.58
N ASP B 433 -3.94 -4.91 -49.64
CA ASP B 433 -3.70 -3.90 -48.56
C ASP B 433 -4.37 -2.55 -48.78
N LEU B 434 -4.85 -2.34 -49.99
CA LEU B 434 -5.41 -1.08 -50.39
C LEU B 434 -6.67 -0.69 -49.59
N PRO B 435 -7.54 -1.65 -49.28
CA PRO B 435 -8.65 -1.20 -48.41
C PRO B 435 -8.26 -0.60 -47.07
N ALA B 436 -7.26 -1.18 -46.44
CA ALA B 436 -6.77 -0.74 -45.16
C ALA B 436 -6.05 0.63 -45.27
N ILE B 437 -5.29 0.84 -46.36
CA ILE B 437 -4.71 2.18 -46.61
C ILE B 437 -5.79 3.27 -46.75
N GLU B 438 -6.75 3.01 -47.64
CA GLU B 438 -7.80 3.98 -47.88
C GLU B 438 -8.56 4.23 -46.56
N GLY B 439 -8.85 3.16 -45.82
CA GLY B 439 -9.55 3.34 -44.57
C GLY B 439 -8.79 4.19 -43.57
N GLY B 440 -7.49 4.04 -43.47
CA GLY B 440 -6.69 4.78 -42.46
C GLY B 440 -6.65 6.29 -42.78
N LEU B 441 -6.62 6.59 -44.07
CA LEU B 441 -6.65 7.99 -44.55
C LEU B 441 -7.96 8.69 -44.25
N LYS B 442 -9.06 7.95 -44.30
CA LYS B 442 -10.35 8.47 -43.85
C LYS B 442 -10.48 8.54 -42.33
N GLN B 443 -10.00 7.51 -41.63
CA GLN B 443 -10.10 7.50 -40.13
C GLN B 443 -9.35 8.66 -39.54
N LEU B 444 -8.23 9.04 -40.15
CA LEU B 444 -7.39 10.16 -39.61
C LEU B 444 -8.14 11.48 -39.43
N GLU B 445 -9.19 11.72 -40.21
CA GLU B 445 -10.02 12.91 -40.02
C GLU B 445 -10.52 13.06 -38.56
N ARG B 446 -10.84 11.94 -37.92
CA ARG B 446 -11.23 11.91 -36.49
C ARG B 446 -10.06 11.89 -35.47
N ARG B 447 -8.81 11.99 -35.93
CA ARG B 447 -7.64 11.87 -35.11
C ARG B 447 -6.55 12.94 -35.39
N TYR B 448 -6.94 14.05 -36.00
CA TYR B 448 -6.00 15.08 -36.50
C TYR B 448 -6.57 16.46 -36.26
N VAL B 449 -5.82 17.29 -35.56
CA VAL B 449 -6.04 18.74 -35.50
C VAL B 449 -4.71 19.39 -35.86
N ALA B 450 -4.77 20.27 -36.86
CA ALA B 450 -3.58 20.94 -37.41
C ALA B 450 -2.70 21.59 -36.33
N ALA B 451 -3.33 22.33 -35.43
CA ALA B 451 -2.55 23.06 -34.46
C ALA B 451 -1.84 22.12 -33.47
N MET B 452 -2.45 20.97 -33.16
CA MET B 452 -1.80 19.95 -32.35
C MET B 452 -0.65 19.27 -33.03
N ASP B 453 -0.87 18.75 -34.24
CA ASP B 453 0.18 18.10 -35.06
C ASP B 453 1.43 18.97 -35.32
N ARG B 454 1.21 20.27 -35.54
CA ARG B 454 2.31 21.27 -35.56
C ARG B 454 3.23 21.15 -34.36
N GLN B 455 2.66 21.16 -33.17
CA GLN B 455 3.47 21.01 -31.95
C GLN B 455 4.20 19.72 -31.89
N LEU B 456 3.56 18.65 -32.35
CA LEU B 456 4.23 17.33 -32.41
C LEU B 456 5.30 17.34 -33.48
N GLN B 457 5.01 17.92 -34.66
CA GLN B 457 6.08 18.15 -35.72
C GLN B 457 7.28 18.92 -35.07
N GLU B 458 6.96 19.99 -34.34
CA GLU B 458 8.02 20.76 -33.62
C GLU B 458 8.87 19.97 -32.65
N TYR B 459 8.21 19.16 -31.80
CA TYR B 459 8.91 18.29 -30.85
C TYR B 459 9.92 17.44 -31.57
N TRP B 460 9.48 16.77 -32.64
CA TRP B 460 10.38 15.85 -33.37
C TRP B 460 11.57 16.56 -34.10
N LEU B 461 11.29 17.71 -34.68
CA LEU B 461 12.37 18.53 -35.29
C LEU B 461 13.44 18.91 -34.29
N ASN B 462 13.01 19.38 -33.09
CA ASN B 462 13.92 19.58 -31.93
C ASN B 462 14.73 18.38 -31.48
N GLU B 463 14.13 17.18 -31.45
CA GLU B 463 14.87 15.98 -31.13
C GLU B 463 15.83 15.60 -32.25
N TYR B 464 15.41 15.79 -33.50
CA TYR B 464 16.27 15.52 -34.62
C TYR B 464 17.56 16.41 -34.53
N ILE B 465 17.39 17.71 -34.28
CA ILE B 465 18.57 18.56 -34.23
C ILE B 465 19.53 18.30 -33.08
N LYS B 466 19.11 17.53 -32.09
CA LYS B 466 20.00 17.10 -31.02
C LYS B 466 20.77 15.88 -31.39
N LEU B 467 20.46 15.19 -32.50
CA LEU B 467 21.24 14.00 -32.86
C LEU B 467 22.69 14.43 -33.18
N PRO B 468 23.71 13.61 -32.80
CA PRO B 468 25.06 13.84 -33.33
C PRO B 468 25.17 13.58 -34.82
N ALA B 469 26.29 14.08 -35.34
CA ALA B 469 26.54 14.14 -36.77
C ALA B 469 26.46 12.79 -37.41
N ASP B 470 26.98 11.77 -36.71
CA ASP B 470 27.05 10.41 -37.28
C ASP B 470 25.69 9.64 -37.27
N GLN B 471 24.66 10.24 -36.67
CA GLN B 471 23.25 9.79 -36.67
C GLN B 471 22.30 10.68 -37.47
N ARG B 472 22.85 11.63 -38.23
CA ARG B 472 22.06 12.52 -39.09
C ARG B 472 21.69 11.87 -40.41
N VAL B 473 20.75 12.48 -41.11
CA VAL B 473 20.30 12.03 -42.43
C VAL B 473 20.48 13.20 -43.38
N ALA B 474 21.29 13.04 -44.42
CA ALA B 474 21.59 14.14 -45.35
C ALA B 474 20.32 14.80 -45.85
N ALA B 475 19.32 14.01 -46.20
CA ALA B 475 18.19 14.58 -46.87
C ALA B 475 17.39 15.43 -45.95
N VAL B 476 17.35 15.09 -44.66
CA VAL B 476 16.61 15.89 -43.73
C VAL B 476 17.40 17.17 -43.33
N ASP B 477 18.70 17.06 -43.07
CA ASP B 477 19.54 18.25 -42.84
C ASP B 477 19.41 19.31 -43.94
N ALA B 478 19.41 18.85 -45.20
CA ALA B 478 19.29 19.73 -46.37
C ALA B 478 17.94 20.35 -46.43
N TRP B 479 16.90 19.58 -46.08
CA TRP B 479 15.52 20.11 -46.21
C TRP B 479 15.30 21.17 -45.11
N LEU B 480 15.82 20.91 -43.93
CA LEU B 480 15.86 21.87 -42.83
C LEU B 480 16.61 23.19 -43.23
N GLY B 481 17.77 23.02 -43.87
CA GLY B 481 18.61 24.15 -44.29
C GLY B 481 19.34 24.81 -43.11
N GLY B 482 19.49 24.09 -42.02
CA GLY B 482 20.26 24.61 -40.89
C GLY B 482 19.95 23.81 -39.65
N ASN B 483 20.40 24.32 -38.49
CA ASN B 483 20.45 23.55 -37.24
C ASN B 483 20.03 24.27 -35.97
N ASP B 484 19.19 25.29 -36.12
CA ASP B 484 18.84 26.22 -35.05
C ASP B 484 17.34 26.35 -35.01
N ALA B 485 16.86 27.22 -34.14
CA ALA B 485 15.43 27.32 -33.90
C ALA B 485 14.77 28.02 -35.09
N ALA B 486 15.52 28.83 -35.84
CA ALA B 486 15.05 29.47 -37.07
C ALA B 486 14.73 28.44 -38.18
N ALA B 487 15.62 27.47 -38.39
CA ALA B 487 15.36 26.34 -39.29
C ALA B 487 14.06 25.56 -38.91
N VAL B 488 13.85 25.38 -37.61
CA VAL B 488 12.67 24.64 -37.13
C VAL B 488 11.42 25.45 -37.45
N LYS B 489 11.48 26.75 -37.15
CA LYS B 489 10.35 27.61 -37.39
C LYS B 489 10.05 27.68 -38.90
N ARG B 490 11.08 27.79 -39.74
CA ARG B 490 10.85 27.80 -41.20
C ARG B 490 10.18 26.50 -41.69
N ALA B 491 10.75 25.37 -41.26
CA ALA B 491 10.22 24.04 -41.58
C ALA B 491 8.73 23.96 -41.24
N LEU B 492 8.36 24.46 -40.06
CA LEU B 492 6.96 24.39 -39.62
C LEU B 492 6.03 25.25 -40.43
N ASP B 493 6.48 26.48 -40.74
CA ASP B 493 5.79 27.39 -41.65
C ASP B 493 5.65 26.81 -43.04
N ARG B 494 6.69 26.19 -43.56
CA ARG B 494 6.62 25.48 -44.84
C ARG B 494 5.55 24.35 -44.79
N LEU B 495 5.69 23.46 -43.82
CA LEU B 495 4.70 22.35 -43.70
C LEU B 495 3.25 22.80 -43.49
N ALA B 496 3.05 23.99 -42.90
CA ALA B 496 1.74 24.51 -42.71
C ALA B 496 0.98 24.71 -44.03
N GLY B 497 1.68 24.74 -45.16
CA GLY B 497 0.96 24.86 -46.43
C GLY B 497 0.43 23.58 -47.04
N THR B 498 0.66 22.39 -46.44
CA THR B 498 0.11 21.15 -47.08
C THR B 498 -1.39 21.23 -47.15
N LYS B 499 -1.97 20.51 -48.10
CA LYS B 499 -3.41 20.40 -48.19
C LYS B 499 -3.86 19.03 -47.71
N LEU B 500 -2.89 18.24 -47.22
CA LEU B 500 -3.16 16.89 -46.75
C LEU B 500 -4.00 16.80 -45.46
N GLY B 501 -4.14 17.91 -44.73
CA GLY B 501 -5.04 17.96 -43.57
C GLY B 501 -6.49 17.72 -43.93
N SER B 502 -6.82 17.73 -45.24
CA SER B 502 -8.15 17.41 -45.74
C SER B 502 -8.24 15.94 -46.25
N THR B 503 -9.29 15.21 -45.83
CA THR B 503 -9.51 13.81 -46.21
C THR B 503 -9.60 13.64 -47.76
N GLU B 504 -10.33 14.56 -48.40
CA GLU B 504 -10.51 14.53 -49.85
C GLU B 504 -9.23 14.71 -50.60
N GLU B 505 -8.30 15.55 -50.11
CA GLU B 505 -6.97 15.62 -50.71
C GLU B 505 -6.14 14.40 -50.52
N ARG B 506 -6.19 13.79 -49.32
CA ARG B 506 -5.45 12.51 -49.12
C ARG B 506 -5.99 11.47 -50.13
N LEU B 507 -7.32 11.40 -50.28
CA LEU B 507 -7.88 10.39 -51.20
C LEU B 507 -7.55 10.66 -52.67
N LYS B 508 -7.42 11.94 -53.06
CA LYS B 508 -6.90 12.28 -54.39
C LYS B 508 -5.50 11.74 -54.58
N TRP B 509 -4.64 11.98 -53.61
CA TRP B 509 -3.25 11.48 -53.77
C TRP B 509 -3.17 9.95 -53.68
N PHE B 510 -4.14 9.33 -53.03
CA PHE B 510 -4.23 7.87 -52.96
C PHE B 510 -4.32 7.26 -54.33
N ALA B 511 -4.97 7.95 -55.26
CA ALA B 511 -5.06 7.45 -56.63
C ALA B 511 -3.98 8.00 -57.61
N ALA B 512 -3.25 9.04 -57.22
CA ALA B 512 -2.36 9.74 -58.19
C ALA B 512 -1.13 8.90 -58.49
N ASP B 513 -0.58 9.08 -59.70
CA ASP B 513 0.66 8.36 -60.07
C ASP B 513 1.92 9.04 -59.59
N ARG B 514 2.99 8.26 -59.63
CA ARG B 514 4.28 8.66 -59.14
C ARG B 514 4.74 10.08 -59.63
N LYS B 515 4.61 10.33 -60.93
CA LYS B 515 5.20 11.55 -61.51
C LYS B 515 4.42 12.76 -61.03
N ALA B 516 3.14 12.57 -60.73
CA ALA B 516 2.37 13.64 -60.15
C ALA B 516 2.88 14.03 -58.73
N PHE B 517 3.28 13.05 -57.91
CA PHE B 517 3.91 13.33 -56.59
C PHE B 517 5.22 14.14 -56.80
N GLU B 518 6.05 13.67 -57.72
CA GLU B 518 7.34 14.32 -57.97
C GLU B 518 7.22 15.77 -58.54
N ALA B 519 6.10 16.09 -59.18
CA ALA B 519 5.83 17.44 -59.68
C ALA B 519 5.09 18.34 -58.68
N SER B 520 4.51 17.78 -57.61
CA SER B 520 3.74 18.58 -56.65
C SER B 520 4.60 19.65 -55.93
N ASN B 521 4.01 20.79 -55.68
CA ASN B 521 4.51 21.81 -54.75
C ASN B 521 3.82 21.68 -53.37
N ASP B 522 3.07 20.61 -53.09
CA ASP B 522 2.62 20.37 -51.69
C ASP B 522 3.84 20.08 -50.80
N PRO B 523 4.06 20.92 -49.76
CA PRO B 523 5.31 20.77 -49.08
C PRO B 523 5.41 19.48 -48.27
N ALA B 524 4.27 18.89 -47.86
CA ALA B 524 4.34 17.58 -47.17
C ALA B 524 4.78 16.52 -48.20
N ILE B 525 4.19 16.58 -49.39
CA ILE B 525 4.64 15.66 -50.50
C ILE B 525 6.08 15.91 -50.90
N GLN B 526 6.50 17.19 -51.02
CA GLN B 526 7.95 17.49 -51.31
C GLN B 526 8.88 16.94 -50.24
N TYR B 527 8.46 17.05 -48.96
CA TYR B 527 9.27 16.31 -47.94
C TYR B 527 9.33 14.79 -48.21
N ALA B 528 8.18 14.17 -48.42
CA ALA B 528 8.20 12.70 -48.69
C ALA B 528 9.12 12.35 -49.87
N VAL B 529 9.08 13.15 -50.94
CA VAL B 529 9.87 12.81 -52.15
C VAL B 529 11.31 12.96 -51.80
N ALA B 530 11.62 13.96 -50.99
CA ALA B 530 13.03 14.23 -50.64
C ALA B 530 13.65 13.14 -49.81
N VAL B 531 12.83 12.55 -48.93
CA VAL B 531 13.37 11.55 -47.96
C VAL B 531 13.22 10.12 -48.45
N MET B 532 12.33 9.89 -49.43
CA MET B 532 12.06 8.48 -49.87
C MET B 532 13.28 7.62 -50.21
N PRO B 533 14.25 8.16 -51.02
CA PRO B 533 15.43 7.29 -51.29
C PRO B 533 16.14 6.85 -50.01
N THR B 534 16.23 7.73 -49.02
CA THR B 534 16.83 7.32 -47.77
C THR B 534 15.97 6.21 -47.05
N LEU B 535 14.66 6.35 -47.08
CA LEU B 535 13.79 5.37 -46.39
C LEU B 535 13.92 4.01 -47.03
N LEU B 536 14.04 3.99 -48.38
CA LEU B 536 14.25 2.76 -49.11
C LEU B 536 15.63 2.12 -48.82
N LYS B 537 16.65 2.93 -48.60
CA LYS B 537 17.97 2.39 -48.21
C LYS B 537 17.90 1.78 -46.82
N LEU B 538 17.33 2.51 -45.86
CA LEU B 538 17.18 1.97 -44.53
C LEU B 538 16.34 0.66 -44.51
N GLU B 539 15.29 0.59 -45.36
CA GLU B 539 14.49 -0.63 -45.46
C GLU B 539 15.34 -1.80 -45.93
N GLN B 540 16.17 -1.59 -46.96
CA GLN B 540 17.08 -2.66 -47.45
C GLN B 540 18.07 -3.15 -46.38
N GLU B 541 18.65 -2.23 -45.61
CA GLU B 541 19.51 -2.61 -44.48
C GLU B 541 18.75 -3.48 -43.49
N ARG B 542 17.51 -3.10 -43.15
CA ARG B 542 16.71 -3.91 -42.21
C ARG B 542 16.47 -5.33 -42.77
N LYS B 543 16.18 -5.40 -44.07
CA LYS B 543 15.92 -6.61 -44.74
C LYS B 543 17.18 -7.48 -44.89
N THR B 544 18.35 -6.86 -44.91
CA THR B 544 19.61 -7.58 -44.98
C THR B 544 19.92 -8.24 -43.65
N ARG B 545 19.89 -7.47 -42.58
CA ARG B 545 20.04 -8.06 -41.27
C ARG B 545 19.02 -9.18 -40.98
N ALA B 546 17.78 -8.99 -41.44
CA ALA B 546 16.71 -9.95 -41.26
C ALA B 546 16.99 -11.26 -42.02
N GLY B 547 17.57 -11.15 -43.23
CA GLY B 547 18.12 -12.31 -43.95
C GLY B 547 19.21 -13.07 -43.18
N GLU B 548 20.13 -12.37 -42.52
CA GLU B 548 21.12 -13.08 -41.68
C GLU B 548 20.49 -13.69 -40.41
N ASN B 549 19.51 -13.01 -39.80
CA ASN B 549 18.73 -13.56 -38.65
C ASN B 549 18.03 -14.85 -39.04
N LEU B 550 17.43 -14.84 -40.25
CA LEU B 550 16.83 -16.04 -40.83
C LEU B 550 17.68 -17.31 -40.79
N ALA B 551 18.99 -17.20 -40.85
CA ALA B 551 19.88 -18.36 -40.88
C ALA B 551 20.38 -18.67 -39.47
N ALA B 552 20.71 -17.63 -38.70
CA ALA B 552 21.26 -17.83 -37.38
C ALA B 552 20.20 -18.05 -36.26
N ARG B 553 19.07 -17.35 -36.27
CA ARG B 553 18.12 -17.43 -35.11
C ARG B 553 17.52 -18.86 -34.95
N PRO B 554 17.07 -19.48 -36.06
CA PRO B 554 16.57 -20.87 -35.97
C PRO B 554 17.52 -21.83 -35.26
N VAL B 555 18.80 -21.73 -35.60
CA VAL B 555 19.84 -22.63 -35.09
C VAL B 555 20.13 -22.39 -33.61
N TYR B 556 20.25 -21.13 -33.21
CA TYR B 556 20.45 -20.79 -31.81
C TYR B 556 19.22 -21.21 -30.95
N LEU B 557 18.01 -20.96 -31.47
CA LEU B 557 16.78 -21.25 -30.69
C LEU B 557 16.49 -22.77 -30.63
N GLN B 558 16.89 -23.51 -31.66
CA GLN B 558 16.78 -24.98 -31.60
C GLN B 558 17.70 -25.57 -30.50
N ALA B 559 18.92 -25.11 -30.46
CA ALA B 559 19.84 -25.49 -29.38
C ALA B 559 19.36 -25.09 -27.97
N LEU B 560 18.66 -23.97 -27.86
CA LEU B 560 18.11 -23.51 -26.57
C LEU B 560 16.96 -24.43 -26.11
N ALA B 561 16.06 -24.76 -27.05
CA ALA B 561 15.04 -25.73 -26.77
C ALA B 561 15.62 -27.09 -26.33
N ASP B 562 16.64 -27.60 -27.05
CA ASP B 562 17.33 -28.85 -26.68
C ASP B 562 17.87 -28.78 -25.26
N TYR B 563 18.52 -27.66 -24.92
CA TYR B 563 19.06 -27.47 -23.59
C TYR B 563 17.96 -27.56 -22.52
N LYS B 564 16.99 -26.63 -22.58
CA LYS B 564 15.84 -26.63 -21.64
C LYS B 564 15.24 -28.05 -21.48
N LYS B 565 14.99 -28.73 -22.59
CA LYS B 565 14.48 -30.10 -22.58
C LYS B 565 15.41 -31.10 -21.83
N SER B 566 16.73 -30.98 -22.03
CA SER B 566 17.70 -31.77 -21.27
C SER B 566 17.72 -31.44 -19.77
N GLN B 567 17.24 -30.25 -19.39
CA GLN B 567 17.00 -29.88 -17.98
C GLN B 567 15.62 -30.31 -17.45
N GLY B 568 14.89 -31.14 -18.19
CA GLY B 568 13.54 -31.51 -17.86
C GLY B 568 12.50 -30.39 -17.95
N GLU B 569 12.84 -29.26 -18.57
CA GLU B 569 12.02 -28.03 -18.50
C GLU B 569 10.92 -27.90 -19.58
N PHE B 570 10.08 -26.87 -19.35
CA PHE B 570 8.96 -26.36 -20.21
C PHE B 570 9.47 -25.78 -21.51
N VAL B 571 8.94 -26.25 -22.65
CA VAL B 571 9.23 -25.62 -23.95
C VAL B 571 7.99 -25.14 -24.71
N TYR B 572 7.90 -23.84 -24.99
CA TYR B 572 6.77 -23.25 -25.73
C TYR B 572 7.41 -22.09 -26.48
N PRO B 573 6.87 -21.72 -27.63
CA PRO B 573 7.48 -20.60 -28.35
C PRO B 573 7.03 -19.25 -27.82
N ASP B 574 7.85 -18.24 -28.01
CA ASP B 574 7.48 -16.84 -27.71
C ASP B 574 6.24 -16.45 -28.52
N ALA B 575 5.44 -15.57 -27.95
CA ALA B 575 4.27 -15.02 -28.64
C ALA B 575 4.67 -14.41 -29.99
N ASN B 576 3.89 -14.72 -31.01
CA ASN B 576 4.04 -14.18 -32.37
C ASN B 576 2.67 -13.87 -33.01
N LEU B 577 1.64 -13.51 -32.20
CA LEU B 577 0.34 -13.08 -32.70
C LEU B 577 -0.57 -14.17 -33.17
N SER B 578 -0.19 -15.43 -32.97
CA SER B 578 -1.09 -16.57 -33.29
C SER B 578 -1.83 -17.02 -32.02
N LEU B 579 -2.80 -17.90 -32.22
CA LEU B 579 -3.65 -18.44 -31.17
C LEU B 579 -2.90 -19.26 -30.15
N ARG B 580 -2.99 -18.88 -28.87
CA ARG B 580 -2.48 -19.69 -27.75
C ARG B 580 -3.51 -19.94 -26.66
N ILE B 581 -3.25 -20.98 -25.88
CA ILE B 581 -4.04 -21.32 -24.69
C ILE B 581 -3.15 -21.22 -23.47
N THR B 582 -3.65 -20.54 -22.45
CA THR B 582 -3.01 -20.54 -21.14
C THR B 582 -4.07 -20.98 -20.11
N PHE B 583 -3.63 -21.59 -19.01
CA PHE B 583 -4.57 -22.13 -18.04
C PHE B 583 -3.94 -22.12 -16.65
N GLY B 584 -4.79 -22.29 -15.62
CA GLY B 584 -4.32 -22.25 -14.21
C GLY B 584 -5.51 -22.02 -13.31
N ASN B 585 -5.37 -21.23 -12.24
CA ASN B 585 -6.44 -21.09 -11.26
C ASN B 585 -6.62 -19.67 -10.74
N VAL B 586 -7.83 -19.34 -10.29
CA VAL B 586 -8.09 -18.05 -9.60
C VAL B 586 -7.27 -18.01 -8.27
N MET B 587 -6.46 -16.99 -8.09
CA MET B 587 -5.64 -16.77 -6.92
C MET B 587 -5.01 -15.38 -6.90
N GLY B 588 -4.75 -14.86 -5.70
CA GLY B 588 -4.00 -13.67 -5.52
C GLY B 588 -2.48 -13.87 -5.48
N TYR B 589 -1.76 -12.92 -4.91
CA TYR B 589 -0.34 -13.07 -4.78
C TYR B 589 0.09 -12.20 -3.62
N ALA B 590 1.31 -12.44 -3.17
CA ALA B 590 1.90 -11.64 -2.05
C ALA B 590 2.88 -10.56 -2.53
N PRO B 591 2.49 -9.27 -2.50
CA PRO B 591 3.44 -8.29 -3.09
C PRO B 591 4.63 -8.08 -2.12
N LYS B 592 4.40 -8.27 -0.84
CA LYS B 592 5.47 -8.14 0.14
C LYS B 592 5.12 -8.82 1.46
N ASP B 593 6.13 -9.03 2.33
CA ASP B 593 5.94 -9.65 3.61
C ASP B 593 4.87 -8.92 4.43
N GLY B 594 3.95 -9.70 5.03
CA GLY B 594 2.87 -9.13 5.84
C GLY B 594 1.59 -8.80 5.11
N MET B 595 1.53 -9.05 3.81
CA MET B 595 0.36 -8.77 2.99
C MET B 595 0.11 -9.76 1.86
N GLU B 596 -1.14 -9.82 1.49
CA GLU B 596 -1.55 -10.60 0.37
C GLU B 596 -2.59 -9.77 -0.33
N TYR B 597 -2.64 -9.91 -1.65
CA TYR B 597 -3.80 -9.49 -2.43
C TYR B 597 -4.77 -10.66 -2.56
N THR B 598 -6.04 -10.34 -2.34
CA THR B 598 -7.10 -11.32 -2.39
C THR B 598 -7.41 -11.47 -3.87
N PRO B 599 -8.03 -12.60 -4.23
CA PRO B 599 -8.28 -12.80 -5.63
C PRO B 599 -9.40 -11.95 -6.27
N PHE B 600 -10.34 -11.42 -5.49
CA PHE B 600 -11.50 -10.69 -6.01
C PHE B 600 -11.55 -9.24 -5.46
N THR B 601 -12.11 -8.36 -6.26
CA THR B 601 -12.55 -7.07 -5.75
C THR B 601 -14.04 -7.16 -5.85
N THR B 602 -14.67 -6.17 -5.21
CA THR B 602 -16.14 -6.08 -5.00
C THR B 602 -16.73 -4.69 -5.28
N LEU B 603 -18.05 -4.65 -5.45
CA LEU B 603 -18.75 -3.38 -5.65
C LEU B 603 -18.40 -2.32 -4.64
N GLU B 604 -18.30 -2.72 -3.37
CA GLU B 604 -17.99 -1.74 -2.28
C GLU B 604 -16.57 -1.11 -2.46
N GLY B 605 -15.65 -1.82 -3.12
CA GLY B 605 -14.34 -1.23 -3.40
C GLY B 605 -14.34 -0.19 -4.51
N VAL B 606 -15.29 -0.29 -5.45
CA VAL B 606 -15.45 0.74 -6.49
C VAL B 606 -15.84 2.08 -5.80
N VAL B 607 -16.83 1.98 -4.91
CA VAL B 607 -17.38 3.14 -4.19
C VAL B 607 -16.38 3.70 -3.19
N ALA B 608 -15.57 2.87 -2.55
CA ALA B 608 -14.56 3.40 -1.62
C ALA B 608 -13.55 4.26 -2.33
N LYS B 609 -13.28 4.01 -3.62
CA LYS B 609 -12.37 4.90 -4.37
C LYS B 609 -12.92 6.20 -4.96
N GLU B 610 -14.23 6.44 -4.82
CA GLU B 610 -14.90 7.59 -5.41
C GLU B 610 -14.31 8.92 -4.91
N THR B 611 -13.93 9.80 -5.83
CA THR B 611 -13.57 11.19 -5.49
C THR B 611 -14.53 12.27 -6.09
N GLY B 612 -15.37 11.88 -7.06
CA GLY B 612 -16.13 12.81 -7.87
C GLY B 612 -15.35 13.54 -8.97
N GLN B 613 -14.09 13.20 -9.17
CA GLN B 613 -13.22 13.73 -10.24
C GLN B 613 -12.57 12.61 -11.03
N ASP B 614 -12.31 12.90 -12.30
CA ASP B 614 -11.65 11.98 -13.20
C ASP B 614 -10.34 11.60 -12.54
N PRO B 615 -9.94 10.31 -12.55
CA PRO B 615 -10.62 9.18 -13.14
C PRO B 615 -11.44 8.28 -12.13
N PHE B 616 -11.80 8.81 -10.97
CA PHE B 616 -12.55 8.05 -9.94
C PHE B 616 -13.91 8.65 -9.64
N ASP B 617 -14.71 8.74 -10.72
CA ASP B 617 -15.98 9.47 -10.85
C ASP B 617 -16.97 8.52 -11.50
N SER B 618 -17.44 7.57 -10.72
CA SER B 618 -18.39 6.53 -11.22
C SER B 618 -19.76 7.14 -11.60
N PRO B 619 -20.46 6.52 -12.57
CA PRO B 619 -21.83 6.94 -12.81
C PRO B 619 -22.67 6.90 -11.51
N LYS B 620 -23.46 7.94 -11.32
CA LYS B 620 -24.38 8.07 -10.18
C LYS B 620 -25.31 6.83 -9.97
N ALA B 621 -25.81 6.24 -11.04
CA ALA B 621 -26.57 5.00 -10.96
C ALA B 621 -25.77 3.85 -10.29
N LEU B 622 -24.45 3.82 -10.50
CA LEU B 622 -23.54 2.89 -9.81
C LEU B 622 -23.45 3.12 -8.33
N LEU B 623 -23.15 4.35 -7.91
CA LEU B 623 -23.07 4.70 -6.49
C LEU B 623 -24.41 4.49 -5.72
N ASP B 624 -25.52 4.93 -6.31
CA ASP B 624 -26.89 4.61 -5.83
C ASP B 624 -27.10 3.11 -5.65
N ALA B 625 -26.87 2.30 -6.68
CA ALA B 625 -27.16 0.89 -6.63
C ALA B 625 -26.30 0.18 -5.60
N VAL B 626 -25.05 0.61 -5.45
CA VAL B 626 -24.19 0.05 -4.45
C VAL B 626 -24.68 0.46 -3.05
N ALA B 627 -24.89 1.75 -2.80
CA ALA B 627 -25.35 2.22 -1.47
C ALA B 627 -26.65 1.54 -1.02
N ALA B 628 -27.51 1.23 -1.97
CA ALA B 628 -28.73 0.48 -1.72
C ALA B 628 -28.61 -1.03 -1.79
N LYS B 629 -27.42 -1.61 -1.97
CA LYS B 629 -27.26 -3.06 -2.09
C LYS B 629 -28.19 -3.69 -3.07
N ARG B 630 -28.29 -3.07 -4.24
CA ARG B 630 -28.99 -3.72 -5.31
C ARG B 630 -28.03 -4.61 -6.08
N TYR B 631 -27.99 -5.87 -5.65
CA TYR B 631 -27.07 -6.85 -6.24
C TYR B 631 -27.60 -7.59 -7.43
N GLY B 632 -28.86 -7.37 -7.82
CA GLY B 632 -29.29 -7.88 -9.08
C GLY B 632 -29.33 -9.39 -9.24
N GLY B 633 -29.36 -10.14 -8.14
CA GLY B 633 -29.34 -11.60 -8.26
C GLY B 633 -27.92 -12.14 -8.53
N LEU B 634 -26.87 -11.30 -8.42
CA LEU B 634 -25.54 -11.69 -8.86
C LEU B 634 -24.50 -11.84 -7.79
N GLU B 635 -24.92 -11.63 -6.57
CA GLU B 635 -24.06 -11.72 -5.42
C GLU B 635 -23.39 -13.08 -5.31
N ASP B 636 -22.07 -13.09 -5.09
CA ASP B 636 -21.36 -14.29 -4.72
C ASP B 636 -21.34 -14.33 -3.18
N LYS B 637 -21.91 -15.42 -2.65
CA LYS B 637 -22.16 -15.56 -1.22
C LYS B 637 -20.85 -15.58 -0.44
N ARG B 638 -19.79 -16.15 -0.99
CA ARG B 638 -18.55 -16.23 -0.25
C ARG B 638 -17.96 -14.85 -0.02
N ILE B 639 -18.18 -13.91 -0.92
CA ILE B 639 -17.58 -12.65 -0.75
C ILE B 639 -18.62 -11.66 -0.28
N GLY B 640 -19.93 -12.00 -0.27
CA GLY B 640 -20.94 -11.04 0.21
C GLY B 640 -21.19 -9.80 -0.64
N SER B 641 -20.80 -9.86 -1.91
CA SER B 641 -21.05 -8.78 -2.85
C SER B 641 -20.97 -9.31 -4.29
N VAL B 642 -21.23 -8.44 -5.27
CA VAL B 642 -20.99 -8.83 -6.67
C VAL B 642 -19.46 -8.68 -6.90
N PRO B 643 -18.76 -9.69 -7.41
CA PRO B 643 -17.37 -9.48 -7.79
C PRO B 643 -17.22 -8.59 -9.03
N VAL B 644 -16.15 -7.77 -9.03
CA VAL B 644 -15.81 -6.80 -10.07
C VAL B 644 -14.66 -7.32 -10.92
N ASN B 645 -13.44 -7.39 -10.37
CA ASN B 645 -12.33 -8.01 -11.05
C ASN B 645 -11.73 -9.15 -10.22
N TYR B 646 -10.92 -9.98 -10.86
CA TYR B 646 -10.19 -11.03 -10.24
C TYR B 646 -8.80 -11.32 -10.86
N LEU B 647 -7.95 -11.88 -10.00
CA LEU B 647 -6.63 -12.38 -10.29
C LEU B 647 -6.60 -13.90 -10.50
N SER B 648 -5.71 -14.29 -11.40
CA SER B 648 -5.42 -15.68 -11.72
C SER B 648 -3.95 -15.78 -12.28
N ASP B 649 -3.35 -16.96 -12.14
CA ASP B 649 -1.97 -17.23 -12.61
C ASP B 649 -1.84 -17.61 -14.10
N LEU B 650 -2.70 -17.00 -14.93
CA LEU B 650 -2.64 -17.17 -16.37
C LEU B 650 -1.46 -16.32 -16.92
N ASP B 651 -0.97 -16.73 -18.09
CA ASP B 651 0.19 -16.14 -18.76
C ASP B 651 -0.27 -15.44 -20.02
N ILE B 652 -0.41 -14.12 -19.94
CA ILE B 652 -0.89 -13.36 -21.08
C ILE B 652 0.02 -12.15 -21.32
N THR B 653 -0.16 -11.57 -22.48
CA THR B 653 0.55 -10.35 -22.85
C THR B 653 -0.31 -9.53 -23.87
N GLY B 654 0.20 -8.39 -24.32
CA GLY B 654 -0.44 -7.52 -25.27
C GLY B 654 -1.00 -8.28 -26.45
N GLY B 655 -2.26 -8.04 -26.83
CA GLY B 655 -2.95 -8.94 -27.78
C GLY B 655 -3.99 -9.82 -27.12
N ASN B 656 -3.74 -10.23 -25.87
CA ASN B 656 -4.69 -11.12 -25.11
C ASN B 656 -5.85 -10.37 -24.56
N SER B 657 -5.79 -9.05 -24.59
CA SER B 657 -6.94 -8.34 -24.09
C SER B 657 -8.21 -8.59 -24.94
N GLY B 658 -9.32 -8.73 -24.22
CA GLY B 658 -10.58 -9.15 -24.73
C GLY B 658 -10.75 -10.66 -24.85
N SER B 659 -9.76 -11.42 -24.44
CA SER B 659 -9.86 -12.87 -24.51
C SER B 659 -10.89 -13.37 -23.50
N PRO B 660 -11.74 -14.34 -23.90
CA PRO B 660 -12.67 -14.86 -22.88
C PRO B 660 -11.91 -15.71 -21.88
N VAL B 661 -12.33 -15.60 -20.63
CA VAL B 661 -11.87 -16.52 -19.59
C VAL B 661 -12.97 -17.60 -19.45
N LEU B 662 -12.58 -18.86 -19.54
CA LEU B 662 -13.50 -19.99 -19.51
C LEU B 662 -13.24 -20.80 -18.27
N ASP B 663 -14.32 -21.26 -17.64
CA ASP B 663 -14.24 -22.14 -16.44
C ASP B 663 -13.98 -23.61 -16.80
N ALA B 664 -14.03 -24.50 -15.80
CA ALA B 664 -13.81 -25.97 -15.98
C ALA B 664 -14.71 -26.63 -17.07
N HIS B 665 -15.89 -26.07 -17.29
CA HIS B 665 -16.78 -26.52 -18.31
C HIS B 665 -16.83 -25.65 -19.57
N GLY B 666 -15.82 -24.81 -19.83
CA GLY B 666 -15.84 -24.01 -21.08
C GLY B 666 -16.86 -22.87 -21.14
N LYS B 667 -17.36 -22.44 -19.98
CA LYS B 667 -18.33 -21.37 -19.92
C LYS B 667 -17.63 -20.08 -19.56
N LEU B 668 -18.22 -19.01 -20.04
CA LEU B 668 -17.67 -17.66 -19.84
C LEU B 668 -17.76 -17.12 -18.40
N VAL B 669 -16.58 -16.89 -17.80
CA VAL B 669 -16.47 -16.31 -16.44
C VAL B 669 -15.80 -14.96 -16.37
N GLY B 670 -15.29 -14.46 -17.50
CA GLY B 670 -14.71 -13.12 -17.51
C GLY B 670 -14.08 -12.76 -18.82
N LEU B 671 -13.44 -11.59 -18.83
CA LEU B 671 -12.61 -11.22 -19.96
C LEU B 671 -11.25 -10.79 -19.43
N ALA B 672 -10.20 -11.27 -20.04
CA ALA B 672 -8.87 -10.80 -19.71
C ALA B 672 -8.77 -9.34 -20.12
N PHE B 673 -8.13 -8.53 -19.30
CA PHE B 673 -7.82 -7.15 -19.72
C PHE B 673 -6.51 -6.50 -19.36
N ASP B 674 -5.85 -6.97 -18.31
CA ASP B 674 -4.65 -6.39 -17.86
C ASP B 674 -3.82 -7.41 -17.11
N ARG B 675 -2.67 -6.98 -16.67
CA ARG B 675 -1.98 -7.67 -15.56
C ARG B 675 -1.34 -6.73 -14.60
N ASN B 676 -0.94 -7.29 -13.48
CA ASN B 676 -0.45 -6.53 -12.38
C ASN B 676 0.97 -5.99 -12.63
N TRP B 677 1.29 -4.99 -11.85
CA TRP B 677 2.49 -4.20 -11.97
C TRP B 677 3.81 -5.01 -11.94
N GLU B 678 3.93 -5.97 -11.04
CA GLU B 678 5.18 -6.70 -10.81
C GLU B 678 5.39 -7.72 -11.90
N SER B 679 4.33 -8.00 -12.67
CA SER B 679 4.35 -9.07 -13.66
C SER B 679 4.85 -8.62 -15.02
N VAL B 680 4.91 -7.33 -15.28
CA VAL B 680 5.13 -6.89 -16.69
C VAL B 680 6.50 -7.28 -17.29
N SER B 681 7.48 -7.38 -16.42
CA SER B 681 8.85 -7.86 -16.73
C SER B 681 8.90 -9.29 -17.16
N SER B 682 7.81 -10.05 -17.00
CA SER B 682 7.77 -11.49 -17.40
C SER B 682 7.72 -11.70 -18.95
N ASN B 683 7.50 -10.63 -19.69
CA ASN B 683 7.80 -10.57 -21.11
C ASN B 683 9.27 -10.98 -21.48
N TRP B 684 10.20 -10.71 -20.57
CA TRP B 684 11.64 -11.07 -20.73
C TRP B 684 12.11 -12.16 -19.76
N VAL B 685 11.75 -12.01 -18.48
CA VAL B 685 12.11 -13.02 -17.48
C VAL B 685 10.94 -13.31 -16.56
N PHE B 686 10.44 -14.53 -16.68
CA PHE B 686 9.25 -14.94 -16.05
C PHE B 686 9.39 -15.06 -14.54
N ASP B 687 8.48 -14.42 -13.77
CA ASP B 687 8.42 -14.59 -12.33
C ASP B 687 7.12 -15.23 -11.83
N PRO B 688 7.16 -16.52 -11.48
CA PRO B 688 5.87 -17.19 -11.10
C PRO B 688 5.14 -16.60 -9.90
N LYS B 689 5.88 -16.17 -8.91
CA LYS B 689 5.27 -15.70 -7.69
C LYS B 689 4.36 -14.52 -7.88
N MET B 690 4.73 -13.63 -8.79
CA MET B 690 4.04 -12.38 -8.91
C MET B 690 3.44 -12.14 -10.31
N THR B 691 3.31 -13.21 -11.10
CA THR B 691 2.73 -13.06 -12.46
C THR B 691 1.25 -13.47 -12.47
N ARG B 692 0.38 -12.46 -12.59
CA ARG B 692 -1.06 -12.69 -12.63
C ARG B 692 -1.78 -11.97 -13.78
N MET B 693 -2.89 -12.54 -14.23
CA MET B 693 -3.80 -11.91 -15.17
C MET B 693 -4.89 -11.21 -14.34
N ILE B 694 -5.29 -10.05 -14.81
CA ILE B 694 -6.45 -9.34 -14.25
C ILE B 694 -7.58 -9.49 -15.28
N ALA B 695 -8.73 -9.95 -14.80
CA ALA B 695 -9.91 -10.20 -15.57
C ALA B 695 -11.09 -9.44 -14.97
N VAL B 696 -12.03 -9.02 -15.83
CA VAL B 696 -13.29 -8.48 -15.35
C VAL B 696 -14.31 -9.66 -15.22
N ASP B 697 -15.01 -9.77 -14.08
CA ASP B 697 -15.93 -10.92 -13.85
C ASP B 697 -17.17 -10.80 -14.79
N GLY B 698 -17.62 -11.90 -15.39
CA GLY B 698 -18.85 -11.89 -16.19
C GLY B 698 -20.08 -11.35 -15.46
N ARG B 699 -20.08 -11.55 -14.13
CA ARG B 699 -21.10 -11.04 -13.24
C ARG B 699 -21.11 -9.54 -13.16
N TYR B 700 -19.91 -8.95 -13.23
CA TYR B 700 -19.85 -7.48 -13.23
C TYR B 700 -20.37 -6.89 -14.56
N LEU B 701 -20.07 -7.54 -15.69
CA LEU B 701 -20.68 -7.20 -16.94
C LEU B 701 -22.21 -7.19 -16.84
N ARG B 702 -22.75 -8.32 -16.43
CA ARG B 702 -24.19 -8.46 -16.23
C ARG B 702 -24.71 -7.42 -15.26
N TRP B 703 -24.01 -7.22 -14.14
CA TRP B 703 -24.47 -6.21 -13.19
C TRP B 703 -24.61 -4.81 -13.77
N ILE B 704 -23.57 -4.33 -14.45
CA ILE B 704 -23.57 -3.00 -15.05
C ILE B 704 -24.72 -2.93 -16.08
N MET B 705 -24.86 -3.95 -16.90
CA MET B 705 -25.93 -3.98 -17.90
C MET B 705 -27.35 -4.14 -17.31
N GLN B 706 -27.47 -4.36 -16.00
CA GLN B 706 -28.77 -4.46 -15.31
C GLN B 706 -29.09 -3.21 -14.57
N GLU B 707 -28.14 -2.68 -13.79
CA GLU B 707 -28.43 -1.70 -12.79
C GLU B 707 -27.85 -0.36 -13.07
N VAL B 708 -26.89 -0.26 -14.00
CA VAL B 708 -26.13 1.01 -14.11
C VAL B 708 -26.31 1.67 -15.48
N TYR B 709 -26.11 0.93 -16.57
CA TYR B 709 -26.20 1.47 -17.91
C TYR B 709 -26.92 0.37 -18.70
N PRO B 710 -28.27 0.32 -18.57
CA PRO B 710 -29.00 -0.89 -18.97
C PRO B 710 -29.03 -1.24 -20.45
N ALA B 711 -28.84 -2.52 -20.72
CA ALA B 711 -29.00 -3.11 -22.01
C ALA B 711 -29.81 -4.43 -21.90
N PRO B 712 -31.11 -4.32 -21.52
CA PRO B 712 -31.93 -5.56 -21.39
C PRO B 712 -32.04 -6.33 -22.65
N GLN B 713 -32.01 -5.66 -23.79
CA GLN B 713 -32.06 -6.36 -25.07
C GLN B 713 -30.86 -7.31 -25.31
N LEU B 714 -29.67 -6.89 -24.93
CA LEU B 714 -28.48 -7.71 -25.13
C LEU B 714 -28.46 -8.81 -24.11
N LEU B 715 -28.84 -8.51 -22.87
CA LEU B 715 -29.04 -9.58 -21.84
C LEU B 715 -30.00 -10.70 -22.30
N LYS B 716 -31.18 -10.30 -22.81
CA LYS B 716 -32.11 -11.29 -23.42
C LYS B 716 -31.42 -12.09 -24.50
N GLU B 717 -30.69 -11.42 -25.40
CA GLU B 717 -30.01 -12.12 -26.53
C GLU B 717 -28.95 -13.14 -26.07
N MET B 718 -28.36 -12.91 -24.90
CA MET B 718 -27.33 -13.83 -24.34
C MET B 718 -27.95 -14.85 -23.36
N ASN B 719 -29.27 -14.81 -23.23
CA ASN B 719 -30.02 -15.78 -22.44
C ASN B 719 -29.75 -15.60 -20.97
N VAL B 720 -29.56 -14.34 -20.56
CA VAL B 720 -29.37 -13.99 -19.16
C VAL B 720 -30.23 -12.78 -18.79
N GLY B 721 -31.37 -12.57 -19.44
CA GLY B 721 -32.32 -11.50 -19.01
C GLY B 721 -33.75 -11.85 -19.36
#